data_2E8Y
#
_entry.id   2E8Y
#
_cell.length_a   70.562
_cell.length_b   127.682
_cell.length_c   189.251
_cell.angle_alpha   90.00
_cell.angle_beta   90.00
_cell.angle_gamma   90.00
#
_symmetry.space_group_name_H-M   'P 21 21 21'
#
loop_
_entity.id
_entity.type
_entity.pdbx_description
1 polymer 'AmyX protein'
2 non-polymer 'CALCIUM ION'
3 non-polymer 'ACETATE ION'
4 non-polymer GLYCEROL
5 water water
#
_entity_poly.entity_id   1
_entity_poly.type   'polypeptide(L)'
_entity_poly.pdbx_seq_one_letter_code
;MVSIRRSFEAYVDDMNIITVLIPAEQKEIMTPPFRLETEITDFPLAVREEYSLEAKYKYVCVSDHPVTFGKIHCVRASSG
HKTDLQIGAVIRTAAFDDEFYYDGELGAVYTADHTVFKVWAPAATSAAVKLSHPNKSGRTFQMTRLEKGVYAVTVTGDLH
GYEYLFCICNNSEWMETVDQYAKAVTVNGEKGVVLRPDQMKWTAPLKPFSHPVDAVIYETHLRDFSIHENSGMINKGKYL
ALTETDTQTANGSSSGLAYVKELGVTHVELLPVNDFAGVDEEKPLDAYNWGYNPLHFFAPEGSYASNPHDPQTRKTELKQ
MINTLHQHGLRVILDVVFNHVYKRENSPFEKTVPGYFFRHDECGKPSNGTGVGNDIASERRMARKFIADCVVYWLEEYNV
DGFRFDLLGILDIDTVLYMKEKATKAKPGILLFGEGWDLATPLPHEQKAALANAPRMPGIGFFNDMFRDAVKGNTFHLKA
TGFALGNGESAQAVMHGIAGSSGWKALAPIVPEPSQSINYVESHDNHTFWDKMSFALPQENDSRKRSRQRLAVAIILLAQ
GVPFIHSGQEFFRTKQGVENSYQSSDSINQLDWDRRETFKEDVHYIRRLISLRKAHPAFRLRSAADIQRHLECLTLKEHL
IAYRLYDLDEVDEWKDIIVIHHASPDSVEWRLPNDIPYRLLCDPSGFQEDPTEIKKTVAVNGIGTVILYLASDLKSFA
;
_entity_poly.pdbx_strand_id   A,B
#
# COMPACT_ATOMS: atom_id res chain seq x y z
N MET A 1 12.83 33.79 -3.45
CA MET A 1 14.09 33.14 -3.96
C MET A 1 14.49 33.69 -5.32
N VAL A 2 15.60 34.42 -5.35
CA VAL A 2 16.10 34.99 -6.59
C VAL A 2 16.77 33.89 -7.40
N SER A 3 17.12 34.20 -8.65
CA SER A 3 17.77 33.23 -9.52
C SER A 3 18.31 33.90 -10.77
N ILE A 4 19.16 33.17 -11.49
CA ILE A 4 19.72 33.70 -12.72
C ILE A 4 18.56 33.78 -13.71
N ARG A 5 18.46 34.90 -14.42
CA ARG A 5 17.39 35.05 -15.39
C ARG A 5 17.76 34.30 -16.66
N ARG A 6 16.87 33.42 -17.11
CA ARG A 6 17.12 32.62 -18.32
C ARG A 6 15.90 32.58 -19.25
N SER A 7 16.14 32.63 -20.54
CA SER A 7 15.09 32.61 -21.55
C SER A 7 14.25 31.34 -21.42
N PHE A 8 14.94 30.21 -21.39
CA PHE A 8 14.32 28.91 -21.24
C PHE A 8 15.31 27.98 -20.54
N GLU A 9 14.92 26.73 -20.32
CA GLU A 9 15.79 25.79 -19.62
C GLU A 9 16.21 24.59 -20.45
N ALA A 10 17.37 24.04 -20.10
CA ALA A 10 17.91 22.87 -20.80
C ALA A 10 18.78 22.09 -19.83
N TYR A 11 18.55 20.78 -19.74
CA TYR A 11 19.30 19.92 -18.85
C TYR A 11 19.82 18.66 -19.53
N VAL A 12 20.97 18.19 -19.07
CA VAL A 12 21.56 16.97 -19.60
C VAL A 12 21.02 15.87 -18.68
N ASP A 13 20.00 15.15 -19.15
CA ASP A 13 19.41 14.09 -18.34
C ASP A 13 20.03 12.72 -18.57
N ASP A 14 20.90 12.62 -19.57
CA ASP A 14 21.59 11.39 -19.85
C ASP A 14 22.82 11.74 -20.67
N MET A 15 23.72 10.77 -20.86
CA MET A 15 24.95 11.02 -21.59
C MET A 15 24.78 11.67 -22.96
N ASN A 16 23.65 11.41 -23.62
CA ASN A 16 23.45 11.99 -24.95
C ASN A 16 22.05 12.55 -25.16
N ILE A 17 21.36 12.88 -24.07
CA ILE A 17 20.02 13.44 -24.22
C ILE A 17 19.90 14.73 -23.41
N ILE A 18 19.37 15.76 -24.07
CA ILE A 18 19.19 17.07 -23.47
C ILE A 18 17.71 17.43 -23.46
N THR A 19 17.18 17.67 -22.27
CA THR A 19 15.77 18.04 -22.12
C THR A 19 15.64 19.56 -22.17
N VAL A 20 14.84 20.04 -23.11
CA VAL A 20 14.61 21.47 -23.25
C VAL A 20 13.22 21.86 -22.78
N LEU A 21 13.15 22.79 -21.84
CA LEU A 21 11.87 23.25 -21.32
C LEU A 21 11.66 24.70 -21.73
N ILE A 22 10.56 24.95 -22.42
CA ILE A 22 10.24 26.28 -22.88
C ILE A 22 8.98 26.80 -22.20
N PRO A 23 9.06 27.99 -21.60
CA PRO A 23 7.90 28.56 -20.92
C PRO A 23 6.71 28.64 -21.88
N ALA A 24 5.56 28.19 -21.39
CA ALA A 24 4.33 28.16 -22.18
C ALA A 24 4.16 29.36 -23.13
N GLU A 25 4.10 30.56 -22.58
CA GLU A 25 3.90 31.75 -23.39
C GLU A 25 5.05 32.09 -24.34
N GLN A 26 5.93 31.13 -24.58
CA GLN A 26 7.06 31.32 -25.48
C GLN A 26 7.18 30.15 -26.44
N LYS A 27 6.25 29.22 -26.31
CA LYS A 27 6.22 28.02 -27.14
C LYS A 27 6.33 28.30 -28.64
N GLU A 28 5.65 29.34 -29.11
CA GLU A 28 5.67 29.66 -30.53
C GLU A 28 6.91 30.46 -30.96
N ILE A 29 7.59 31.05 -29.99
CA ILE A 29 8.79 31.83 -30.26
C ILE A 29 10.04 30.96 -30.18
N MET A 30 10.43 30.62 -28.96
CA MET A 30 11.61 29.77 -28.74
C MET A 30 11.27 28.37 -29.23
N THR A 31 11.46 28.16 -30.52
CA THR A 31 11.14 26.89 -31.15
C THR A 31 12.35 26.19 -31.75
N PRO A 32 12.21 24.88 -32.06
CA PRO A 32 13.30 24.12 -32.65
C PRO A 32 13.46 24.58 -34.10
N PRO A 33 14.53 24.16 -34.78
CA PRO A 33 15.61 23.29 -34.30
C PRO A 33 16.46 23.90 -33.20
N PHE A 34 16.94 23.06 -32.29
CA PHE A 34 17.79 23.50 -31.20
C PHE A 34 19.20 23.01 -31.51
N ARG A 35 20.20 23.78 -31.11
CA ARG A 35 21.58 23.40 -31.34
C ARG A 35 22.39 23.51 -30.06
N LEU A 36 23.36 22.63 -29.90
CA LEU A 36 24.23 22.65 -28.72
C LEU A 36 25.48 23.42 -29.08
N GLU A 37 25.95 24.28 -28.18
CA GLU A 37 27.13 25.09 -28.45
C GLU A 37 28.12 25.15 -27.30
N THR A 38 29.40 25.19 -27.66
CA THR A 38 30.51 25.29 -26.73
C THR A 38 31.71 25.75 -27.54
N GLU A 39 32.69 26.35 -26.86
CA GLU A 39 33.88 26.83 -27.54
C GLU A 39 34.43 25.71 -28.41
N ILE A 40 34.51 25.94 -29.72
CA ILE A 40 35.00 24.97 -30.69
C ILE A 40 33.90 24.02 -31.14
N THR A 41 32.69 24.20 -30.62
CA THR A 41 31.59 23.29 -30.98
C THR A 41 30.21 23.90 -31.15
N ASP A 42 29.50 23.44 -32.18
CA ASP A 42 28.14 23.87 -32.48
C ASP A 42 27.48 22.73 -33.24
N PHE A 43 26.67 21.93 -32.54
CA PHE A 43 26.00 20.80 -33.17
C PHE A 43 24.49 20.86 -33.10
N PRO A 44 23.81 20.11 -33.98
CA PRO A 44 22.35 20.07 -34.02
C PRO A 44 21.81 19.09 -32.99
N LEU A 45 20.54 19.25 -32.63
CA LEU A 45 19.89 18.38 -31.67
C LEU A 45 18.63 17.81 -32.29
N ALA A 46 18.48 16.49 -32.21
CA ALA A 46 17.30 15.83 -32.76
C ALA A 46 16.24 15.72 -31.68
N VAL A 47 15.00 16.05 -32.03
CA VAL A 47 13.89 15.97 -31.10
C VAL A 47 13.28 14.58 -31.12
N ARG A 48 13.60 13.79 -30.09
CA ARG A 48 13.06 12.43 -29.98
C ARG A 48 11.57 12.52 -29.71
N GLU A 49 11.19 13.45 -28.84
CA GLU A 49 9.78 13.64 -28.52
C GLU A 49 9.55 14.97 -27.81
N GLU A 50 8.31 15.43 -27.87
CA GLU A 50 7.93 16.69 -27.26
C GLU A 50 6.51 16.59 -26.73
N TYR A 51 6.24 17.29 -25.63
CA TYR A 51 4.91 17.28 -25.05
C TYR A 51 4.76 18.40 -24.04
N SER A 52 3.52 18.81 -23.81
CA SER A 52 3.23 19.89 -22.89
C SER A 52 3.28 19.52 -21.42
N LEU A 53 3.55 20.52 -20.59
CA LEU A 53 3.61 20.37 -19.14
C LEU A 53 2.75 21.47 -18.55
N GLU A 54 2.64 21.51 -17.22
CA GLU A 54 1.84 22.51 -16.55
C GLU A 54 2.02 23.91 -17.11
N ALA A 55 3.21 24.48 -16.95
CA ALA A 55 3.47 25.83 -17.43
C ALA A 55 4.60 25.88 -18.45
N LYS A 56 4.95 24.74 -19.02
CA LYS A 56 6.04 24.69 -20.00
C LYS A 56 5.80 23.63 -21.07
N TYR A 57 6.48 23.77 -22.20
CA TYR A 57 6.40 22.79 -23.28
C TYR A 57 7.77 22.15 -23.29
N LYS A 58 7.80 20.82 -23.35
CA LYS A 58 9.06 20.08 -23.30
C LYS A 58 9.52 19.39 -24.58
N TYR A 59 10.83 19.39 -24.79
CA TYR A 59 11.45 18.73 -25.94
C TYR A 59 12.54 17.81 -25.41
N VAL A 60 12.46 16.53 -25.74
CA VAL A 60 13.47 15.57 -25.31
C VAL A 60 14.39 15.45 -26.52
N CYS A 61 15.57 16.06 -26.43
CA CYS A 61 16.52 16.06 -27.53
C CYS A 61 17.66 15.05 -27.41
N VAL A 62 18.19 14.66 -28.57
CA VAL A 62 19.27 13.71 -28.65
C VAL A 62 20.46 14.37 -29.35
N SER A 63 21.67 14.08 -28.87
CA SER A 63 22.88 14.63 -29.45
C SER A 63 23.70 13.51 -30.07
N ASP A 64 24.32 13.77 -31.21
CA ASP A 64 25.13 12.76 -31.89
C ASP A 64 26.30 12.38 -30.99
N HIS A 65 26.93 13.38 -30.39
CA HIS A 65 28.07 13.13 -29.50
C HIS A 65 27.66 13.30 -28.04
N PRO A 66 28.24 12.50 -27.15
CA PRO A 66 27.91 12.60 -25.73
C PRO A 66 28.35 13.97 -25.20
N VAL A 67 27.59 14.52 -24.26
CA VAL A 67 27.94 15.81 -23.68
C VAL A 67 29.28 15.76 -22.96
N THR A 68 30.06 16.81 -23.09
CA THR A 68 31.38 16.89 -22.45
C THR A 68 31.31 17.81 -21.24
N PHE A 69 31.52 17.23 -20.06
CA PHE A 69 31.44 17.99 -18.81
C PHE A 69 32.68 18.82 -18.46
N GLY A 70 32.46 19.89 -17.70
CA GLY A 70 33.55 20.74 -17.28
C GLY A 70 33.56 22.06 -18.03
N LYS A 71 32.84 22.10 -19.14
CA LYS A 71 32.75 23.31 -19.96
C LYS A 71 31.32 23.81 -20.02
N ILE A 72 31.16 25.12 -20.09
CA ILE A 72 29.82 25.70 -20.16
C ILE A 72 29.24 25.42 -21.53
N HIS A 73 28.03 24.84 -21.54
CA HIS A 73 27.35 24.51 -22.78
C HIS A 73 26.18 25.46 -23.01
N CYS A 74 25.97 25.84 -24.26
CA CYS A 74 24.86 26.72 -24.61
C CYS A 74 23.95 26.03 -25.62
N VAL A 75 22.65 26.11 -25.38
CA VAL A 75 21.68 25.53 -26.30
C VAL A 75 20.90 26.71 -26.90
N ARG A 76 20.93 26.81 -28.22
CA ARG A 76 20.27 27.89 -28.94
C ARG A 76 18.99 27.46 -29.63
N ALA A 77 17.94 28.26 -29.45
CA ALA A 77 16.66 27.99 -30.08
C ALA A 77 16.71 28.62 -31.47
N SER A 78 15.78 28.23 -32.35
CA SER A 78 15.76 28.78 -33.70
C SER A 78 15.53 30.29 -33.65
N SER A 79 14.82 30.73 -32.62
CA SER A 79 14.52 32.15 -32.44
C SER A 79 15.77 32.94 -32.09
N GLY A 80 16.86 32.24 -31.80
CA GLY A 80 18.09 32.91 -31.45
C GLY A 80 18.35 32.96 -29.96
N HIS A 81 17.33 32.69 -29.15
CA HIS A 81 17.51 32.70 -27.71
C HIS A 81 18.46 31.59 -27.30
N LYS A 82 19.08 31.74 -26.14
CA LYS A 82 20.02 30.75 -25.63
C LYS A 82 19.89 30.61 -24.12
N THR A 83 20.49 29.54 -23.60
CA THR A 83 20.50 29.27 -22.17
C THR A 83 21.67 28.32 -21.91
N ASP A 84 22.17 28.33 -20.68
CA ASP A 84 23.30 27.47 -20.33
C ASP A 84 22.80 26.06 -20.03
N LEU A 85 23.49 25.07 -20.58
CA LEU A 85 23.11 23.68 -20.34
C LEU A 85 23.35 23.39 -18.86
N GLN A 86 22.28 23.06 -18.15
CA GLN A 86 22.36 22.75 -16.74
C GLN A 86 22.46 21.23 -16.51
N ILE A 87 22.73 20.84 -15.27
CA ILE A 87 22.86 19.43 -14.90
C ILE A 87 21.49 18.81 -14.69
N GLY A 88 21.27 17.66 -15.32
CA GLY A 88 20.00 16.97 -15.17
C GLY A 88 20.21 15.69 -14.37
N ALA A 89 19.44 14.66 -14.71
CA ALA A 89 19.56 13.39 -14.01
C ALA A 89 20.75 12.56 -14.48
N VAL A 90 21.47 13.04 -15.49
CA VAL A 90 22.62 12.32 -16.04
C VAL A 90 23.59 11.83 -14.97
N ILE A 91 23.71 12.60 -13.90
CA ILE A 91 24.61 12.32 -12.78
C ILE A 91 24.37 10.98 -12.10
N ARG A 92 23.13 10.49 -12.15
CA ARG A 92 22.80 9.23 -11.51
C ARG A 92 22.81 8.01 -12.43
N THR A 93 23.37 8.17 -13.63
CA THR A 93 23.43 7.05 -14.57
C THR A 93 24.69 6.22 -14.40
N ALA A 94 24.62 4.94 -14.77
CA ALA A 94 25.76 4.05 -14.67
C ALA A 94 26.84 4.54 -15.62
N ALA A 95 26.43 5.03 -16.78
CA ALA A 95 27.36 5.53 -17.78
C ALA A 95 28.17 6.69 -17.19
N PHE A 96 27.48 7.60 -16.52
CA PHE A 96 28.16 8.75 -15.92
C PHE A 96 29.12 8.25 -14.84
N ASP A 97 28.66 7.30 -14.02
CA ASP A 97 29.49 6.75 -12.96
C ASP A 97 30.77 6.15 -13.51
N ASP A 98 30.64 5.29 -14.52
CA ASP A 98 31.80 4.64 -15.11
C ASP A 98 32.75 5.62 -15.80
N GLU A 99 32.22 6.70 -16.34
CA GLU A 99 33.06 7.69 -16.99
C GLU A 99 33.91 8.52 -16.00
N PHE A 100 33.32 8.85 -14.85
CA PHE A 100 34.04 9.68 -13.90
C PHE A 100 34.57 9.08 -12.60
N TYR A 101 34.31 7.79 -12.36
CA TYR A 101 34.81 7.18 -11.13
C TYR A 101 36.30 7.46 -10.96
N TYR A 102 36.67 7.97 -9.78
CA TYR A 102 38.07 8.27 -9.47
C TYR A 102 38.54 7.40 -8.32
N ASP A 103 39.62 6.66 -8.56
CA ASP A 103 40.15 5.75 -7.54
C ASP A 103 41.28 6.33 -6.68
N GLY A 104 41.66 7.58 -6.92
CA GLY A 104 42.73 8.19 -6.15
C GLY A 104 42.29 8.81 -4.83
N GLU A 105 43.18 9.49 -4.14
CA GLU A 105 42.78 10.09 -2.88
C GLU A 105 42.24 11.50 -3.06
N LEU A 106 41.24 11.82 -2.26
CA LEU A 106 40.59 13.12 -2.32
C LEU A 106 40.79 13.85 -1.00
N GLY A 107 40.61 15.17 -1.02
CA GLY A 107 40.76 15.96 0.19
C GLY A 107 42.00 16.82 0.13
N ALA A 108 42.55 17.13 1.29
CA ALA A 108 43.75 17.93 1.38
C ALA A 108 44.92 17.00 1.69
N VAL A 109 45.85 16.90 0.74
CA VAL A 109 47.03 16.07 0.90
C VAL A 109 48.14 17.01 1.33
N TYR A 110 48.47 16.95 2.61
CA TYR A 110 49.48 17.81 3.21
C TYR A 110 50.92 17.31 3.18
N THR A 111 51.82 18.28 3.09
CA THR A 111 53.26 18.08 3.12
C THR A 111 53.70 19.37 3.79
N ALA A 112 54.81 19.35 4.51
CA ALA A 112 55.28 20.57 5.17
C ALA A 112 55.63 21.63 4.12
N ASP A 113 55.96 21.15 2.93
CA ASP A 113 56.37 21.99 1.80
C ASP A 113 55.19 22.57 1.02
N HIS A 114 54.12 21.78 0.90
CA HIS A 114 52.97 22.21 0.13
C HIS A 114 51.81 21.25 0.36
N THR A 115 50.61 21.71 -0.01
CA THR A 115 49.41 20.90 0.13
C THR A 115 48.69 20.82 -1.22
N VAL A 116 48.22 19.62 -1.56
CA VAL A 116 47.49 19.42 -2.79
C VAL A 116 46.02 19.25 -2.40
N PHE A 117 45.14 20.07 -2.97
CA PHE A 117 43.71 19.96 -2.69
C PHE A 117 43.03 19.29 -3.87
N LYS A 118 42.18 18.31 -3.59
CA LYS A 118 41.47 17.61 -4.64
C LYS A 118 40.01 17.36 -4.28
N VAL A 119 39.13 17.67 -5.23
CA VAL A 119 37.69 17.47 -5.04
C VAL A 119 37.04 16.91 -6.30
N TRP A 120 36.17 15.93 -6.12
CA TRP A 120 35.49 15.29 -7.24
C TRP A 120 34.21 16.07 -7.54
N ALA A 121 34.21 16.77 -8.66
CA ALA A 121 33.06 17.58 -9.09
C ALA A 121 32.94 17.50 -10.61
N PRO A 122 32.63 16.29 -11.12
CA PRO A 122 32.49 16.01 -12.55
C PRO A 122 31.49 16.86 -13.33
N ALA A 123 30.40 17.26 -12.68
CA ALA A 123 29.37 18.05 -13.36
C ALA A 123 29.61 19.56 -13.28
N ALA A 124 30.64 19.97 -12.53
CA ALA A 124 30.97 21.38 -12.38
C ALA A 124 31.74 21.92 -13.58
N THR A 125 31.84 23.24 -13.68
CA THR A 125 32.57 23.88 -14.77
C THR A 125 33.74 24.69 -14.21
N SER A 126 33.80 24.75 -12.88
CA SER A 126 34.86 25.47 -12.20
C SER A 126 34.87 25.11 -10.73
N ALA A 127 36.02 25.31 -10.11
CA ALA A 127 36.18 25.03 -8.69
C ALA A 127 37.37 25.84 -8.21
N ALA A 128 37.39 26.14 -6.92
CA ALA A 128 38.48 26.89 -6.33
C ALA A 128 38.57 26.53 -4.86
N VAL A 129 39.74 26.76 -4.27
CA VAL A 129 39.92 26.48 -2.86
C VAL A 129 40.07 27.82 -2.15
N LYS A 130 39.31 28.00 -1.07
CA LYS A 130 39.33 29.22 -0.29
C LYS A 130 40.03 28.99 1.03
N LEU A 131 41.21 29.62 1.17
CA LEU A 131 42.03 29.49 2.36
C LEU A 131 41.94 30.71 3.29
N SER A 132 41.81 30.46 4.58
CA SER A 132 41.73 31.51 5.58
C SER A 132 42.50 31.06 6.83
N HIS A 133 42.87 32.01 7.67
CA HIS A 133 43.62 31.70 8.88
C HIS A 133 43.46 32.80 9.91
N PRO A 134 43.34 32.42 11.20
CA PRO A 134 43.18 33.42 12.25
C PRO A 134 44.29 34.48 12.18
N ASN A 135 43.88 35.75 12.07
CA ASN A 135 44.83 36.84 11.98
C ASN A 135 45.93 36.54 10.97
N LYS A 136 45.52 36.38 9.72
CA LYS A 136 46.46 36.09 8.63
C LYS A 136 45.76 36.40 7.31
N SER A 137 46.50 36.31 6.21
CA SER A 137 45.95 36.62 4.89
C SER A 137 45.14 35.50 4.25
N GLY A 138 43.92 35.83 3.83
CA GLY A 138 43.06 34.85 3.17
C GLY A 138 43.33 34.89 1.68
N ARG A 139 43.26 33.74 1.02
CA ARG A 139 43.51 33.66 -0.42
C ARG A 139 42.61 32.59 -1.05
N THR A 140 42.12 32.85 -2.25
CA THR A 140 41.28 31.89 -2.96
C THR A 140 41.92 31.63 -4.32
N PHE A 141 42.25 30.37 -4.57
CA PHE A 141 42.89 29.97 -5.81
C PHE A 141 42.03 29.08 -6.68
N GLN A 142 42.04 29.36 -7.98
CA GLN A 142 41.29 28.57 -8.94
C GLN A 142 41.93 27.19 -9.01
N MET A 143 41.12 26.16 -9.15
CA MET A 143 41.63 24.79 -9.24
C MET A 143 41.55 24.35 -10.69
N THR A 144 42.39 23.40 -11.07
CA THR A 144 42.41 22.91 -12.44
C THR A 144 41.68 21.58 -12.57
N ARG A 145 40.92 21.41 -13.65
CA ARG A 145 40.20 20.16 -13.85
C ARG A 145 41.12 19.13 -14.48
N LEU A 146 41.24 17.97 -13.83
CA LEU A 146 42.07 16.89 -14.32
C LEU A 146 41.14 15.80 -14.83
N GLU A 147 41.66 14.58 -14.97
CA GLU A 147 40.85 13.45 -15.44
C GLU A 147 39.84 13.04 -14.39
N LYS A 148 38.85 12.24 -14.79
CA LYS A 148 37.84 11.73 -13.88
C LYS A 148 37.09 12.79 -13.07
N GLY A 149 36.86 13.95 -13.67
CA GLY A 149 36.14 15.02 -13.00
C GLY A 149 36.72 15.57 -11.71
N VAL A 150 38.01 15.36 -11.52
CA VAL A 150 38.71 15.83 -10.32
C VAL A 150 39.36 17.20 -10.52
N TYR A 151 39.12 18.09 -9.57
CA TYR A 151 39.72 19.43 -9.61
C TYR A 151 40.81 19.45 -8.56
N ALA A 152 41.93 20.07 -8.89
CA ALA A 152 43.03 20.12 -7.95
C ALA A 152 43.87 21.35 -8.12
N VAL A 153 44.63 21.68 -7.08
CA VAL A 153 45.53 22.80 -7.09
C VAL A 153 46.56 22.54 -6.01
N THR A 154 47.81 22.86 -6.30
CA THR A 154 48.87 22.66 -5.33
C THR A 154 49.29 24.01 -4.80
N VAL A 155 49.24 24.16 -3.47
CA VAL A 155 49.58 25.42 -2.82
C VAL A 155 50.90 25.26 -2.08
N THR A 156 51.91 26.03 -2.50
CA THR A 156 53.22 25.96 -1.88
C THR A 156 53.19 26.60 -0.51
N GLY A 157 53.95 26.03 0.42
CA GLY A 157 54.02 26.55 1.77
C GLY A 157 53.48 25.57 2.80
N ASP A 158 53.71 25.86 4.07
CA ASP A 158 53.23 25.00 5.14
C ASP A 158 51.81 25.45 5.48
N LEU A 159 50.82 24.65 5.12
CA LEU A 159 49.44 25.02 5.38
C LEU A 159 48.87 24.54 6.71
N HIS A 160 49.72 24.11 7.63
CA HIS A 160 49.23 23.65 8.92
C HIS A 160 48.45 24.74 9.63
N GLY A 161 47.25 24.41 10.09
CA GLY A 161 46.43 25.38 10.79
C GLY A 161 45.53 26.19 9.87
N TYR A 162 45.81 26.15 8.57
CA TYR A 162 44.98 26.88 7.61
C TYR A 162 43.59 26.27 7.48
N GLU A 163 42.59 27.14 7.41
CA GLU A 163 41.21 26.71 7.24
C GLU A 163 40.95 26.71 5.74
N TYR A 164 40.13 25.80 5.27
CA TYR A 164 39.83 25.76 3.85
C TYR A 164 38.39 25.40 3.54
N LEU A 165 37.93 25.89 2.39
CA LEU A 165 36.59 25.64 1.91
C LEU A 165 36.71 25.46 0.40
N PHE A 166 35.81 24.70 -0.19
CA PHE A 166 35.82 24.52 -1.63
C PHE A 166 34.69 25.36 -2.21
N CYS A 167 34.93 25.92 -3.38
CA CYS A 167 33.92 26.71 -4.06
C CYS A 167 33.70 25.92 -5.35
N ILE A 168 32.50 25.40 -5.53
CA ILE A 168 32.17 24.59 -6.69
C ILE A 168 31.11 25.26 -7.56
N CYS A 169 31.39 25.39 -8.85
CA CYS A 169 30.42 26.02 -9.74
C CYS A 169 29.59 25.01 -10.53
N ASN A 170 28.36 24.80 -10.09
CA ASN A 170 27.43 23.89 -10.75
C ASN A 170 26.26 24.71 -11.31
N ASN A 171 25.94 24.51 -12.58
CA ASN A 171 24.85 25.22 -13.24
C ASN A 171 24.98 26.73 -13.08
N SER A 172 26.20 27.23 -13.24
CA SER A 172 26.49 28.66 -13.11
C SER A 172 26.25 29.26 -11.73
N GLU A 173 26.07 28.43 -10.71
CA GLU A 173 25.91 28.94 -9.36
C GLU A 173 27.05 28.39 -8.51
N TRP A 174 27.77 29.29 -7.86
CA TRP A 174 28.88 28.91 -7.01
C TRP A 174 28.38 28.59 -5.63
N MET A 175 28.85 27.48 -5.08
CA MET A 175 28.48 27.11 -3.73
C MET A 175 29.74 26.88 -2.92
N GLU A 176 29.71 27.35 -1.68
CA GLU A 176 30.84 27.22 -0.77
C GLU A 176 30.58 26.01 0.10
N THR A 177 31.59 25.19 0.32
CA THR A 177 31.37 23.99 1.11
C THR A 177 32.62 23.47 1.77
N VAL A 178 32.43 22.70 2.84
CA VAL A 178 33.54 22.09 3.55
C VAL A 178 33.92 20.83 2.77
N ASP A 179 35.20 20.51 2.76
CA ASP A 179 35.70 19.32 2.07
C ASP A 179 35.00 18.08 2.65
N GLN A 180 34.43 17.24 1.79
CA GLN A 180 33.75 16.02 2.22
C GLN A 180 34.74 15.15 3.00
N TYR A 181 36.03 15.25 2.65
CA TYR A 181 37.07 14.48 3.29
C TYR A 181 37.84 15.27 4.34
N ALA A 182 37.23 16.34 4.85
CA ALA A 182 37.87 17.17 5.86
C ALA A 182 38.19 16.34 7.11
N LYS A 183 39.46 16.30 7.50
CA LYS A 183 39.88 15.51 8.65
C LYS A 183 40.04 16.31 9.94
N ALA A 184 39.68 17.59 9.86
CA ALA A 184 39.73 18.51 10.99
C ALA A 184 38.82 19.67 10.57
N VAL A 185 38.16 20.29 11.53
CA VAL A 185 37.28 21.40 11.22
C VAL A 185 37.31 22.43 12.34
N THR A 186 36.79 23.62 12.05
CA THR A 186 36.73 24.67 13.05
C THR A 186 35.53 24.41 13.94
N VAL A 187 35.38 25.22 14.99
CA VAL A 187 34.26 25.07 15.92
C VAL A 187 32.94 25.04 15.15
N ASN A 188 32.09 24.09 15.51
CA ASN A 188 30.80 23.89 14.87
C ASN A 188 30.90 23.51 13.40
N GLY A 189 32.05 22.94 13.04
CA GLY A 189 32.32 22.48 11.68
C GLY A 189 32.01 23.42 10.54
N GLU A 190 32.30 24.70 10.72
CA GLU A 190 32.03 25.70 9.71
C GLU A 190 33.04 25.66 8.55
N LYS A 191 34.28 25.28 8.87
CA LYS A 191 35.30 25.20 7.83
C LYS A 191 36.20 23.99 8.08
N GLY A 192 36.85 23.54 7.02
CA GLY A 192 37.78 22.44 7.17
C GLY A 192 39.09 23.06 7.60
N VAL A 193 40.01 22.23 8.12
CA VAL A 193 41.31 22.72 8.57
C VAL A 193 42.39 21.75 8.13
N VAL A 194 43.47 22.28 7.59
CA VAL A 194 44.60 21.46 7.17
C VAL A 194 45.53 21.29 8.37
N LEU A 195 45.85 20.06 8.73
CA LEU A 195 46.72 19.80 9.87
C LEU A 195 47.81 18.78 9.53
N ARG A 196 49.01 18.99 10.05
CA ARG A 196 50.10 18.06 9.80
C ARG A 196 49.81 16.79 10.60
N PRO A 197 50.38 15.65 10.20
CA PRO A 197 50.12 14.43 10.97
C PRO A 197 50.47 14.71 12.42
N ASP A 198 49.62 14.31 13.35
CA ASP A 198 49.87 14.58 14.77
C ASP A 198 50.85 13.62 15.43
N GLN A 199 51.43 12.72 14.63
CA GLN A 199 52.41 11.77 15.15
C GLN A 199 51.91 10.97 16.36
N MET A 200 50.61 10.72 16.41
CA MET A 200 50.05 9.96 17.52
C MET A 200 50.72 8.59 17.55
N LYS A 201 51.03 8.12 18.74
CA LYS A 201 51.66 6.81 18.88
C LYS A 201 50.73 5.86 19.64
N TRP A 202 50.37 4.76 18.99
CA TRP A 202 49.49 3.77 19.61
C TRP A 202 50.39 2.83 20.40
N THR A 203 50.34 2.92 21.72
CA THR A 203 51.18 2.12 22.59
C THR A 203 50.50 0.96 23.29
N ALA A 204 49.31 0.60 22.83
CA ALA A 204 48.58 -0.50 23.43
C ALA A 204 48.13 -1.48 22.35
N PRO A 205 49.09 -2.12 21.68
CA PRO A 205 48.81 -3.11 20.62
C PRO A 205 47.91 -4.26 21.06
N LEU A 206 46.87 -4.52 20.27
CA LEU A 206 45.95 -5.60 20.57
C LEU A 206 45.88 -6.58 19.41
N LYS A 207 45.89 -7.87 19.72
CA LYS A 207 45.81 -8.89 18.71
C LYS A 207 44.39 -8.90 18.14
N PRO A 208 44.22 -9.41 16.91
CA PRO A 208 42.86 -9.41 16.37
C PRO A 208 41.93 -10.12 17.35
N PHE A 209 40.70 -9.63 17.48
CA PHE A 209 39.76 -10.23 18.41
C PHE A 209 39.46 -11.66 17.99
N SER A 210 39.45 -12.56 18.95
CA SER A 210 39.23 -13.99 18.71
C SER A 210 38.03 -14.38 17.85
N HIS A 211 36.84 -14.01 18.30
CA HIS A 211 35.62 -14.36 17.59
C HIS A 211 34.47 -13.52 18.12
N PRO A 212 33.51 -13.17 17.25
CA PRO A 212 32.37 -12.36 17.68
C PRO A 212 31.61 -12.86 18.91
N VAL A 213 31.34 -14.16 19.01
CA VAL A 213 30.60 -14.65 20.18
C VAL A 213 31.39 -14.48 21.48
N ASP A 214 32.65 -14.08 21.37
CA ASP A 214 33.50 -13.87 22.54
C ASP A 214 33.44 -12.42 23.04
N ALA A 215 32.65 -11.60 22.36
CA ALA A 215 32.54 -10.19 22.76
C ALA A 215 31.36 -9.89 23.67
N VAL A 216 31.50 -8.82 24.44
CA VAL A 216 30.44 -8.34 25.30
C VAL A 216 30.41 -6.85 25.00
N ILE A 217 29.37 -6.42 24.28
CA ILE A 217 29.22 -5.03 23.88
C ILE A 217 28.47 -4.17 24.88
N TYR A 218 29.03 -2.99 25.13
CA TYR A 218 28.48 -2.03 26.08
C TYR A 218 28.25 -0.69 25.37
N GLU A 219 27.00 -0.40 25.04
CA GLU A 219 26.65 0.82 24.32
C GLU A 219 26.56 2.04 25.22
N THR A 220 27.32 3.07 24.88
CA THR A 220 27.31 4.28 25.67
C THR A 220 27.50 5.54 24.85
N HIS A 221 26.99 6.65 25.38
CA HIS A 221 27.09 7.97 24.76
C HIS A 221 28.13 8.71 25.61
N LEU A 222 29.08 9.38 24.97
CA LEU A 222 30.14 10.09 25.70
C LEU A 222 29.66 11.15 26.68
N ARG A 223 28.54 11.78 26.40
CA ARG A 223 28.03 12.78 27.31
C ARG A 223 27.35 12.09 28.50
N ASP A 224 26.46 11.17 28.20
CA ASP A 224 25.73 10.44 29.23
C ASP A 224 26.63 9.77 30.26
N PHE A 225 27.63 9.06 29.77
CA PHE A 225 28.57 8.29 30.58
C PHE A 225 29.21 8.96 31.79
N SER A 226 29.54 10.24 31.68
CA SER A 226 30.21 10.91 32.79
C SER A 226 29.67 12.27 33.18
N ILE A 227 28.61 12.74 32.53
CA ILE A 227 28.06 14.06 32.86
C ILE A 227 27.49 14.18 34.28
N HIS A 228 27.04 13.07 34.86
CA HIS A 228 26.46 13.09 36.22
C HIS A 228 27.42 13.69 37.25
N GLU A 229 26.88 14.48 38.17
CA GLU A 229 27.69 15.13 39.20
C GLU A 229 28.49 14.13 40.05
N ASN A 230 27.94 12.95 40.26
CA ASN A 230 28.58 11.93 41.08
C ASN A 230 29.35 10.89 40.25
N SER A 231 29.64 11.21 38.99
CA SER A 231 30.35 10.28 38.12
C SER A 231 31.78 9.98 38.57
N GLY A 232 32.37 10.88 39.34
CA GLY A 232 33.72 10.67 39.82
C GLY A 232 34.80 11.03 38.81
N MET A 233 34.39 11.49 37.63
CA MET A 233 35.33 11.87 36.58
C MET A 233 35.39 13.38 36.46
N ILE A 234 36.59 13.90 36.19
CA ILE A 234 36.79 15.34 36.06
C ILE A 234 36.29 15.89 34.71
N ASN A 235 36.68 15.23 33.63
CA ASN A 235 36.31 15.65 32.29
C ASN A 235 34.90 15.19 31.92
N LYS A 236 33.93 15.65 32.71
CA LYS A 236 32.52 15.29 32.52
C LYS A 236 31.94 15.56 31.15
N GLY A 237 31.49 14.49 30.48
CA GLY A 237 30.90 14.60 29.16
C GLY A 237 31.90 14.86 28.04
N LYS A 238 33.17 14.57 28.30
CA LYS A 238 34.23 14.80 27.31
C LYS A 238 35.02 13.53 26.99
N TYR A 239 35.70 13.55 25.85
CA TYR A 239 36.53 12.44 25.40
C TYR A 239 37.47 11.93 26.49
N LEU A 240 38.12 12.86 27.19
CA LEU A 240 39.08 12.48 28.22
C LEU A 240 38.54 11.76 29.45
N ALA A 241 37.22 11.84 29.69
CA ALA A 241 36.65 11.18 30.86
C ALA A 241 37.08 9.71 30.96
N LEU A 242 36.95 8.96 29.87
CA LEU A 242 37.31 7.54 29.86
C LEU A 242 38.80 7.23 30.00
N THR A 243 39.65 8.26 30.07
CA THR A 243 41.08 8.01 30.25
C THR A 243 41.40 8.02 31.74
N GLU A 244 40.47 8.55 32.54
CA GLU A 244 40.64 8.65 33.99
C GLU A 244 40.59 7.31 34.69
N THR A 245 41.71 6.92 35.29
CA THR A 245 41.83 5.65 36.00
C THR A 245 41.38 5.65 37.46
N ASP A 246 40.92 4.49 37.92
CA ASP A 246 40.47 4.29 39.30
C ASP A 246 39.51 5.33 39.86
N THR A 247 38.57 5.79 39.04
CA THR A 247 37.60 6.78 39.54
C THR A 247 36.50 6.05 40.30
N GLN A 248 35.82 6.76 41.19
CA GLN A 248 34.77 6.15 41.98
C GLN A 248 33.72 7.20 42.34
N THR A 249 32.54 6.72 42.69
CA THR A 249 31.46 7.62 43.08
C THR A 249 31.78 8.15 44.47
N ALA A 250 30.93 9.04 44.98
CA ALA A 250 31.13 9.62 46.31
C ALA A 250 31.18 8.54 47.39
N ASN A 251 30.33 7.53 47.28
CA ASN A 251 30.28 6.47 48.28
C ASN A 251 31.40 5.45 48.10
N GLY A 252 32.27 5.67 47.12
CA GLY A 252 33.38 4.77 46.89
C GLY A 252 33.19 3.67 45.85
N SER A 253 32.02 3.62 45.23
CA SER A 253 31.77 2.61 44.21
C SER A 253 32.54 2.92 42.93
N SER A 254 33.03 1.89 42.25
CA SER A 254 33.79 2.10 41.02
C SER A 254 32.94 2.83 39.99
N SER A 255 33.60 3.68 39.20
CA SER A 255 32.93 4.45 38.15
C SER A 255 33.85 4.53 36.94
N GLY A 256 33.35 5.13 35.87
CA GLY A 256 34.13 5.29 34.65
C GLY A 256 34.86 4.08 34.09
N LEU A 257 36.06 4.32 33.61
CA LEU A 257 36.92 3.30 33.01
C LEU A 257 37.03 2.08 33.92
N ALA A 258 37.37 2.33 35.18
CA ALA A 258 37.54 1.25 36.14
C ALA A 258 36.26 0.42 36.23
N TYR A 259 35.12 1.08 36.21
CA TYR A 259 33.82 0.42 36.28
C TYR A 259 33.62 -0.48 35.06
N VAL A 260 33.78 0.09 33.87
CA VAL A 260 33.61 -0.67 32.64
C VAL A 260 34.52 -1.88 32.58
N LYS A 261 35.78 -1.71 33.00
CA LYS A 261 36.74 -2.81 33.01
C LYS A 261 36.25 -3.92 33.96
N GLU A 262 35.80 -3.47 35.13
CA GLU A 262 35.31 -4.34 36.18
C GLU A 262 34.09 -5.17 35.74
N LEU A 263 33.21 -4.57 34.95
CA LEU A 263 32.02 -5.28 34.46
C LEU A 263 32.40 -6.50 33.64
N GLY A 264 33.52 -6.42 32.95
CA GLY A 264 33.97 -7.53 32.14
C GLY A 264 33.62 -7.38 30.67
N VAL A 265 33.14 -6.19 30.29
CA VAL A 265 32.79 -5.95 28.89
C VAL A 265 34.07 -5.96 28.05
N THR A 266 33.96 -6.36 26.79
CA THR A 266 35.12 -6.41 25.91
C THR A 266 35.18 -5.25 24.91
N HIS A 267 34.00 -4.78 24.46
CA HIS A 267 33.92 -3.67 23.51
C HIS A 267 33.00 -2.57 24.00
N VAL A 268 33.46 -1.33 23.90
CA VAL A 268 32.64 -0.19 24.29
C VAL A 268 32.14 0.43 22.99
N GLU A 269 30.83 0.39 22.76
CA GLU A 269 30.25 0.98 21.55
C GLU A 269 29.85 2.42 21.85
N LEU A 270 30.37 3.34 21.06
CA LEU A 270 30.08 4.76 21.27
C LEU A 270 29.07 5.30 20.28
N LEU A 271 28.16 6.14 20.76
CA LEU A 271 27.22 6.76 19.85
C LEU A 271 28.11 7.68 18.99
N PRO A 272 27.62 8.11 17.82
CA PRO A 272 28.34 8.96 16.87
C PRO A 272 29.36 9.97 17.42
N VAL A 273 30.63 9.77 17.03
CA VAL A 273 31.70 10.68 17.44
C VAL A 273 32.23 11.53 16.27
N ASN A 274 31.67 11.34 15.08
CA ASN A 274 32.08 12.16 13.93
C ASN A 274 31.32 13.47 14.15
N ASP A 275 31.74 14.54 13.49
CA ASP A 275 31.08 15.81 13.71
C ASP A 275 29.63 15.81 13.28
N PHE A 276 28.75 16.20 14.19
CA PHE A 276 27.32 16.25 13.92
C PHE A 276 26.72 17.57 14.38
N ALA A 277 25.49 17.83 13.94
CA ALA A 277 24.77 19.05 14.32
C ALA A 277 23.85 18.70 15.47
N GLY A 278 23.47 19.69 16.27
CA GLY A 278 22.57 19.41 17.38
C GLY A 278 23.02 19.96 18.72
N VAL A 279 24.32 20.23 18.84
CA VAL A 279 24.84 20.80 20.06
C VAL A 279 25.75 21.96 19.68
N ASP A 280 25.49 23.14 20.24
CA ASP A 280 26.33 24.29 19.94
C ASP A 280 27.61 24.11 20.72
N GLU A 281 28.70 23.84 20.01
CA GLU A 281 29.99 23.62 20.65
C GLU A 281 30.44 24.84 21.46
N GLU A 282 29.82 25.99 21.20
CA GLU A 282 30.15 27.22 21.93
C GLU A 282 29.42 27.23 23.27
N LYS A 283 28.29 26.52 23.33
CA LYS A 283 27.47 26.41 24.55
C LYS A 283 26.95 24.98 24.62
N PRO A 284 27.84 24.00 24.85
CA PRO A 284 27.48 22.58 24.93
C PRO A 284 26.40 22.17 25.92
N LEU A 285 26.28 22.89 27.02
CA LEU A 285 25.27 22.55 28.04
C LEU A 285 23.85 22.98 27.68
N ASP A 286 23.71 23.90 26.73
CA ASP A 286 22.38 24.39 26.34
C ASP A 286 21.53 23.43 25.51
N ALA A 287 22.12 22.34 25.05
CA ALA A 287 21.35 21.38 24.27
C ALA A 287 22.05 20.03 24.30
N TYR A 288 21.29 18.98 23.99
CA TYR A 288 21.82 17.63 23.98
C TYR A 288 21.42 16.93 22.69
N ASN A 289 22.21 15.95 22.27
CA ASN A 289 21.88 15.20 21.06
C ASN A 289 22.69 13.93 20.93
N TRP A 290 22.01 12.83 20.58
CA TRP A 290 22.67 11.54 20.38
C TRP A 290 23.79 11.68 19.36
N GLY A 291 23.55 12.49 18.33
CA GLY A 291 24.56 12.70 17.30
C GLY A 291 24.27 12.15 15.90
N TYR A 292 23.05 11.71 15.65
CA TYR A 292 22.69 11.14 14.34
C TYR A 292 22.34 12.20 13.29
N ASN A 293 23.12 13.28 13.25
CA ASN A 293 22.92 14.38 12.31
C ASN A 293 24.29 14.66 11.70
N PRO A 294 24.78 13.74 10.86
CA PRO A 294 26.09 13.84 10.20
C PRO A 294 26.37 15.13 9.44
N LEU A 295 27.50 15.74 9.75
CA LEU A 295 27.96 16.95 9.07
C LEU A 295 29.26 16.62 8.35
N HIS A 296 30.25 16.15 9.11
CA HIS A 296 31.55 15.80 8.56
C HIS A 296 31.95 14.40 9.02
N PHE A 297 31.98 13.48 8.06
CA PHE A 297 32.28 12.07 8.36
C PHE A 297 33.72 11.73 8.73
N PHE A 298 34.68 12.56 8.33
CA PHE A 298 36.08 12.29 8.65
C PHE A 298 36.64 13.09 9.81
N ALA A 299 35.82 13.91 10.45
CA ALA A 299 36.30 14.71 11.58
C ALA A 299 35.53 14.37 12.85
N PRO A 300 36.15 14.58 14.03
CA PRO A 300 35.47 14.28 15.30
C PRO A 300 34.49 15.38 15.71
N GLU A 301 33.52 15.01 16.55
CA GLU A 301 32.53 15.95 17.07
C GLU A 301 33.29 16.87 18.02
N GLY A 302 32.92 18.16 18.03
CA GLY A 302 33.61 19.12 18.89
C GLY A 302 33.13 19.29 20.33
N SER A 303 31.87 19.00 20.62
CA SER A 303 31.36 19.17 21.99
C SER A 303 31.96 18.21 23.01
N TYR A 304 32.63 17.15 22.55
CA TYR A 304 33.24 16.21 23.48
C TYR A 304 34.68 16.60 23.80
N ALA A 305 35.19 17.61 23.11
CA ALA A 305 36.57 18.06 23.33
C ALA A 305 36.65 19.12 24.42
N SER A 306 37.80 19.21 25.08
CA SER A 306 38.01 20.21 26.12
C SER A 306 37.95 21.60 25.46
N ASN A 307 38.51 21.69 24.26
CA ASN A 307 38.54 22.93 23.51
C ASN A 307 38.15 22.65 22.06
N PRO A 308 36.93 23.05 21.67
CA PRO A 308 36.43 22.83 20.30
C PRO A 308 36.97 23.84 19.29
N HIS A 309 37.64 24.88 19.79
CA HIS A 309 38.19 25.92 18.94
C HIS A 309 39.51 25.51 18.29
N ASP A 310 40.29 24.70 19.00
CA ASP A 310 41.57 24.25 18.45
C ASP A 310 41.37 22.96 17.67
N PRO A 311 41.41 23.04 16.34
CA PRO A 311 41.23 21.90 15.44
C PRO A 311 41.88 20.58 15.85
N GLN A 312 43.15 20.62 16.26
CA GLN A 312 43.83 19.39 16.65
C GLN A 312 43.39 18.77 17.98
N THR A 313 42.97 19.59 18.94
CA THR A 313 42.58 19.10 20.25
C THR A 313 41.57 17.95 20.29
N ARG A 314 40.46 18.08 19.57
CA ARG A 314 39.47 17.00 19.58
C ARG A 314 40.07 15.69 19.05
N LYS A 315 40.94 15.80 18.06
CA LYS A 315 41.57 14.62 17.49
C LYS A 315 42.48 13.97 18.51
N THR A 316 43.25 14.80 19.21
CA THR A 316 44.17 14.31 20.23
C THR A 316 43.46 13.60 21.37
N GLU A 317 42.39 14.19 21.86
CA GLU A 317 41.66 13.60 22.98
C GLU A 317 40.90 12.31 22.65
N LEU A 318 40.31 12.23 21.46
CA LEU A 318 39.61 11.01 21.08
C LEU A 318 40.62 9.87 20.92
N LYS A 319 41.79 10.20 20.37
CA LYS A 319 42.83 9.20 20.17
C LYS A 319 43.38 8.72 21.51
N GLN A 320 43.53 9.65 22.46
CA GLN A 320 44.03 9.27 23.78
C GLN A 320 42.99 8.38 24.47
N MET A 321 41.72 8.73 24.35
CA MET A 321 40.65 7.94 24.96
C MET A 321 40.73 6.52 24.42
N ILE A 322 40.85 6.40 23.10
CA ILE A 322 40.92 5.09 22.46
C ILE A 322 42.17 4.32 22.87
N ASN A 323 43.32 4.99 22.89
CA ASN A 323 44.56 4.32 23.26
C ASN A 323 44.49 3.85 24.72
N THR A 324 43.94 4.69 25.59
CA THR A 324 43.82 4.35 27.01
C THR A 324 42.94 3.12 27.22
N LEU A 325 41.80 3.10 26.52
CA LEU A 325 40.89 1.96 26.64
C LEU A 325 41.65 0.71 26.24
N HIS A 326 42.46 0.82 25.18
CA HIS A 326 43.26 -0.29 24.70
C HIS A 326 44.30 -0.72 25.73
N GLN A 327 44.90 0.25 26.40
CA GLN A 327 45.91 -0.03 27.43
C GLN A 327 45.27 -0.87 28.54
N HIS A 328 43.96 -0.73 28.70
CA HIS A 328 43.24 -1.47 29.72
C HIS A 328 42.48 -2.69 29.20
N GLY A 329 42.87 -3.14 28.02
CA GLY A 329 42.25 -4.32 27.43
C GLY A 329 40.86 -4.11 26.87
N LEU A 330 40.44 -2.87 26.70
CA LEU A 330 39.11 -2.60 26.17
C LEU A 330 39.16 -2.19 24.70
N ARG A 331 38.22 -2.68 23.91
CA ARG A 331 38.16 -2.35 22.50
C ARG A 331 37.04 -1.33 22.24
N VAL A 332 37.08 -0.67 21.09
CA VAL A 332 36.07 0.34 20.77
C VAL A 332 35.33 0.11 19.45
N ILE A 333 34.02 0.32 19.49
CA ILE A 333 33.15 0.19 18.32
C ILE A 333 32.57 1.57 18.03
N LEU A 334 32.65 2.00 16.78
CA LEU A 334 32.12 3.31 16.42
C LEU A 334 30.77 3.22 15.72
N ASP A 335 29.79 3.92 16.28
CA ASP A 335 28.46 3.96 15.68
C ASP A 335 28.67 4.94 14.51
N VAL A 336 28.40 4.49 13.29
CA VAL A 336 28.56 5.34 12.11
C VAL A 336 27.25 5.48 11.34
N VAL A 337 27.02 6.66 10.76
CA VAL A 337 25.76 6.98 10.09
C VAL A 337 25.88 7.25 8.59
N PHE A 338 26.14 6.21 7.80
CA PHE A 338 26.30 6.40 6.35
C PHE A 338 25.00 6.27 5.56
N ASN A 339 23.86 6.38 6.25
CA ASN A 339 22.56 6.25 5.60
C ASN A 339 21.92 7.59 5.26
N HIS A 340 22.45 8.68 5.83
CA HIS A 340 21.91 10.01 5.56
C HIS A 340 22.81 11.11 6.11
N VAL A 341 22.54 12.35 5.71
CA VAL A 341 23.31 13.49 6.17
C VAL A 341 22.32 14.49 6.75
N TYR A 342 22.81 15.41 7.56
CA TYR A 342 21.96 16.44 8.13
C TYR A 342 21.73 17.49 7.05
N LYS A 343 20.47 17.86 6.84
CA LYS A 343 20.10 18.86 5.83
C LYS A 343 20.77 18.63 4.48
N ARG A 344 20.22 17.69 3.73
CA ARG A 344 20.70 17.33 2.40
C ARG A 344 21.03 18.52 1.51
N GLU A 345 20.11 19.48 1.46
CA GLU A 345 20.24 20.67 0.62
C GLU A 345 21.54 21.47 0.78
N ASN A 346 22.05 21.53 2.01
CA ASN A 346 23.26 22.29 2.25
C ASN A 346 24.46 21.41 2.62
N SER A 347 24.37 20.13 2.32
CA SER A 347 25.46 19.22 2.65
C SER A 347 26.62 19.31 1.64
N PRO A 348 27.83 18.93 2.08
CA PRO A 348 28.99 18.95 1.19
C PRO A 348 28.71 18.13 -0.08
N PHE A 349 28.05 16.99 0.08
CA PHE A 349 27.73 16.14 -1.08
C PHE A 349 26.91 16.88 -2.12
N GLU A 350 25.77 17.41 -1.69
CA GLU A 350 24.86 18.12 -2.58
C GLU A 350 25.46 19.38 -3.20
N LYS A 351 26.28 20.10 -2.44
CA LYS A 351 26.90 21.33 -2.95
C LYS A 351 28.06 21.07 -3.92
N THR A 352 28.59 19.85 -3.90
CA THR A 352 29.71 19.49 -4.76
C THR A 352 29.23 18.81 -6.05
N VAL A 353 28.34 17.82 -5.91
CA VAL A 353 27.77 17.10 -7.06
C VAL A 353 26.26 16.93 -6.81
N PRO A 354 25.47 17.94 -7.19
CA PRO A 354 24.01 17.94 -7.03
C PRO A 354 23.30 16.70 -7.53
N GLY A 355 22.48 16.10 -6.67
CA GLY A 355 21.72 14.92 -7.04
C GLY A 355 22.42 13.57 -7.14
N TYR A 356 23.74 13.58 -6.99
CA TYR A 356 24.51 12.34 -7.09
C TYR A 356 24.52 11.43 -5.86
N PHE A 357 24.78 12.01 -4.70
CA PHE A 357 24.89 11.24 -3.46
C PHE A 357 23.62 10.80 -2.74
N PHE A 358 22.46 11.12 -3.30
CA PHE A 358 21.21 10.74 -2.64
C PHE A 358 20.27 10.02 -3.59
N ARG A 359 19.53 9.05 -3.06
CA ARG A 359 18.60 8.31 -3.90
C ARG A 359 17.34 9.14 -4.14
N HIS A 360 16.74 8.93 -5.30
CA HIS A 360 15.51 9.64 -5.67
C HIS A 360 14.41 8.66 -6.05
N ASP A 361 13.17 9.06 -5.83
CA ASP A 361 12.03 8.21 -6.18
C ASP A 361 11.78 8.35 -7.68
N GLU A 362 10.81 7.61 -8.20
CA GLU A 362 10.51 7.66 -9.63
C GLU A 362 10.09 9.05 -10.12
N CYS A 363 9.70 9.91 -9.19
CA CYS A 363 9.27 11.25 -9.55
C CYS A 363 10.42 12.27 -9.51
N GLY A 364 11.61 11.80 -9.19
CA GLY A 364 12.75 12.69 -9.15
C GLY A 364 12.97 13.39 -7.81
N LYS A 365 12.18 13.03 -6.80
CA LYS A 365 12.34 13.64 -5.48
C LYS A 365 13.18 12.76 -4.57
N PRO A 366 13.96 13.38 -3.67
CA PRO A 366 14.81 12.62 -2.74
C PRO A 366 13.97 11.63 -1.94
N SER A 367 14.40 10.37 -1.93
CA SER A 367 13.68 9.34 -1.18
C SER A 367 13.88 9.58 0.31
N ASN A 368 13.06 8.93 1.13
CA ASN A 368 13.15 9.13 2.56
C ASN A 368 12.94 7.82 3.34
N GLY A 369 13.62 6.77 2.91
CA GLY A 369 13.51 5.50 3.59
C GLY A 369 14.04 5.56 5.01
N THR A 370 14.96 6.50 5.25
CA THR A 370 15.56 6.66 6.58
C THR A 370 14.56 7.34 7.52
N GLY A 371 13.62 8.08 6.94
CA GLY A 371 12.62 8.77 7.75
C GLY A 371 13.14 10.08 8.31
N VAL A 372 14.35 10.47 7.93
CA VAL A 372 14.89 11.72 8.43
C VAL A 372 15.22 12.73 7.34
N GLY A 373 14.64 12.53 6.15
CA GLY A 373 14.86 13.50 5.08
C GLY A 373 15.55 13.06 3.81
N ASN A 374 16.53 12.16 3.93
CA ASN A 374 17.26 11.71 2.75
C ASN A 374 17.91 10.35 2.97
N ASP A 375 18.26 9.71 1.86
CA ASP A 375 18.92 8.40 1.88
C ASP A 375 20.19 8.52 1.05
N ILE A 376 21.34 8.24 1.65
CA ILE A 376 22.59 8.30 0.90
C ILE A 376 22.57 7.15 -0.11
N ALA A 377 22.89 7.46 -1.36
CA ALA A 377 22.91 6.46 -2.42
C ALA A 377 24.25 5.75 -2.42
N SER A 378 24.43 4.85 -1.46
CA SER A 378 25.67 4.09 -1.32
C SER A 378 26.08 3.32 -2.57
N GLU A 379 25.10 2.92 -3.38
CA GLU A 379 25.40 2.17 -4.59
C GLU A 379 26.12 2.99 -5.67
N ARG A 380 26.07 4.31 -5.56
CA ARG A 380 26.77 5.14 -6.54
C ARG A 380 28.26 4.91 -6.25
N ARG A 381 29.05 4.69 -7.29
CA ARG A 381 30.46 4.36 -7.09
C ARG A 381 31.33 5.29 -6.24
N MET A 382 31.13 6.61 -6.32
CA MET A 382 31.94 7.51 -5.50
C MET A 382 31.39 7.59 -4.07
N ALA A 383 30.19 7.08 -3.86
CA ALA A 383 29.56 7.05 -2.54
C ALA A 383 30.09 5.81 -1.83
N ARG A 384 30.14 4.72 -2.58
CA ARG A 384 30.66 3.45 -2.06
C ARG A 384 32.13 3.69 -1.72
N LYS A 385 32.82 4.46 -2.56
CA LYS A 385 34.22 4.78 -2.32
C LYS A 385 34.35 5.59 -1.04
N PHE A 386 33.44 6.54 -0.86
CA PHE A 386 33.47 7.40 0.32
C PHE A 386 33.29 6.60 1.62
N ILE A 387 32.28 5.75 1.64
CA ILE A 387 32.00 4.93 2.82
C ILE A 387 33.18 4.02 3.13
N ALA A 388 33.73 3.37 2.11
CA ALA A 388 34.88 2.49 2.32
C ALA A 388 36.05 3.33 2.81
N ASP A 389 36.27 4.47 2.15
CA ASP A 389 37.35 5.39 2.51
C ASP A 389 37.22 5.76 3.99
N CYS A 390 36.01 6.14 4.38
CA CYS A 390 35.77 6.57 5.75
C CYS A 390 36.04 5.50 6.79
N VAL A 391 35.55 4.29 6.54
CA VAL A 391 35.75 3.19 7.49
C VAL A 391 37.24 2.87 7.66
N VAL A 392 37.97 2.80 6.55
CA VAL A 392 39.40 2.49 6.60
C VAL A 392 40.16 3.62 7.31
N TYR A 393 39.73 4.86 7.07
CA TYR A 393 40.37 6.00 7.71
C TYR A 393 40.21 5.96 9.23
N TRP A 394 39.00 5.66 9.72
CA TRP A 394 38.80 5.62 11.16
C TRP A 394 39.60 4.47 11.78
N LEU A 395 39.76 3.39 11.03
CA LEU A 395 40.54 2.26 11.50
C LEU A 395 42.01 2.63 11.57
N GLU A 396 42.53 3.16 10.47
CA GLU A 396 43.93 3.54 10.38
C GLU A 396 44.34 4.74 11.22
N GLU A 397 43.54 5.80 11.19
CA GLU A 397 43.84 7.02 11.92
C GLU A 397 43.45 7.00 13.40
N TYR A 398 42.35 6.32 13.72
CA TYR A 398 41.91 6.27 15.11
C TYR A 398 42.04 4.89 15.76
N ASN A 399 42.46 3.92 14.98
CA ASN A 399 42.71 2.58 15.50
C ASN A 399 41.54 1.93 16.26
N VAL A 400 40.32 2.10 15.75
CA VAL A 400 39.18 1.50 16.42
C VAL A 400 39.05 0.01 16.12
N ASP A 401 38.09 -0.65 16.77
CA ASP A 401 37.95 -2.08 16.64
C ASP A 401 36.66 -2.62 16.05
N GLY A 402 35.86 -1.75 15.46
CA GLY A 402 34.61 -2.20 14.88
C GLY A 402 33.66 -1.06 14.60
N PHE A 403 32.56 -1.36 13.94
CA PHE A 403 31.58 -0.34 13.60
C PHE A 403 30.15 -0.86 13.70
N ARG A 404 29.28 -0.03 14.25
CA ARG A 404 27.87 -0.34 14.36
C ARG A 404 27.25 0.57 13.31
N PHE A 405 26.69 -0.03 12.26
CA PHE A 405 26.10 0.75 11.17
C PHE A 405 24.65 1.14 11.37
N ASP A 406 24.44 2.41 11.68
CA ASP A 406 23.10 2.95 11.87
C ASP A 406 22.33 2.70 10.57
N LEU A 407 21.10 2.19 10.69
CA LEU A 407 20.26 1.88 9.54
C LEU A 407 21.05 1.19 8.44
N LEU A 408 21.68 0.08 8.83
CA LEU A 408 22.48 -0.75 7.95
C LEU A 408 21.70 -1.13 6.70
N GLY A 409 20.41 -1.43 6.87
CA GLY A 409 19.56 -1.83 5.76
C GLY A 409 19.41 -0.82 4.63
N ILE A 410 19.81 0.43 4.88
CA ILE A 410 19.72 1.47 3.86
C ILE A 410 20.88 1.34 2.88
N LEU A 411 21.99 0.77 3.36
CA LEU A 411 23.16 0.56 2.52
C LEU A 411 22.93 -0.63 1.59
N ASP A 412 23.62 -0.65 0.46
CA ASP A 412 23.48 -1.76 -0.48
C ASP A 412 24.54 -2.81 -0.13
N ILE A 413 24.19 -4.08 -0.35
CA ILE A 413 25.09 -5.18 -0.03
C ILE A 413 26.48 -5.12 -0.66
N ASP A 414 26.56 -4.78 -1.94
CA ASP A 414 27.87 -4.71 -2.59
C ASP A 414 28.77 -3.73 -1.86
N THR A 415 28.21 -2.58 -1.48
CA THR A 415 29.01 -1.60 -0.76
C THR A 415 29.47 -2.20 0.57
N VAL A 416 28.56 -2.85 1.29
CA VAL A 416 28.88 -3.46 2.57
C VAL A 416 30.01 -4.50 2.44
N LEU A 417 29.91 -5.36 1.43
CA LEU A 417 30.93 -6.39 1.20
C LEU A 417 32.26 -5.76 0.75
N TYR A 418 32.16 -4.67 -0.01
CA TYR A 418 33.35 -3.98 -0.48
C TYR A 418 34.10 -3.35 0.69
N MET A 419 33.39 -2.66 1.58
CA MET A 419 34.06 -2.04 2.71
C MET A 419 34.53 -3.10 3.70
N LYS A 420 33.79 -4.19 3.79
CA LYS A 420 34.16 -5.27 4.71
C LYS A 420 35.51 -5.83 4.32
N GLU A 421 35.72 -6.01 3.02
CA GLU A 421 36.98 -6.54 2.53
C GLU A 421 38.11 -5.61 2.94
N LYS A 422 37.93 -4.32 2.67
CA LYS A 422 38.94 -3.32 3.01
C LYS A 422 39.14 -3.13 4.51
N ALA A 423 38.05 -3.15 5.26
CA ALA A 423 38.10 -2.97 6.71
C ALA A 423 38.78 -4.13 7.41
N THR A 424 38.37 -5.36 7.10
CA THR A 424 38.98 -6.52 7.75
C THR A 424 40.46 -6.67 7.36
N LYS A 425 40.82 -6.21 6.16
CA LYS A 425 42.21 -6.29 5.74
C LYS A 425 43.04 -5.32 6.56
N ALA A 426 42.52 -4.11 6.77
CA ALA A 426 43.24 -3.11 7.54
C ALA A 426 43.25 -3.48 9.02
N LYS A 427 42.23 -4.20 9.48
CA LYS A 427 42.13 -4.57 10.88
C LYS A 427 41.44 -5.90 11.11
N PRO A 428 42.22 -7.00 11.13
CA PRO A 428 41.64 -8.33 11.34
C PRO A 428 40.91 -8.46 12.68
N GLY A 429 39.76 -9.11 12.67
CA GLY A 429 39.01 -9.31 13.89
C GLY A 429 37.94 -8.28 14.28
N ILE A 430 37.89 -7.17 13.55
CA ILE A 430 36.90 -6.13 13.86
C ILE A 430 35.46 -6.61 13.75
N LEU A 431 34.59 -6.00 14.54
CA LEU A 431 33.18 -6.34 14.55
C LEU A 431 32.44 -5.37 13.61
N LEU A 432 31.60 -5.92 12.75
CA LEU A 432 30.84 -5.12 11.80
C LEU A 432 29.40 -5.61 11.88
N PHE A 433 28.50 -4.75 12.34
CA PHE A 433 27.11 -5.12 12.47
C PHE A 433 26.19 -3.90 12.49
N GLY A 434 24.89 -4.12 12.47
CA GLY A 434 23.95 -3.03 12.50
C GLY A 434 22.50 -3.49 12.45
N GLU A 435 21.58 -2.53 12.39
CA GLU A 435 20.16 -2.80 12.32
C GLU A 435 19.80 -2.98 10.85
N GLY A 436 19.59 -4.24 10.45
CA GLY A 436 19.26 -4.53 9.07
C GLY A 436 17.76 -4.42 8.78
N TRP A 437 17.20 -3.26 9.11
CA TRP A 437 15.78 -3.02 8.87
C TRP A 437 15.50 -2.94 7.39
N ASP A 438 14.38 -3.49 6.96
CA ASP A 438 14.00 -3.41 5.56
C ASP A 438 13.19 -2.12 5.44
N LEU A 439 13.83 -1.07 4.93
CA LEU A 439 13.18 0.21 4.82
C LEU A 439 12.80 0.57 3.40
N ALA A 440 11.86 1.51 3.25
CA ALA A 440 11.39 1.93 1.96
C ALA A 440 12.35 2.89 1.25
N THR A 441 13.50 2.37 0.82
CA THR A 441 14.46 3.18 0.09
C THR A 441 14.50 2.55 -1.30
N PRO A 442 14.69 3.36 -2.35
CA PRO A 442 14.74 2.84 -3.72
C PRO A 442 15.86 1.89 -4.13
N LEU A 443 15.82 0.67 -3.60
CA LEU A 443 16.79 -0.37 -3.94
C LEU A 443 16.00 -1.67 -4.07
N PRO A 444 16.40 -2.55 -5.00
CA PRO A 444 15.68 -3.82 -5.14
C PRO A 444 15.87 -4.55 -3.81
N HIS A 445 14.83 -5.22 -3.34
CA HIS A 445 14.87 -5.91 -2.06
C HIS A 445 16.11 -6.79 -1.80
N GLU A 446 16.63 -7.46 -2.82
CA GLU A 446 17.80 -8.32 -2.62
C GLU A 446 19.13 -7.58 -2.59
N GLN A 447 19.09 -6.27 -2.78
CA GLN A 447 20.30 -5.46 -2.75
C GLN A 447 20.47 -4.70 -1.43
N LYS A 448 19.43 -4.72 -0.62
CA LYS A 448 19.47 -4.04 0.68
C LYS A 448 20.25 -4.89 1.68
N ALA A 449 21.10 -4.23 2.46
CA ALA A 449 21.88 -4.93 3.47
C ALA A 449 20.96 -5.17 4.66
N ALA A 450 19.81 -5.79 4.41
CA ALA A 450 18.84 -6.07 5.45
C ALA A 450 19.02 -7.47 6.05
N LEU A 451 18.40 -7.67 7.21
CA LEU A 451 18.47 -8.94 7.92
C LEU A 451 18.11 -10.10 7.00
N ALA A 452 17.05 -9.92 6.20
CA ALA A 452 16.60 -10.96 5.29
C ALA A 452 17.70 -11.46 4.37
N ASN A 453 18.69 -10.62 4.08
CA ASN A 453 19.78 -11.03 3.20
C ASN A 453 21.05 -11.40 3.98
N ALA A 454 20.92 -11.60 5.29
CA ALA A 454 22.07 -11.96 6.10
C ALA A 454 22.93 -13.07 5.48
N PRO A 455 22.29 -14.06 4.82
CA PRO A 455 23.04 -15.16 4.20
C PRO A 455 24.08 -14.70 3.17
N ARG A 456 23.86 -13.54 2.57
CA ARG A 456 24.79 -13.03 1.57
C ARG A 456 25.81 -12.08 2.18
N MET A 457 25.73 -11.88 3.49
CA MET A 457 26.67 -10.98 4.16
C MET A 457 27.43 -11.64 5.29
N PRO A 458 28.20 -12.69 4.98
CA PRO A 458 28.97 -13.36 6.04
C PRO A 458 29.96 -12.35 6.60
N GLY A 459 30.18 -12.37 7.90
CA GLY A 459 31.10 -11.43 8.51
C GLY A 459 30.41 -10.16 8.97
N ILE A 460 29.12 -10.06 8.73
CA ILE A 460 28.34 -8.90 9.13
C ILE A 460 27.28 -9.37 10.12
N GLY A 461 27.16 -8.67 11.25
CA GLY A 461 26.17 -9.04 12.25
C GLY A 461 24.92 -8.15 12.21
N PHE A 462 23.84 -8.63 12.82
CA PHE A 462 22.59 -7.88 12.85
C PHE A 462 21.94 -7.88 14.22
N PHE A 463 21.39 -6.74 14.61
CA PHE A 463 20.70 -6.68 15.90
C PHE A 463 19.52 -7.65 15.78
N ASN A 464 19.41 -8.55 16.75
CA ASN A 464 18.34 -9.54 16.74
C ASN A 464 17.07 -8.98 17.39
N ASP A 465 16.23 -8.31 16.61
CA ASP A 465 15.00 -7.72 17.11
C ASP A 465 14.00 -8.78 17.56
N MET A 466 14.09 -9.96 16.96
CA MET A 466 13.19 -11.07 17.31
C MET A 466 13.43 -11.49 18.75
N PHE A 467 14.68 -11.81 19.08
CA PHE A 467 15.06 -12.24 20.42
C PHE A 467 14.74 -11.14 21.43
N ARG A 468 14.95 -9.88 21.02
CA ARG A 468 14.68 -8.75 21.89
C ARG A 468 13.21 -8.74 22.30
N ASP A 469 12.32 -8.77 21.32
CA ASP A 469 10.88 -8.76 21.58
C ASP A 469 10.40 -10.02 22.29
N ALA A 470 11.02 -11.16 21.99
CA ALA A 470 10.66 -12.41 22.62
C ALA A 470 10.88 -12.34 24.13
N VAL A 471 12.02 -11.81 24.53
CA VAL A 471 12.37 -11.69 25.95
C VAL A 471 11.67 -10.54 26.66
N LYS A 472 11.78 -9.34 26.10
CA LYS A 472 11.19 -8.15 26.70
C LYS A 472 9.70 -7.97 26.43
N GLY A 473 9.34 -8.15 25.16
CA GLY A 473 7.95 -7.97 24.74
C GLY A 473 8.00 -7.04 23.56
N ASN A 474 7.01 -7.12 22.67
CA ASN A 474 6.98 -6.26 21.49
C ASN A 474 7.31 -4.80 21.85
N THR A 475 8.19 -4.21 21.05
CA THR A 475 8.62 -2.83 21.26
C THR A 475 7.61 -1.79 20.76
N PHE A 476 6.82 -2.15 19.75
CA PHE A 476 5.83 -1.23 19.21
C PHE A 476 4.59 -1.05 20.10
N HIS A 477 4.30 -2.04 20.92
CA HIS A 477 3.15 -1.97 21.82
C HIS A 477 3.63 -1.87 23.26
N LEU A 478 3.49 -0.68 23.85
CA LEU A 478 3.93 -0.45 25.22
C LEU A 478 3.58 -1.55 26.21
N LYS A 479 2.30 -1.93 26.25
CA LYS A 479 1.83 -2.95 27.18
C LYS A 479 2.24 -4.40 26.85
N ALA A 480 2.61 -4.66 25.61
CA ALA A 480 3.01 -6.02 25.22
C ALA A 480 4.11 -6.54 26.12
N THR A 481 4.04 -7.82 26.48
CA THR A 481 5.02 -8.45 27.35
C THR A 481 5.74 -9.61 26.70
N GLY A 482 6.95 -9.89 27.20
CA GLY A 482 7.74 -10.98 26.68
C GLY A 482 7.89 -12.06 27.74
N PHE A 483 8.66 -13.09 27.45
CA PHE A 483 8.86 -14.18 28.39
C PHE A 483 9.32 -13.70 29.76
N ALA A 484 10.29 -12.79 29.79
CA ALA A 484 10.81 -12.26 31.04
C ALA A 484 9.76 -11.51 31.84
N LEU A 485 8.76 -10.97 31.15
CA LEU A 485 7.69 -10.24 31.82
C LEU A 485 6.48 -11.14 32.10
N GLY A 486 6.65 -12.44 31.89
CA GLY A 486 5.58 -13.38 32.18
C GLY A 486 4.70 -13.89 31.03
N ASN A 487 5.09 -13.62 29.79
CA ASN A 487 4.29 -14.09 28.65
C ASN A 487 4.83 -15.40 28.11
N GLY A 488 4.07 -16.48 28.32
CA GLY A 488 4.50 -17.79 27.86
C GLY A 488 4.45 -17.99 26.36
N GLU A 489 3.72 -17.13 25.67
CA GLU A 489 3.58 -17.20 24.21
C GLU A 489 4.91 -17.06 23.47
N SER A 490 5.88 -16.41 24.10
CA SER A 490 7.17 -16.22 23.44
C SER A 490 8.28 -17.13 23.96
N ALA A 491 7.91 -18.14 24.74
CA ALA A 491 8.90 -19.06 25.29
C ALA A 491 9.76 -19.75 24.22
N GLN A 492 9.10 -20.23 23.16
CA GLN A 492 9.81 -20.90 22.08
C GLN A 492 10.78 -19.96 21.37
N ALA A 493 10.33 -18.75 21.07
CA ALA A 493 11.17 -17.76 20.40
C ALA A 493 12.39 -17.46 21.27
N VAL A 494 12.18 -17.43 22.59
CA VAL A 494 13.28 -17.18 23.51
C VAL A 494 14.27 -18.34 23.43
N MET A 495 13.75 -19.57 23.47
CA MET A 495 14.61 -20.76 23.38
C MET A 495 15.41 -20.70 22.08
N HIS A 496 14.75 -20.26 21.01
CA HIS A 496 15.38 -20.12 19.70
C HIS A 496 16.56 -19.15 19.84
N GLY A 497 16.31 -18.02 20.49
CA GLY A 497 17.38 -17.04 20.70
C GLY A 497 18.50 -17.62 21.54
N ILE A 498 18.13 -18.37 22.59
CA ILE A 498 19.13 -18.98 23.46
C ILE A 498 20.05 -19.88 22.65
N ALA A 499 19.51 -20.44 21.58
CA ALA A 499 20.26 -21.34 20.72
C ALA A 499 20.98 -20.64 19.56
N GLY A 500 21.15 -19.33 19.64
CA GLY A 500 21.85 -18.62 18.58
C GLY A 500 21.02 -18.12 17.41
N SER A 501 19.71 -18.33 17.46
CA SER A 501 18.81 -17.87 16.41
C SER A 501 19.16 -18.33 15.00
N SER A 502 19.81 -19.48 14.89
CA SER A 502 20.19 -20.01 13.60
C SER A 502 19.32 -21.19 13.19
N GLY A 503 18.06 -21.16 13.63
CA GLY A 503 17.12 -22.21 13.31
C GLY A 503 16.75 -23.09 14.50
N TRP A 504 15.46 -23.29 14.70
CA TRP A 504 14.96 -24.12 15.79
C TRP A 504 13.65 -24.79 15.40
N LYS A 505 13.74 -26.06 15.02
CA LYS A 505 12.59 -26.84 14.60
C LYS A 505 11.78 -26.16 13.50
N ALA A 506 10.53 -25.82 13.80
CA ALA A 506 9.66 -25.17 12.82
C ALA A 506 10.00 -23.71 12.62
N LEU A 507 10.86 -23.17 13.48
CA LEU A 507 11.25 -21.76 13.38
C LEU A 507 12.39 -21.60 12.38
N ALA A 508 12.17 -20.74 11.39
CA ALA A 508 13.19 -20.47 10.37
C ALA A 508 14.32 -19.67 11.00
N PRO A 509 15.57 -19.90 10.54
CA PRO A 509 16.73 -19.20 11.07
C PRO A 509 16.62 -17.68 10.99
N ILE A 510 17.13 -16.99 12.00
CA ILE A 510 17.13 -15.53 12.01
C ILE A 510 18.37 -15.10 11.24
N VAL A 511 19.47 -15.78 11.53
CA VAL A 511 20.76 -15.53 10.88
C VAL A 511 21.42 -16.89 10.70
N PRO A 512 22.31 -17.02 9.71
CA PRO A 512 23.00 -18.29 9.45
C PRO A 512 23.84 -18.82 10.61
N GLU A 513 24.65 -17.94 11.20
CA GLU A 513 25.54 -18.33 12.29
C GLU A 513 25.38 -17.42 13.48
N PRO A 514 25.69 -17.92 14.69
CA PRO A 514 25.57 -17.14 15.93
C PRO A 514 26.43 -15.88 15.97
N SER A 515 27.53 -15.88 15.23
CA SER A 515 28.42 -14.73 15.19
C SER A 515 27.71 -13.53 14.56
N GLN A 516 26.59 -13.78 13.89
CA GLN A 516 25.85 -12.70 13.23
C GLN A 516 24.63 -12.23 14.01
N SER A 517 24.41 -12.79 15.20
CA SER A 517 23.27 -12.40 16.01
C SER A 517 23.66 -11.55 17.20
N ILE A 518 23.31 -10.27 17.14
CA ILE A 518 23.60 -9.36 18.23
C ILE A 518 22.42 -9.47 19.19
N ASN A 519 22.64 -10.14 20.31
CA ASN A 519 21.59 -10.36 21.31
C ASN A 519 21.50 -9.23 22.32
N TYR A 520 20.31 -8.64 22.45
CA TYR A 520 20.10 -7.53 23.38
C TYR A 520 18.62 -7.36 23.73
N VAL A 521 18.34 -6.61 24.80
CA VAL A 521 16.96 -6.32 25.19
C VAL A 521 16.79 -4.82 25.43
N GLU A 522 17.90 -4.10 25.35
CA GLU A 522 17.88 -2.64 25.54
C GLU A 522 18.98 -1.97 24.69
N SER A 523 18.70 -0.76 24.25
CA SER A 523 19.65 0.03 23.46
C SER A 523 19.28 1.49 23.71
N HIS A 524 19.97 2.43 23.06
CA HIS A 524 19.66 3.84 23.28
C HIS A 524 18.27 4.17 22.74
N ASP A 525 17.81 3.39 21.76
CA ASP A 525 16.49 3.59 21.16
C ASP A 525 15.37 3.01 22.02
N ASN A 526 14.17 3.58 21.87
CA ASN A 526 12.97 3.14 22.60
C ASN A 526 13.14 3.24 24.11
N HIS A 527 12.08 2.90 24.85
CA HIS A 527 12.11 2.93 26.31
C HIS A 527 13.19 1.97 26.80
N THR A 528 13.78 2.25 27.95
CA THR A 528 14.77 1.36 28.54
C THR A 528 13.97 0.15 28.98
N PHE A 529 14.64 -0.96 29.28
CA PHE A 529 13.94 -2.16 29.71
C PHE A 529 13.12 -1.85 30.97
N TRP A 530 13.71 -1.08 31.89
CA TRP A 530 13.01 -0.74 33.12
C TRP A 530 11.71 0.05 32.87
N ASP A 531 11.80 1.12 32.10
CA ASP A 531 10.63 1.94 31.80
C ASP A 531 9.56 1.18 31.01
N LYS A 532 10.00 0.36 30.06
CA LYS A 532 9.08 -0.43 29.25
C LYS A 532 8.27 -1.36 30.17
N MET A 533 9.00 -2.16 30.95
CA MET A 533 8.41 -3.09 31.89
C MET A 533 7.49 -2.37 32.88
N SER A 534 7.87 -1.16 33.25
CA SER A 534 7.06 -0.38 34.19
C SER A 534 5.69 -0.05 33.60
N PHE A 535 5.60 0.02 32.28
CA PHE A 535 4.34 0.32 31.60
C PHE A 535 3.57 -0.97 31.35
N ALA A 536 4.30 -2.05 31.09
CA ALA A 536 3.67 -3.34 30.82
C ALA A 536 3.23 -4.04 32.10
N LEU A 537 3.91 -3.76 33.21
CA LEU A 537 3.59 -4.37 34.51
C LEU A 537 3.37 -3.27 35.54
N PRO A 538 2.30 -2.46 35.38
CA PRO A 538 1.98 -1.36 36.30
C PRO A 538 1.66 -1.77 37.73
N GLN A 539 1.36 -3.04 37.95
CA GLN A 539 1.02 -3.51 39.29
C GLN A 539 2.12 -4.29 40.00
N GLU A 540 3.29 -4.37 39.38
CA GLU A 540 4.38 -5.10 40.00
C GLU A 540 5.32 -4.20 40.76
N ASN A 541 5.76 -4.66 41.93
CA ASN A 541 6.67 -3.87 42.76
C ASN A 541 8.09 -3.87 42.19
N ASP A 542 8.87 -2.90 42.64
CA ASP A 542 10.24 -2.74 42.19
C ASP A 542 11.08 -4.00 42.34
N SER A 543 10.96 -4.66 43.50
CA SER A 543 11.73 -5.87 43.74
C SER A 543 11.51 -6.92 42.65
N ARG A 544 10.25 -7.17 42.31
CA ARG A 544 9.91 -8.15 41.27
C ARG A 544 10.35 -7.69 39.90
N LYS A 545 10.22 -6.39 39.63
CA LYS A 545 10.64 -5.87 38.34
C LYS A 545 12.16 -6.03 38.19
N ARG A 546 12.89 -5.79 39.27
CA ARG A 546 14.34 -5.94 39.23
C ARG A 546 14.69 -7.39 38.90
N SER A 547 13.97 -8.35 39.46
CA SER A 547 14.26 -9.76 39.21
C SER A 547 13.97 -10.11 37.75
N ARG A 548 12.95 -9.48 37.17
CA ARG A 548 12.60 -9.73 35.78
C ARG A 548 13.67 -9.16 34.84
N GLN A 549 14.17 -7.97 35.16
CA GLN A 549 15.21 -7.35 34.34
C GLN A 549 16.51 -8.12 34.47
N ARG A 550 16.80 -8.63 35.67
CA ARG A 550 18.01 -9.42 35.87
C ARG A 550 17.85 -10.71 35.05
N LEU A 551 16.61 -11.22 35.02
CA LEU A 551 16.32 -12.45 34.28
C LEU A 551 16.57 -12.24 32.79
N ALA A 552 16.17 -11.09 32.27
CA ALA A 552 16.37 -10.80 30.85
C ALA A 552 17.86 -10.75 30.53
N VAL A 553 18.66 -10.30 31.49
CA VAL A 553 20.10 -10.21 31.30
C VAL A 553 20.75 -11.60 31.29
N ALA A 554 20.29 -12.48 32.16
CA ALA A 554 20.82 -13.83 32.23
C ALA A 554 20.49 -14.59 30.94
N ILE A 555 19.28 -14.38 30.43
CA ILE A 555 18.87 -15.04 29.19
C ILE A 555 19.79 -14.62 28.04
N ILE A 556 20.02 -13.32 27.90
CA ILE A 556 20.89 -12.80 26.86
C ILE A 556 22.34 -13.21 27.06
N LEU A 557 22.85 -13.00 28.27
CA LEU A 557 24.24 -13.31 28.57
C LEU A 557 24.61 -14.79 28.53
N LEU A 558 23.64 -15.67 28.74
CA LEU A 558 23.92 -17.09 28.70
C LEU A 558 23.41 -17.72 27.39
N ALA A 559 23.07 -16.86 26.44
CA ALA A 559 22.59 -17.30 25.13
C ALA A 559 23.73 -17.38 24.12
N GLN A 560 23.61 -18.27 23.15
CA GLN A 560 24.63 -18.38 22.12
C GLN A 560 24.46 -17.11 21.28
N GLY A 561 25.57 -16.54 20.81
CA GLY A 561 25.50 -15.34 20.00
C GLY A 561 26.43 -14.27 20.55
N VAL A 562 26.16 -13.02 20.20
CA VAL A 562 26.99 -11.91 20.63
C VAL A 562 26.20 -11.01 21.58
N PRO A 563 26.47 -11.10 22.90
CA PRO A 563 25.75 -10.28 23.89
C PRO A 563 26.05 -8.77 23.80
N PHE A 564 24.99 -7.99 23.94
CA PHE A 564 25.04 -6.54 23.84
C PHE A 564 24.26 -5.94 25.01
N ILE A 565 24.92 -5.05 25.74
CA ILE A 565 24.32 -4.41 26.91
C ILE A 565 24.28 -2.90 26.79
N HIS A 566 23.11 -2.32 27.06
CA HIS A 566 22.98 -0.86 27.00
C HIS A 566 23.52 -0.30 28.31
N SER A 567 24.37 0.73 28.22
CA SER A 567 24.95 1.32 29.42
C SER A 567 23.87 1.71 30.42
N GLY A 568 24.01 1.22 31.66
CA GLY A 568 23.03 1.53 32.69
C GLY A 568 21.98 0.45 32.85
N GLN A 569 21.91 -0.44 31.85
CA GLN A 569 20.96 -1.54 31.90
C GLN A 569 21.22 -2.37 33.15
N GLU A 570 22.50 -2.56 33.46
CA GLU A 570 22.92 -3.35 34.61
C GLU A 570 22.33 -2.84 35.93
N PHE A 571 21.97 -1.56 35.98
CA PHE A 571 21.35 -1.01 37.18
C PHE A 571 20.01 -0.34 36.91
N PHE A 572 19.21 -1.03 36.11
CA PHE A 572 17.85 -0.60 35.79
C PHE A 572 17.71 0.84 35.33
N ARG A 573 18.60 1.26 34.44
CA ARG A 573 18.58 2.62 33.90
C ARG A 573 17.17 3.04 33.51
N THR A 574 16.79 4.24 33.92
CA THR A 574 15.48 4.80 33.61
C THR A 574 15.64 6.15 32.92
N LYS A 575 14.73 6.48 32.02
CA LYS A 575 14.77 7.77 31.34
C LYS A 575 13.49 8.54 31.67
N GLN A 576 12.93 8.26 32.84
CA GLN A 576 11.72 8.91 33.28
C GLN A 576 10.55 8.65 32.34
N GLY A 577 10.56 7.49 31.69
CA GLY A 577 9.48 7.15 30.77
C GLY A 577 9.62 7.69 29.37
N VAL A 578 10.72 8.39 29.10
CA VAL A 578 10.95 8.95 27.75
C VAL A 578 11.26 7.82 26.77
N GLU A 579 10.52 7.80 25.66
CA GLU A 579 10.70 6.76 24.65
C GLU A 579 11.82 7.00 23.63
N ASN A 580 11.99 8.24 23.21
CA ASN A 580 12.99 8.60 22.22
C ASN A 580 13.74 9.84 22.72
N SER A 581 14.79 9.60 23.50
CA SER A 581 15.55 10.69 24.11
C SER A 581 16.66 11.33 23.28
N TYR A 582 16.55 11.27 21.95
CA TYR A 582 17.59 11.83 21.09
C TYR A 582 18.00 13.27 21.40
N GLN A 583 17.07 14.09 21.88
CA GLN A 583 17.39 15.49 22.18
C GLN A 583 16.96 15.89 23.59
N SER A 584 16.66 14.90 24.43
CA SER A 584 16.23 15.18 25.80
C SER A 584 17.39 15.68 26.64
N SER A 585 17.06 16.31 27.76
CA SER A 585 18.07 16.88 28.65
C SER A 585 18.91 15.83 29.35
N ASP A 586 20.00 16.29 29.97
CA ASP A 586 20.89 15.40 30.70
C ASP A 586 20.20 14.75 31.88
N SER A 587 19.16 15.40 32.40
CA SER A 587 18.42 14.85 33.53
C SER A 587 17.80 13.55 33.04
N ILE A 588 17.44 13.51 31.78
CA ILE A 588 16.85 12.34 31.16
C ILE A 588 17.90 11.32 30.72
N ASN A 589 18.91 11.80 30.01
CA ASN A 589 19.94 10.94 29.45
C ASN A 589 21.20 10.56 30.24
N GLN A 590 21.54 11.31 31.28
CA GLN A 590 22.76 11.00 32.01
C GLN A 590 22.79 9.60 32.60
N LEU A 591 23.99 9.04 32.73
CA LEU A 591 24.14 7.72 33.34
C LEU A 591 24.08 8.07 34.82
N ASP A 592 23.10 7.52 35.53
CA ASP A 592 22.93 7.83 36.94
C ASP A 592 23.85 7.02 37.86
N TRP A 593 24.99 7.61 38.21
CA TRP A 593 25.93 6.91 39.08
C TRP A 593 25.40 6.74 40.51
N ASP A 594 24.37 7.51 40.86
CA ASP A 594 23.75 7.39 42.18
C ASP A 594 23.01 6.05 42.17
N ARG A 595 22.32 5.78 41.06
CA ARG A 595 21.56 4.55 40.88
C ARG A 595 22.53 3.36 40.81
N ARG A 596 23.71 3.60 40.27
CA ARG A 596 24.74 2.56 40.18
C ARG A 596 25.13 2.11 41.60
N GLU A 597 25.24 3.07 42.51
CA GLU A 597 25.59 2.76 43.90
C GLU A 597 24.44 1.99 44.55
N THR A 598 23.23 2.53 44.42
CA THR A 598 22.04 1.93 45.00
C THR A 598 21.84 0.46 44.64
N PHE A 599 22.07 0.12 43.38
CA PHE A 599 21.89 -1.26 42.94
C PHE A 599 23.21 -1.95 42.61
N LYS A 600 24.22 -1.65 43.43
CA LYS A 600 25.54 -2.23 43.23
C LYS A 600 25.52 -3.76 43.30
N GLU A 601 24.54 -4.32 44.01
CA GLU A 601 24.46 -5.78 44.11
C GLU A 601 23.91 -6.38 42.83
N ASP A 602 22.97 -5.69 42.20
CA ASP A 602 22.38 -6.14 40.94
C ASP A 602 23.47 -6.05 39.86
N VAL A 603 24.21 -4.95 39.86
CA VAL A 603 25.30 -4.76 38.90
C VAL A 603 26.25 -5.93 39.07
N HIS A 604 26.50 -6.28 40.33
CA HIS A 604 27.40 -7.39 40.63
C HIS A 604 26.86 -8.69 40.04
N TYR A 605 25.54 -8.84 40.01
CA TYR A 605 24.95 -10.04 39.44
C TYR A 605 25.29 -10.17 37.96
N ILE A 606 25.14 -9.09 37.21
CA ILE A 606 25.46 -9.15 35.79
C ILE A 606 26.97 -9.33 35.60
N ARG A 607 27.75 -8.82 36.53
CA ARG A 607 29.20 -8.97 36.44
C ARG A 607 29.54 -10.46 36.53
N ARG A 608 28.86 -11.16 37.44
CA ARG A 608 29.09 -12.58 37.61
C ARG A 608 28.62 -13.36 36.39
N LEU A 609 27.50 -12.93 35.80
CA LEU A 609 27.00 -13.59 34.60
C LEU A 609 28.02 -13.44 33.48
N ILE A 610 28.66 -12.27 33.41
CA ILE A 610 29.66 -12.01 32.37
C ILE A 610 30.91 -12.85 32.61
N SER A 611 31.34 -12.94 33.87
CA SER A 611 32.50 -13.74 34.22
C SER A 611 32.19 -15.21 33.94
N LEU A 612 30.97 -15.62 34.25
CA LEU A 612 30.57 -16.99 34.00
C LEU A 612 30.73 -17.31 32.52
N ARG A 613 30.18 -16.44 31.68
CA ARG A 613 30.25 -16.62 30.22
C ARG A 613 31.69 -16.71 29.73
N LYS A 614 32.55 -15.83 30.23
CA LYS A 614 33.95 -15.82 29.84
C LYS A 614 34.72 -17.07 30.28
N ALA A 615 34.36 -17.59 31.45
CA ALA A 615 35.04 -18.77 31.98
C ALA A 615 34.55 -20.08 31.38
N HIS A 616 33.45 -20.03 30.62
CA HIS A 616 32.91 -21.25 30.03
C HIS A 616 32.53 -21.16 28.56
N PRO A 617 33.40 -21.68 27.67
CA PRO A 617 33.19 -21.68 26.21
C PRO A 617 31.89 -22.35 25.80
N ALA A 618 31.29 -23.12 26.70
CA ALA A 618 30.04 -23.80 26.38
C ALA A 618 28.99 -22.78 25.97
N PHE A 619 29.10 -21.57 26.50
CA PHE A 619 28.16 -20.50 26.19
C PHE A 619 28.60 -19.75 24.95
N ARG A 620 29.78 -20.08 24.45
CA ARG A 620 30.32 -19.40 23.27
C ARG A 620 30.68 -20.32 22.12
N LEU A 621 29.77 -21.22 21.78
CA LEU A 621 29.96 -22.13 20.67
C LEU A 621 30.11 -21.24 19.43
N ARG A 622 30.96 -21.65 18.49
CA ARG A 622 31.24 -20.83 17.31
C ARG A 622 30.46 -21.10 16.03
N SER A 623 29.61 -22.12 16.01
CA SER A 623 28.83 -22.41 14.81
C SER A 623 27.49 -23.04 15.15
N ALA A 624 26.52 -22.87 14.25
CA ALA A 624 25.20 -23.44 14.46
C ALA A 624 25.31 -24.96 14.53
N ALA A 625 26.33 -25.50 13.84
CA ALA A 625 26.57 -26.93 13.82
C ALA A 625 27.06 -27.40 15.19
N ASP A 626 27.96 -26.63 15.81
CA ASP A 626 28.45 -27.02 17.12
C ASP A 626 27.34 -26.92 18.15
N ILE A 627 26.46 -25.92 17.99
CA ILE A 627 25.35 -25.73 18.90
C ILE A 627 24.38 -26.91 18.81
N GLN A 628 24.16 -27.37 17.59
CA GLN A 628 23.27 -28.50 17.36
C GLN A 628 23.86 -29.74 18.01
N ARG A 629 25.15 -29.68 18.28
CA ARG A 629 25.88 -30.80 18.86
C ARG A 629 26.13 -30.72 20.37
N HIS A 630 25.87 -29.58 20.99
CA HIS A 630 26.13 -29.44 22.41
C HIS A 630 25.04 -28.75 23.24
N LEU A 631 23.97 -28.32 22.58
CA LEU A 631 22.90 -27.63 23.28
C LEU A 631 21.56 -28.32 23.03
N GLU A 632 20.81 -28.55 24.10
CA GLU A 632 19.48 -29.15 23.95
C GLU A 632 18.51 -28.61 24.97
N CYS A 633 17.28 -28.40 24.51
CA CYS A 633 16.21 -27.91 25.35
C CYS A 633 15.68 -29.10 26.15
N LEU A 634 15.47 -28.91 27.45
CA LEU A 634 14.97 -29.98 28.31
C LEU A 634 13.55 -29.73 28.79
N THR A 635 13.18 -28.45 28.89
CA THR A 635 11.84 -28.08 29.33
C THR A 635 11.44 -26.73 28.75
N LEU A 636 10.21 -26.64 28.25
CA LEU A 636 9.74 -25.39 27.68
C LEU A 636 8.28 -25.16 28.07
N LYS A 637 8.07 -24.44 29.16
CA LYS A 637 6.74 -24.12 29.67
C LYS A 637 6.53 -22.61 29.57
N GLU A 638 5.31 -22.15 29.86
CA GLU A 638 4.99 -20.73 29.77
C GLU A 638 5.87 -19.81 30.63
N HIS A 639 6.33 -20.28 31.78
CA HIS A 639 7.17 -19.48 32.66
C HIS A 639 8.47 -20.19 33.03
N LEU A 640 8.75 -21.30 32.37
CA LEU A 640 9.94 -22.05 32.69
C LEU A 640 10.62 -22.63 31.45
N ILE A 641 11.91 -22.35 31.31
CA ILE A 641 12.70 -22.84 30.20
C ILE A 641 13.99 -23.42 30.76
N ALA A 642 14.25 -24.68 30.46
CA ALA A 642 15.46 -25.33 30.92
C ALA A 642 16.19 -25.93 29.74
N TYR A 643 17.46 -25.59 29.60
CA TYR A 643 18.26 -26.14 28.52
C TYR A 643 19.59 -26.56 29.13
N ARG A 644 20.39 -27.29 28.36
CA ARG A 644 21.67 -27.75 28.88
C ARG A 644 22.73 -27.85 27.80
N LEU A 645 23.99 -27.73 28.22
CA LEU A 645 25.13 -27.84 27.33
C LEU A 645 25.83 -29.12 27.77
N TYR A 646 26.04 -30.04 26.84
CA TYR A 646 26.67 -31.32 27.13
C TYR A 646 27.82 -31.69 26.21
N ASP A 647 28.40 -32.87 26.43
CA ASP A 647 29.52 -33.37 25.64
C ASP A 647 30.55 -32.26 25.49
N LEU A 648 30.97 -31.70 26.62
CA LEU A 648 31.91 -30.61 26.66
C LEU A 648 33.36 -31.02 26.93
N ASP A 649 33.70 -32.28 26.65
CA ASP A 649 35.06 -32.76 26.88
C ASP A 649 36.11 -31.72 26.57
N GLU A 650 36.38 -31.49 25.28
CA GLU A 650 37.37 -30.48 24.92
C GLU A 650 36.68 -29.19 24.50
N VAL A 651 35.80 -28.71 25.38
CA VAL A 651 35.06 -27.49 25.12
C VAL A 651 35.00 -26.65 26.40
N ASP A 652 34.50 -27.26 27.46
CA ASP A 652 34.34 -26.56 28.73
C ASP A 652 35.05 -27.24 29.89
N GLU A 653 35.24 -26.49 30.97
CA GLU A 653 35.89 -27.00 32.17
C GLU A 653 34.91 -27.93 32.85
N TRP A 654 33.62 -27.65 32.69
CA TRP A 654 32.58 -28.47 33.28
C TRP A 654 32.03 -29.48 32.26
N LYS A 655 31.72 -30.67 32.75
CA LYS A 655 31.20 -31.76 31.92
C LYS A 655 29.78 -31.50 31.40
N ASP A 656 28.91 -31.01 32.27
CA ASP A 656 27.54 -30.74 31.90
C ASP A 656 27.07 -29.47 32.59
N ILE A 657 26.24 -28.70 31.90
CA ILE A 657 25.71 -27.45 32.46
C ILE A 657 24.21 -27.34 32.17
N ILE A 658 23.45 -27.06 33.21
CA ILE A 658 22.01 -26.90 33.07
C ILE A 658 21.61 -25.51 33.53
N VAL A 659 20.78 -24.86 32.72
CA VAL A 659 20.30 -23.51 33.01
C VAL A 659 18.80 -23.49 32.97
N ILE A 660 18.19 -23.01 34.06
CA ILE A 660 16.75 -22.91 34.16
C ILE A 660 16.32 -21.48 34.40
N HIS A 661 15.46 -20.96 33.51
CA HIS A 661 14.95 -19.60 33.62
C HIS A 661 13.48 -19.65 34.07
N HIS A 662 13.20 -18.99 35.19
CA HIS A 662 11.84 -18.97 35.74
C HIS A 662 11.29 -17.54 35.73
N ALA A 663 10.14 -17.34 35.08
CA ALA A 663 9.56 -16.01 34.97
C ALA A 663 8.29 -15.78 35.79
N SER A 664 8.10 -16.57 36.84
CA SER A 664 6.94 -16.43 37.71
C SER A 664 7.39 -16.44 39.16
N PRO A 665 6.69 -15.68 40.03
CA PRO A 665 7.06 -15.63 41.46
C PRO A 665 6.74 -16.87 42.29
N ASP A 666 6.03 -17.83 41.71
CA ASP A 666 5.69 -19.04 42.45
C ASP A 666 6.91 -19.94 42.57
N SER A 667 6.76 -21.02 43.33
CA SER A 667 7.85 -21.96 43.53
C SER A 667 7.50 -23.32 42.93
N VAL A 668 8.48 -23.95 42.29
CA VAL A 668 8.27 -25.25 41.68
C VAL A 668 9.52 -26.12 41.77
N GLU A 669 9.33 -27.43 41.67
CA GLU A 669 10.44 -28.37 41.71
C GLU A 669 10.71 -28.76 40.26
N TRP A 670 11.97 -29.04 39.95
CA TRP A 670 12.34 -29.43 38.59
C TRP A 670 13.22 -30.68 38.65
N ARG A 671 12.84 -31.71 37.90
CA ARG A 671 13.61 -32.95 37.86
C ARG A 671 14.75 -32.87 36.86
N LEU A 672 15.95 -33.26 37.30
CA LEU A 672 17.10 -33.27 36.42
C LEU A 672 16.97 -34.49 35.52
N PRO A 673 17.64 -34.48 34.36
CA PRO A 673 17.60 -35.60 33.40
C PRO A 673 18.33 -36.85 33.87
N ASN A 674 18.84 -36.81 35.09
CA ASN A 674 19.56 -37.95 35.65
C ASN A 674 19.60 -37.86 37.17
N ASP A 675 20.33 -38.77 37.81
CA ASP A 675 20.43 -38.78 39.26
C ASP A 675 21.84 -38.47 39.76
N ILE A 676 22.69 -37.99 38.88
CA ILE A 676 24.06 -37.63 39.25
C ILE A 676 24.03 -36.34 40.05
N PRO A 677 24.80 -36.27 41.15
CA PRO A 677 24.81 -35.04 41.96
C PRO A 677 25.40 -33.88 41.16
N TYR A 678 24.74 -32.72 41.24
CA TYR A 678 25.21 -31.52 40.55
C TYR A 678 25.51 -30.42 41.56
N ARG A 679 26.22 -29.39 41.12
CA ARG A 679 26.52 -28.26 41.98
C ARG A 679 25.52 -27.14 41.71
N LEU A 680 24.91 -26.61 42.76
CA LEU A 680 23.96 -25.51 42.61
C LEU A 680 24.82 -24.26 42.57
N LEU A 681 25.07 -23.75 41.36
CA LEU A 681 25.90 -22.58 41.20
C LEU A 681 25.16 -21.26 41.33
N CYS A 682 23.87 -21.26 41.01
CA CYS A 682 23.09 -20.03 41.07
C CYS A 682 21.60 -20.32 41.12
N ASP A 683 20.86 -19.39 41.73
CA ASP A 683 19.41 -19.53 41.85
C ASP A 683 18.84 -18.10 41.87
N PRO A 684 17.51 -17.96 41.99
CA PRO A 684 16.92 -16.61 42.01
C PRO A 684 17.55 -15.62 42.98
N SER A 685 18.26 -16.13 43.98
CA SER A 685 18.91 -15.29 44.97
C SER A 685 20.25 -14.77 44.43
N GLY A 686 20.75 -15.43 43.40
CA GLY A 686 22.00 -15.05 42.80
C GLY A 686 22.99 -16.18 42.90
N PHE A 687 24.25 -15.90 42.57
CA PHE A 687 25.29 -16.93 42.63
C PHE A 687 25.61 -17.33 44.05
N GLN A 688 25.89 -18.62 44.22
CA GLN A 688 26.22 -19.20 45.52
C GLN A 688 27.73 -19.27 45.70
N GLU A 689 28.23 -18.66 46.77
CA GLU A 689 29.66 -18.65 47.05
C GLU A 689 30.22 -20.06 47.09
N ASP A 690 29.59 -20.93 47.88
CA ASP A 690 30.04 -22.30 47.98
C ASP A 690 28.95 -23.22 47.45
N PRO A 691 29.02 -23.53 46.14
CA PRO A 691 28.04 -24.39 45.48
C PRO A 691 27.71 -25.66 46.24
N THR A 692 26.44 -25.77 46.65
CA THR A 692 25.98 -26.95 47.37
C THR A 692 25.67 -27.99 46.31
N GLU A 693 25.63 -29.27 46.69
CA GLU A 693 25.32 -30.31 45.74
C GLU A 693 23.87 -30.76 45.90
N ILE A 694 23.19 -30.92 44.77
CA ILE A 694 21.80 -31.35 44.78
C ILE A 694 21.66 -32.57 43.87
N LYS A 695 20.61 -33.37 44.07
CA LYS A 695 20.41 -34.56 43.27
C LYS A 695 18.96 -34.75 42.82
N LYS A 696 18.80 -35.38 41.66
CA LYS A 696 17.51 -35.69 41.06
C LYS A 696 16.57 -34.51 40.84
N THR A 697 16.41 -33.66 41.85
CA THR A 697 15.52 -32.51 41.73
C THR A 697 16.13 -31.26 42.35
N VAL A 698 15.57 -30.11 41.98
CA VAL A 698 16.04 -28.84 42.49
C VAL A 698 14.84 -27.90 42.58
N ALA A 699 14.86 -27.04 43.60
CA ALA A 699 13.77 -26.09 43.78
C ALA A 699 14.03 -24.83 42.96
N VAL A 700 12.98 -24.31 42.34
CA VAL A 700 13.07 -23.11 41.53
C VAL A 700 12.10 -22.12 42.18
N ASN A 701 12.60 -21.36 43.13
CA ASN A 701 11.77 -20.41 43.87
C ASN A 701 11.73 -18.98 43.34
N GLY A 702 10.61 -18.62 42.73
CA GLY A 702 10.43 -17.28 42.22
C GLY A 702 11.15 -16.93 40.92
N ILE A 703 11.04 -15.67 40.54
CA ILE A 703 11.66 -15.15 39.33
C ILE A 703 13.18 -15.18 39.42
N GLY A 704 13.82 -15.80 38.44
CA GLY A 704 15.26 -15.86 38.46
C GLY A 704 15.80 -17.00 37.64
N THR A 705 17.10 -17.23 37.77
CA THR A 705 17.76 -18.28 37.04
C THR A 705 18.51 -19.21 37.97
N VAL A 706 18.45 -20.50 37.67
CA VAL A 706 19.17 -21.49 38.45
C VAL A 706 20.17 -22.15 37.52
N ILE A 707 21.39 -22.30 38.00
CA ILE A 707 22.44 -22.90 37.19
C ILE A 707 23.07 -24.06 37.95
N LEU A 708 23.09 -25.22 37.30
CA LEU A 708 23.65 -26.44 37.86
C LEU A 708 24.79 -26.85 36.94
N TYR A 709 25.86 -27.38 37.52
CA TYR A 709 26.98 -27.81 36.71
C TYR A 709 27.63 -29.07 37.28
N LEU A 710 28.17 -29.88 36.37
CA LEU A 710 28.83 -31.11 36.75
C LEU A 710 30.31 -30.94 36.39
N ALA A 711 31.18 -31.04 37.38
CA ALA A 711 32.61 -30.89 37.14
C ALA A 711 33.15 -32.08 36.34
N SER A 712 34.46 -32.25 36.36
CA SER A 712 35.09 -33.35 35.64
C SER A 712 35.91 -34.22 36.59
N MET B 1 -57.29 19.10 -19.08
CA MET B 1 -58.74 18.72 -19.09
C MET B 1 -58.94 17.36 -18.43
N VAL B 2 -60.21 17.05 -18.15
CA VAL B 2 -60.59 15.79 -17.54
C VAL B 2 -60.00 15.56 -16.15
N SER B 3 -60.87 15.63 -15.15
CA SER B 3 -60.47 15.41 -13.77
C SER B 3 -61.73 15.40 -12.91
N ILE B 4 -61.61 14.92 -11.69
CA ILE B 4 -62.75 14.90 -10.79
C ILE B 4 -63.00 16.34 -10.39
N ARG B 5 -64.25 16.79 -10.53
CA ARG B 5 -64.57 18.16 -10.15
C ARG B 5 -64.47 18.25 -8.64
N ARG B 6 -63.80 19.30 -8.15
CA ARG B 6 -63.64 19.49 -6.72
C ARG B 6 -63.80 20.95 -6.30
N SER B 7 -64.43 21.17 -5.15
CA SER B 7 -64.65 22.52 -4.63
C SER B 7 -63.33 23.18 -4.25
N PHE B 8 -62.44 22.37 -3.66
CA PHE B 8 -61.11 22.82 -3.25
C PHE B 8 -60.24 21.59 -3.07
N GLU B 9 -59.00 21.77 -2.64
CA GLU B 9 -58.11 20.63 -2.48
C GLU B 9 -57.55 20.47 -1.08
N ALA B 10 -57.29 19.22 -0.70
CA ALA B 10 -56.72 18.91 0.60
C ALA B 10 -55.75 17.74 0.44
N TYR B 11 -54.55 17.91 0.99
CA TYR B 11 -53.51 16.87 0.92
C TYR B 11 -52.94 16.56 2.29
N VAL B 12 -52.58 15.31 2.51
CA VAL B 12 -51.97 14.88 3.76
C VAL B 12 -50.45 14.91 3.52
N ASP B 13 -49.80 15.94 4.05
CA ASP B 13 -48.36 16.10 3.89
C ASP B 13 -47.50 15.47 4.96
N ASP B 14 -48.11 15.04 6.06
CA ASP B 14 -47.39 14.37 7.13
C ASP B 14 -48.41 13.57 7.92
N MET B 15 -47.96 12.72 8.82
CA MET B 15 -48.87 11.89 9.59
C MET B 15 -50.02 12.67 10.26
N ASN B 16 -49.77 13.92 10.63
CA ASN B 16 -50.77 14.75 11.30
C ASN B 16 -50.97 16.10 10.65
N ILE B 17 -50.47 16.26 9.43
CA ILE B 17 -50.61 17.54 8.75
C ILE B 17 -51.44 17.45 7.48
N ILE B 18 -52.47 18.28 7.40
CA ILE B 18 -53.34 18.32 6.24
C ILE B 18 -53.33 19.72 5.64
N THR B 19 -52.84 19.82 4.42
CA THR B 19 -52.78 21.10 3.73
C THR B 19 -54.06 21.27 2.94
N VAL B 20 -54.68 22.43 3.08
CA VAL B 20 -55.92 22.74 2.38
C VAL B 20 -55.68 23.91 1.44
N LEU B 21 -55.93 23.70 0.15
CA LEU B 21 -55.74 24.75 -0.84
C LEU B 21 -57.09 25.23 -1.36
N ILE B 22 -57.38 26.50 -1.13
CA ILE B 22 -58.65 27.07 -1.57
C ILE B 22 -58.47 28.02 -2.74
N PRO B 23 -59.24 27.80 -3.82
CA PRO B 23 -59.10 28.69 -4.97
C PRO B 23 -59.31 30.15 -4.54
N ALA B 24 -58.45 31.03 -5.04
CA ALA B 24 -58.50 32.44 -4.69
C ALA B 24 -59.91 33.04 -4.69
N GLU B 25 -60.66 32.77 -5.75
CA GLU B 25 -62.01 33.32 -5.87
C GLU B 25 -62.97 32.81 -4.79
N GLN B 26 -62.56 31.81 -4.04
CA GLN B 26 -63.42 31.24 -3.01
C GLN B 26 -62.85 31.41 -1.60
N LYS B 27 -61.79 32.19 -1.47
CA LYS B 27 -61.17 32.41 -0.17
C LYS B 27 -62.15 32.87 0.90
N GLU B 28 -62.98 33.85 0.56
CA GLU B 28 -63.95 34.39 1.52
C GLU B 28 -65.18 33.51 1.71
N ILE B 29 -65.30 32.46 0.92
CA ILE B 29 -66.44 31.54 1.03
C ILE B 29 -66.08 30.22 1.72
N MET B 30 -65.06 29.54 1.21
CA MET B 30 -64.64 28.27 1.79
C MET B 30 -63.59 28.53 2.85
N THR B 31 -64.06 28.99 4.01
CA THR B 31 -63.17 29.33 5.11
C THR B 31 -63.23 28.34 6.25
N PRO B 32 -62.20 28.34 7.11
CA PRO B 32 -62.19 27.42 8.24
C PRO B 32 -63.27 27.91 9.21
N PRO B 33 -63.60 27.13 10.25
CA PRO B 33 -63.07 25.82 10.62
C PRO B 33 -63.16 24.73 9.56
N PHE B 34 -62.10 23.94 9.47
CA PHE B 34 -62.04 22.81 8.56
C PHE B 34 -62.13 21.58 9.45
N ARG B 35 -62.89 20.58 9.00
CA ARG B 35 -62.99 19.35 9.78
C ARG B 35 -62.54 18.17 8.91
N LEU B 36 -62.10 17.11 9.56
CA LEU B 36 -61.65 15.90 8.87
C LEU B 36 -62.66 14.79 9.18
N GLU B 37 -63.19 14.19 8.13
CA GLU B 37 -64.19 13.14 8.26
C GLU B 37 -63.82 11.81 7.62
N THR B 38 -64.39 10.75 8.16
CA THR B 38 -64.22 9.39 7.63
C THR B 38 -65.57 8.76 7.96
N GLU B 39 -65.83 7.58 7.43
CA GLU B 39 -67.10 6.90 7.69
C GLU B 39 -67.30 6.68 9.19
N ILE B 40 -66.21 6.75 9.94
CA ILE B 40 -66.25 6.51 11.38
C ILE B 40 -65.93 7.74 12.21
N THR B 41 -65.20 8.68 11.63
CA THR B 41 -64.78 9.86 12.38
C THR B 41 -65.11 11.24 11.79
N ASP B 42 -65.19 12.21 12.68
CA ASP B 42 -65.48 13.61 12.36
C ASP B 42 -64.73 14.44 13.39
N PHE B 43 -63.52 14.89 13.05
CA PHE B 43 -62.70 15.67 13.96
C PHE B 43 -62.38 17.07 13.44
N PRO B 44 -62.08 18.01 14.36
CA PRO B 44 -61.75 19.37 13.97
C PRO B 44 -60.28 19.45 13.56
N LEU B 45 -59.97 20.40 12.69
CA LEU B 45 -58.58 20.60 12.27
C LEU B 45 -58.17 21.98 12.76
N ALA B 46 -56.95 22.09 13.25
CA ALA B 46 -56.46 23.38 13.73
C ALA B 46 -55.54 23.97 12.66
N VAL B 47 -55.74 25.24 12.34
CA VAL B 47 -54.89 25.91 11.36
C VAL B 47 -53.63 26.34 12.09
N ARG B 48 -52.47 25.90 11.59
CA ARG B 48 -51.19 26.24 12.22
C ARG B 48 -50.56 27.44 11.54
N GLU B 49 -50.80 27.57 10.24
CA GLU B 49 -50.27 28.65 9.45
C GLU B 49 -51.10 28.76 8.18
N GLU B 50 -51.12 29.93 7.57
CA GLU B 50 -51.90 30.15 6.36
C GLU B 50 -51.34 31.31 5.55
N TYR B 51 -51.38 31.17 4.23
CA TYR B 51 -50.87 32.21 3.35
C TYR B 51 -51.33 31.99 1.92
N SER B 52 -51.18 33.02 1.10
CA SER B 52 -51.62 32.94 -0.29
C SER B 52 -50.56 32.46 -1.27
N LEU B 53 -51.04 31.84 -2.36
CA LEU B 53 -50.17 31.33 -3.41
C LEU B 53 -50.58 32.07 -4.68
N GLU B 54 -50.08 31.62 -5.83
CA GLU B 54 -50.41 32.27 -7.09
C GLU B 54 -51.91 32.55 -7.22
N ALA B 55 -52.73 31.51 -7.23
CA ALA B 55 -54.16 31.68 -7.38
C ALA B 55 -54.95 30.84 -6.38
N LYS B 56 -54.29 30.48 -5.28
CA LYS B 56 -54.94 29.67 -4.23
C LYS B 56 -54.52 30.17 -2.86
N TYR B 57 -55.38 29.98 -1.86
CA TYR B 57 -55.05 30.37 -0.51
C TYR B 57 -54.79 29.07 0.24
N LYS B 58 -53.65 29.02 0.92
CA LYS B 58 -53.24 27.81 1.62
C LYS B 58 -53.32 27.81 3.14
N TYR B 59 -53.86 26.72 3.69
CA TYR B 59 -53.96 26.54 5.14
C TYR B 59 -53.24 25.26 5.54
N VAL B 60 -52.27 25.36 6.43
CA VAL B 60 -51.56 24.18 6.90
C VAL B 60 -52.25 23.77 8.20
N CYS B 61 -52.98 22.66 8.16
CA CYS B 61 -53.71 22.21 9.32
C CYS B 61 -53.12 21.01 10.05
N VAL B 62 -53.43 20.92 11.34
CA VAL B 62 -52.93 19.85 12.18
C VAL B 62 -54.10 19.06 12.75
N SER B 63 -53.97 17.75 12.75
CA SER B 63 -55.01 16.88 13.30
C SER B 63 -54.50 16.24 14.58
N ASP B 64 -55.40 16.08 15.56
CA ASP B 64 -55.03 15.49 16.83
C ASP B 64 -54.67 14.02 16.62
N HIS B 65 -55.55 13.30 15.93
CA HIS B 65 -55.33 11.89 15.66
C HIS B 65 -54.69 11.71 14.29
N PRO B 66 -53.73 10.78 14.19
CA PRO B 66 -53.04 10.50 12.94
C PRO B 66 -54.02 10.04 11.86
N VAL B 67 -53.77 10.43 10.61
CA VAL B 67 -54.65 10.03 9.52
C VAL B 67 -54.63 8.51 9.39
N THR B 68 -55.80 7.91 9.21
CA THR B 68 -55.90 6.47 9.06
C THR B 68 -55.95 6.11 7.57
N PHE B 69 -54.81 5.75 7.01
CA PHE B 69 -54.72 5.40 5.60
C PHE B 69 -55.50 4.13 5.25
N GLY B 70 -56.17 4.17 4.10
CA GLY B 70 -56.96 3.03 3.66
C GLY B 70 -58.43 3.40 3.62
N LYS B 71 -58.78 4.43 4.39
CA LYS B 71 -60.16 4.91 4.45
C LYS B 71 -60.27 6.25 3.75
N ILE B 72 -61.36 6.45 3.04
CA ILE B 72 -61.59 7.71 2.34
C ILE B 72 -61.79 8.80 3.37
N HIS B 73 -61.06 9.90 3.22
CA HIS B 73 -61.17 11.03 4.13
C HIS B 73 -61.69 12.23 3.36
N CYS B 74 -62.59 12.97 3.97
CA CYS B 74 -63.13 14.17 3.34
C CYS B 74 -62.90 15.34 4.30
N VAL B 75 -62.45 16.46 3.75
CA VAL B 75 -62.23 17.66 4.56
C VAL B 75 -63.42 18.56 4.32
N ARG B 76 -64.02 19.06 5.39
CA ARG B 76 -65.18 19.94 5.29
C ARG B 76 -64.84 21.37 5.68
N ALA B 77 -65.25 22.33 4.85
CA ALA B 77 -65.04 23.74 5.13
C ALA B 77 -66.30 24.21 5.85
N SER B 78 -66.23 25.32 6.59
CA SER B 78 -67.39 25.82 7.32
C SER B 78 -68.58 26.17 6.42
N SER B 79 -68.31 26.38 5.14
CA SER B 79 -69.35 26.74 4.18
C SER B 79 -70.17 25.52 3.77
N GLY B 80 -69.70 24.34 4.16
CA GLY B 80 -70.42 23.13 3.81
C GLY B 80 -69.75 22.38 2.68
N HIS B 81 -68.87 23.04 1.93
CA HIS B 81 -68.18 22.36 0.84
C HIS B 81 -67.25 21.30 1.38
N LYS B 82 -67.00 20.27 0.58
CA LYS B 82 -66.11 19.19 0.98
C LYS B 82 -65.23 18.76 -0.18
N THR B 83 -64.19 18.02 0.13
CA THR B 83 -63.29 17.49 -0.88
C THR B 83 -62.64 16.24 -0.31
N ASP B 84 -62.19 15.36 -1.20
CA ASP B 84 -61.54 14.13 -0.77
C ASP B 84 -60.07 14.40 -0.46
N LEU B 85 -59.60 13.86 0.64
CA LEU B 85 -58.20 14.02 1.06
C LEU B 85 -57.31 13.35 0.02
N GLN B 86 -56.40 14.10 -0.56
CA GLN B 86 -55.46 13.57 -1.55
C GLN B 86 -54.10 13.30 -0.92
N ILE B 87 -53.29 12.49 -1.59
CA ILE B 87 -51.97 12.14 -1.09
C ILE B 87 -50.97 13.28 -1.21
N GLY B 88 -50.37 13.65 -0.09
CA GLY B 88 -49.40 14.72 -0.10
C GLY B 88 -47.99 14.18 0.03
N ALA B 89 -47.12 14.92 0.72
CA ALA B 89 -45.74 14.49 0.90
C ALA B 89 -45.54 13.48 2.01
N VAL B 90 -46.63 13.12 2.71
CA VAL B 90 -46.55 12.18 3.83
C VAL B 90 -45.83 10.87 3.51
N ILE B 91 -45.97 10.39 2.28
CA ILE B 91 -45.37 9.13 1.86
C ILE B 91 -43.86 9.09 1.96
N ARG B 92 -43.22 10.26 1.94
CA ARG B 92 -41.77 10.33 2.01
C ARG B 92 -41.19 10.52 3.40
N THR B 93 -42.05 10.62 4.41
CA THR B 93 -41.60 10.81 5.78
C THR B 93 -41.13 9.50 6.43
N ALA B 94 -40.27 9.62 7.42
CA ALA B 94 -39.74 8.46 8.12
C ALA B 94 -40.86 7.77 8.91
N ALA B 95 -41.78 8.58 9.43
CA ALA B 95 -42.91 8.07 10.20
C ALA B 95 -43.81 7.19 9.34
N PHE B 96 -44.10 7.63 8.11
CA PHE B 96 -44.93 6.86 7.20
C PHE B 96 -44.23 5.53 6.93
N ASP B 97 -42.94 5.61 6.59
CA ASP B 97 -42.11 4.45 6.28
C ASP B 97 -42.07 3.44 7.45
N ASP B 98 -41.82 3.94 8.66
CA ASP B 98 -41.78 3.05 9.82
C ASP B 98 -43.15 2.43 10.10
N GLU B 99 -44.19 3.23 9.92
CA GLU B 99 -45.56 2.77 10.14
C GLU B 99 -45.96 1.66 9.16
N PHE B 100 -45.60 1.82 7.89
CA PHE B 100 -46.01 0.84 6.89
C PHE B 100 -45.01 -0.18 6.35
N TYR B 101 -43.76 -0.17 6.82
CA TYR B 101 -42.81 -1.16 6.33
C TYR B 101 -43.37 -2.58 6.48
N TYR B 102 -43.39 -3.33 5.39
CA TYR B 102 -43.87 -4.70 5.39
C TYR B 102 -42.74 -5.67 5.11
N ASP B 103 -42.50 -6.59 6.04
CA ASP B 103 -41.41 -7.53 5.93
C ASP B 103 -41.75 -8.84 5.21
N GLY B 104 -43.02 -9.04 4.87
CA GLY B 104 -43.43 -10.26 4.22
C GLY B 104 -43.22 -10.34 2.71
N GLU B 105 -43.69 -11.42 2.09
CA GLU B 105 -43.50 -11.55 0.65
C GLU B 105 -44.63 -10.90 -0.13
N LEU B 106 -44.27 -10.25 -1.23
CA LEU B 106 -45.21 -9.54 -2.08
C LEU B 106 -45.29 -10.20 -3.45
N GLY B 107 -46.35 -9.88 -4.19
CA GLY B 107 -46.52 -10.45 -5.52
C GLY B 107 -47.56 -11.54 -5.53
N ALA B 108 -47.47 -12.44 -6.52
CA ALA B 108 -48.41 -13.55 -6.61
C ALA B 108 -47.77 -14.81 -6.06
N VAL B 109 -48.30 -15.32 -4.96
CA VAL B 109 -47.78 -16.54 -4.34
C VAL B 109 -48.66 -17.68 -4.81
N TYR B 110 -48.12 -18.50 -5.71
CA TYR B 110 -48.85 -19.60 -6.31
C TYR B 110 -48.72 -21.00 -5.70
N THR B 111 -49.83 -21.73 -5.74
CA THR B 111 -49.92 -23.12 -5.31
C THR B 111 -50.93 -23.66 -6.31
N ALA B 112 -50.88 -24.96 -6.60
CA ALA B 112 -51.81 -25.55 -7.56
C ALA B 112 -53.26 -25.32 -7.14
N ASP B 113 -53.47 -25.29 -5.83
CA ASP B 113 -54.81 -25.13 -5.24
C ASP B 113 -55.35 -23.71 -5.31
N HIS B 114 -54.47 -22.73 -5.11
CA HIS B 114 -54.89 -21.34 -5.12
C HIS B 114 -53.68 -20.42 -5.24
N THR B 115 -53.95 -19.13 -5.45
CA THR B 115 -52.90 -18.14 -5.55
C THR B 115 -53.26 -16.95 -4.67
N VAL B 116 -52.28 -16.49 -3.89
CA VAL B 116 -52.47 -15.34 -3.01
C VAL B 116 -51.78 -14.13 -3.65
N PHE B 117 -52.52 -13.04 -3.82
CA PHE B 117 -51.95 -11.83 -4.42
C PHE B 117 -51.79 -10.77 -3.34
N LYS B 118 -50.61 -10.17 -3.27
CA LYS B 118 -50.35 -9.13 -2.28
C LYS B 118 -49.58 -7.97 -2.89
N VAL B 119 -49.99 -6.75 -2.56
CA VAL B 119 -49.34 -5.57 -3.06
C VAL B 119 -49.31 -4.53 -1.95
N TRP B 120 -48.21 -3.78 -1.87
CA TRP B 120 -48.03 -2.74 -0.86
C TRP B 120 -48.53 -1.42 -1.43
N ALA B 121 -49.70 -0.97 -0.97
CA ALA B 121 -50.29 0.29 -1.43
C ALA B 121 -50.85 1.01 -0.22
N PRO B 122 -49.98 1.40 0.71
CA PRO B 122 -50.36 2.09 1.94
C PRO B 122 -51.17 3.38 1.80
N ALA B 123 -50.92 4.16 0.75
CA ALA B 123 -51.65 5.40 0.57
C ALA B 123 -52.97 5.25 -0.18
N ALA B 124 -53.26 4.04 -0.62
CA ALA B 124 -54.50 3.78 -1.38
C ALA B 124 -55.70 3.54 -0.47
N THR B 125 -56.90 3.62 -1.03
CA THR B 125 -58.13 3.40 -0.28
C THR B 125 -58.81 2.13 -0.76
N SER B 126 -58.24 1.51 -1.79
CA SER B 126 -58.79 0.29 -2.33
C SER B 126 -57.88 -0.30 -3.40
N ALA B 127 -58.01 -1.60 -3.63
CA ALA B 127 -57.22 -2.32 -4.63
C ALA B 127 -57.95 -3.57 -5.07
N ALA B 128 -57.59 -4.07 -6.25
CA ALA B 128 -58.21 -5.27 -6.80
C ALA B 128 -57.25 -5.92 -7.78
N VAL B 129 -57.48 -7.19 -8.07
CA VAL B 129 -56.64 -7.90 -9.02
C VAL B 129 -57.49 -8.26 -10.23
N LYS B 130 -57.00 -7.89 -11.41
CA LYS B 130 -57.70 -8.16 -12.65
C LYS B 130 -57.02 -9.32 -13.36
N LEU B 131 -57.74 -10.41 -13.49
CA LEU B 131 -57.23 -11.62 -14.14
C LEU B 131 -57.83 -11.77 -15.51
N SER B 132 -57.00 -12.18 -16.47
CA SER B 132 -57.45 -12.40 -17.83
C SER B 132 -56.69 -13.60 -18.39
N HIS B 133 -57.29 -14.26 -19.38
CA HIS B 133 -56.69 -15.44 -19.98
C HIS B 133 -57.01 -15.44 -21.46
N PRO B 134 -56.04 -15.81 -22.32
CA PRO B 134 -56.26 -15.83 -23.78
C PRO B 134 -57.56 -16.49 -24.24
N ASN B 135 -58.00 -17.55 -23.57
CA ASN B 135 -59.23 -18.21 -23.96
C ASN B 135 -60.27 -18.36 -22.84
N LYS B 136 -59.88 -18.07 -21.60
CA LYS B 136 -60.79 -18.18 -20.47
C LYS B 136 -61.49 -16.85 -20.16
N SER B 137 -62.44 -16.89 -19.23
CA SER B 137 -63.18 -15.70 -18.85
C SER B 137 -62.40 -14.82 -17.88
N GLY B 138 -62.57 -13.50 -18.00
CA GLY B 138 -61.89 -12.58 -17.12
C GLY B 138 -62.62 -12.39 -15.81
N ARG B 139 -61.89 -12.02 -14.77
CA ARG B 139 -62.49 -11.80 -13.45
C ARG B 139 -61.64 -10.78 -12.71
N THR B 140 -62.29 -9.88 -11.99
CA THR B 140 -61.58 -8.89 -11.20
C THR B 140 -62.12 -8.96 -9.78
N PHE B 141 -61.23 -9.26 -8.83
CA PHE B 141 -61.61 -9.39 -7.43
C PHE B 141 -61.04 -8.29 -6.55
N GLN B 142 -61.87 -7.80 -5.64
CA GLN B 142 -61.45 -6.76 -4.73
C GLN B 142 -60.50 -7.38 -3.72
N MET B 143 -59.51 -6.61 -3.29
CA MET B 143 -58.55 -7.10 -2.32
C MET B 143 -58.84 -6.48 -0.96
N THR B 144 -58.41 -7.15 0.10
CA THR B 144 -58.65 -6.67 1.46
C THR B 144 -57.39 -6.03 2.02
N ARG B 145 -57.56 -4.91 2.71
CA ARG B 145 -56.40 -4.25 3.30
C ARG B 145 -56.03 -4.95 4.60
N LEU B 146 -54.79 -5.42 4.67
CA LEU B 146 -54.29 -6.07 5.88
C LEU B 146 -53.45 -5.03 6.60
N GLU B 147 -52.60 -5.48 7.53
CA GLU B 147 -51.73 -4.56 8.25
C GLU B 147 -50.59 -4.16 7.34
N LYS B 148 -49.91 -3.08 7.70
CA LYS B 148 -48.77 -2.58 6.94
C LYS B 148 -49.05 -2.12 5.50
N GLY B 149 -50.26 -1.63 5.26
CA GLY B 149 -50.61 -1.13 3.94
C GLY B 149 -50.62 -2.14 2.80
N VAL B 150 -50.68 -3.43 3.15
CA VAL B 150 -50.71 -4.48 2.15
C VAL B 150 -52.14 -4.88 1.83
N TYR B 151 -52.45 -4.98 0.54
CA TYR B 151 -53.77 -5.40 0.10
C TYR B 151 -53.57 -6.83 -0.40
N ALA B 152 -54.52 -7.70 -0.09
CA ALA B 152 -54.41 -9.08 -0.50
C ALA B 152 -55.75 -9.74 -0.78
N VAL B 153 -55.70 -10.85 -1.50
CA VAL B 153 -56.86 -11.64 -1.80
C VAL B 153 -56.38 -13.01 -2.24
N THR B 154 -57.08 -14.04 -1.80
CA THR B 154 -56.73 -15.40 -2.15
C THR B 154 -57.77 -15.90 -3.14
N VAL B 155 -57.31 -16.35 -4.29
CA VAL B 155 -58.18 -16.83 -5.34
C VAL B 155 -58.06 -18.35 -5.50
N THR B 156 -59.18 -19.03 -5.33
CA THR B 156 -59.23 -20.49 -5.45
C THR B 156 -59.13 -20.91 -6.89
N GLY B 157 -58.47 -22.04 -7.13
CA GLY B 157 -58.31 -22.54 -8.47
C GLY B 157 -56.86 -22.53 -8.91
N ASP B 158 -56.58 -23.14 -10.07
CA ASP B 158 -55.22 -23.17 -10.59
C ASP B 158 -55.10 -22.02 -11.58
N LEU B 159 -54.37 -20.98 -11.16
CA LEU B 159 -54.19 -19.80 -12.00
C LEU B 159 -53.01 -19.82 -12.96
N HIS B 160 -52.40 -20.99 -13.16
CA HIS B 160 -51.27 -21.05 -14.07
C HIS B 160 -51.66 -20.58 -15.46
N GLY B 161 -50.91 -19.64 -16.01
CA GLY B 161 -51.21 -19.15 -17.34
C GLY B 161 -52.06 -17.90 -17.32
N TYR B 162 -52.67 -17.59 -16.17
CA TYR B 162 -53.50 -16.40 -16.07
C TYR B 162 -52.67 -15.12 -16.06
N GLU B 163 -53.14 -14.13 -16.81
CA GLU B 163 -52.48 -12.84 -16.86
C GLU B 163 -53.11 -12.06 -15.73
N TYR B 164 -52.34 -11.19 -15.08
CA TYR B 164 -52.89 -10.39 -14.00
C TYR B 164 -52.31 -8.99 -13.96
N LEU B 165 -53.13 -8.08 -13.41
CA LEU B 165 -52.78 -6.68 -13.24
C LEU B 165 -53.40 -6.30 -11.91
N PHE B 166 -52.86 -5.27 -11.26
CA PHE B 166 -53.40 -4.80 -10.01
C PHE B 166 -54.09 -3.48 -10.32
N CYS B 167 -55.19 -3.22 -9.66
CA CYS B 167 -55.92 -1.98 -9.83
C CYS B 167 -55.74 -1.30 -8.48
N ILE B 168 -55.14 -0.12 -8.47
CA ILE B 168 -54.89 0.60 -7.22
C ILE B 168 -55.61 1.96 -7.22
N CYS B 169 -56.37 2.22 -6.17
CA CYS B 169 -57.09 3.47 -6.06
C CYS B 169 -56.37 4.48 -5.17
N ASN B 170 -55.72 5.43 -5.82
CA ASN B 170 -55.02 6.50 -5.12
C ASN B 170 -55.67 7.82 -5.54
N ASN B 171 -55.92 8.70 -4.58
CA ASN B 171 -56.51 10.00 -4.88
C ASN B 171 -57.87 9.84 -5.58
N SER B 172 -58.60 8.79 -5.24
CA SER B 172 -59.90 8.51 -5.83
C SER B 172 -59.83 8.17 -7.31
N GLU B 173 -58.63 7.93 -7.82
CA GLU B 173 -58.43 7.55 -9.21
C GLU B 173 -57.85 6.15 -9.27
N TRP B 174 -58.47 5.28 -10.07
CA TRP B 174 -57.99 3.92 -10.21
C TRP B 174 -56.94 3.84 -11.30
N MET B 175 -55.84 3.16 -10.99
CA MET B 175 -54.78 2.98 -11.97
C MET B 175 -54.44 1.51 -12.12
N GLU B 176 -54.34 1.09 -13.38
CA GLU B 176 -54.02 -0.28 -13.75
C GLU B 176 -52.51 -0.43 -13.82
N THR B 177 -51.97 -1.49 -13.23
CA THR B 177 -50.52 -1.65 -13.27
C THR B 177 -50.06 -3.09 -13.15
N VAL B 178 -48.90 -3.38 -13.73
CA VAL B 178 -48.34 -4.72 -13.62
C VAL B 178 -47.77 -4.80 -12.21
N ASP B 179 -47.73 -6.00 -11.67
CA ASP B 179 -47.19 -6.25 -10.33
C ASP B 179 -45.68 -5.94 -10.36
N GLN B 180 -45.20 -5.15 -9.40
CA GLN B 180 -43.78 -4.82 -9.32
C GLN B 180 -42.96 -6.09 -9.17
N TYR B 181 -43.60 -7.11 -8.58
CA TYR B 181 -42.97 -8.40 -8.33
C TYR B 181 -43.34 -9.47 -9.37
N ALA B 182 -43.88 -9.05 -10.51
CA ALA B 182 -44.26 -10.00 -11.56
C ALA B 182 -43.05 -10.81 -12.01
N LYS B 183 -43.13 -12.14 -11.89
CA LYS B 183 -42.01 -12.99 -12.28
C LYS B 183 -42.14 -13.58 -13.68
N ALA B 184 -43.19 -13.18 -14.38
CA ALA B 184 -43.45 -13.59 -15.75
C ALA B 184 -44.36 -12.53 -16.34
N VAL B 185 -44.20 -12.23 -17.62
CA VAL B 185 -45.04 -11.22 -18.28
C VAL B 185 -45.36 -11.66 -19.71
N THR B 186 -46.38 -11.03 -20.29
CA THR B 186 -46.79 -11.31 -21.66
C THR B 186 -45.82 -10.55 -22.57
N VAL B 187 -45.96 -10.73 -23.89
CA VAL B 187 -45.10 -10.05 -24.85
C VAL B 187 -45.04 -8.54 -24.60
N ASN B 188 -43.82 -7.99 -24.61
CA ASN B 188 -43.58 -6.57 -24.37
C ASN B 188 -44.02 -6.09 -22.98
N GLY B 189 -43.97 -7.00 -22.00
CA GLY B 189 -44.32 -6.68 -20.63
C GLY B 189 -45.64 -5.98 -20.35
N GLU B 190 -46.65 -6.23 -21.17
CA GLU B 190 -47.94 -5.57 -21.00
C GLU B 190 -48.73 -6.04 -19.78
N LYS B 191 -48.65 -7.33 -19.48
CA LYS B 191 -49.36 -7.85 -18.31
C LYS B 191 -48.49 -8.87 -17.58
N GLY B 192 -48.72 -9.00 -16.27
CA GLY B 192 -47.98 -9.98 -15.51
C GLY B 192 -48.64 -11.32 -15.78
N VAL B 193 -47.93 -12.41 -15.48
CA VAL B 193 -48.48 -13.74 -15.70
C VAL B 193 -48.13 -14.68 -14.55
N VAL B 194 -49.14 -15.41 -14.06
CA VAL B 194 -48.93 -16.34 -12.97
C VAL B 194 -48.51 -17.67 -13.62
N LEU B 195 -47.41 -18.25 -13.13
CA LEU B 195 -46.93 -19.53 -13.68
C LEU B 195 -46.51 -20.46 -12.55
N ARG B 196 -46.84 -21.75 -12.69
CA ARG B 196 -46.44 -22.70 -11.66
C ARG B 196 -44.93 -22.89 -11.79
N PRO B 197 -44.26 -23.32 -10.71
CA PRO B 197 -42.81 -23.51 -10.79
C PRO B 197 -42.54 -24.45 -11.96
N ASP B 198 -41.57 -24.09 -12.81
CA ASP B 198 -41.26 -24.92 -13.97
C ASP B 198 -40.42 -26.16 -13.62
N GLN B 199 -40.19 -27.00 -14.63
CA GLN B 199 -39.46 -28.24 -14.47
C GLN B 199 -37.97 -28.18 -14.75
N MET B 200 -37.34 -27.04 -14.44
CA MET B 200 -35.91 -26.89 -14.67
C MET B 200 -35.06 -27.81 -13.81
N LYS B 201 -34.13 -28.53 -14.44
CA LYS B 201 -33.24 -29.43 -13.71
C LYS B 201 -31.82 -28.86 -13.73
N TRP B 202 -31.39 -28.28 -12.62
CA TRP B 202 -30.06 -27.70 -12.52
C TRP B 202 -29.01 -28.76 -12.28
N THR B 203 -27.83 -28.57 -12.86
CA THR B 203 -26.74 -29.52 -12.66
C THR B 203 -26.23 -29.34 -11.24
N ALA B 204 -25.29 -30.19 -10.83
CA ALA B 204 -24.73 -30.13 -9.49
C ALA B 204 -24.26 -28.72 -9.14
N PRO B 205 -24.60 -28.23 -7.93
CA PRO B 205 -24.22 -26.90 -7.45
C PRO B 205 -22.72 -26.65 -7.47
N LEU B 206 -22.33 -25.48 -7.97
CA LEU B 206 -20.91 -25.12 -8.02
C LEU B 206 -20.49 -24.71 -6.62
N LYS B 207 -19.21 -24.94 -6.30
CA LYS B 207 -18.68 -24.57 -4.99
C LYS B 207 -18.57 -23.05 -4.97
N PRO B 208 -18.58 -22.45 -3.78
CA PRO B 208 -18.46 -20.99 -3.73
C PRO B 208 -17.17 -20.56 -4.41
N PHE B 209 -17.24 -19.52 -5.23
CA PHE B 209 -16.04 -19.06 -5.90
C PHE B 209 -15.01 -18.64 -4.84
N SER B 210 -13.79 -19.13 -5.01
CA SER B 210 -12.67 -18.90 -4.10
C SER B 210 -12.46 -17.48 -3.58
N HIS B 211 -12.16 -16.55 -4.49
CA HIS B 211 -11.87 -15.18 -4.10
C HIS B 211 -11.99 -14.28 -5.33
N PRO B 212 -12.48 -13.04 -5.15
CA PRO B 212 -12.63 -12.12 -6.27
C PRO B 212 -11.41 -11.98 -7.19
N VAL B 213 -10.21 -11.87 -6.63
CA VAL B 213 -9.01 -11.71 -7.47
C VAL B 213 -8.70 -12.95 -8.30
N ASP B 214 -9.44 -14.03 -8.04
CA ASP B 214 -9.25 -15.26 -8.80
C ASP B 214 -10.18 -15.27 -10.00
N ALA B 215 -10.96 -14.20 -10.16
CA ALA B 215 -11.91 -14.11 -11.27
C ALA B 215 -11.36 -13.38 -12.50
N VAL B 216 -11.95 -13.72 -13.64
CA VAL B 216 -11.63 -13.10 -14.92
C VAL B 216 -13.00 -12.93 -15.53
N ILE B 217 -13.48 -11.69 -15.53
CA ILE B 217 -14.80 -11.33 -16.04
C ILE B 217 -14.82 -10.99 -17.53
N TYR B 218 -15.86 -11.45 -18.21
CA TYR B 218 -16.02 -11.21 -19.65
C TYR B 218 -17.40 -10.60 -19.87
N GLU B 219 -17.45 -9.33 -20.27
CA GLU B 219 -18.72 -8.63 -20.47
C GLU B 219 -19.28 -8.79 -21.86
N THR B 220 -20.49 -9.32 -21.95
CA THR B 220 -21.13 -9.51 -23.24
C THR B 220 -22.62 -9.20 -23.24
N HIS B 221 -23.13 -8.85 -24.41
CA HIS B 221 -24.55 -8.55 -24.60
C HIS B 221 -25.08 -9.76 -25.36
N LEU B 222 -26.16 -10.36 -24.88
CA LEU B 222 -26.71 -11.55 -25.51
C LEU B 222 -27.03 -11.43 -27.00
N ARG B 223 -27.37 -10.25 -27.48
CA ARG B 223 -27.66 -10.10 -28.90
C ARG B 223 -26.34 -10.02 -29.66
N ASP B 224 -25.43 -9.17 -29.17
CA ASP B 224 -24.12 -8.99 -29.80
C ASP B 224 -23.35 -10.29 -29.93
N PHE B 225 -23.30 -11.03 -28.82
CA PHE B 225 -22.54 -12.27 -28.76
C PHE B 225 -22.69 -13.28 -29.89
N SER B 226 -23.90 -13.44 -30.41
CA SER B 226 -24.14 -14.46 -31.43
C SER B 226 -24.87 -14.04 -32.71
N ILE B 227 -25.31 -12.80 -32.78
CA ILE B 227 -26.06 -12.32 -33.95
C ILE B 227 -25.30 -12.36 -35.28
N HIS B 228 -23.98 -12.24 -35.24
CA HIS B 228 -23.17 -12.23 -36.46
C HIS B 228 -23.38 -13.50 -37.31
N GLU B 229 -23.55 -13.29 -38.61
CA GLU B 229 -23.77 -14.40 -39.54
C GLU B 229 -22.79 -15.57 -39.42
N ASN B 230 -21.54 -15.26 -39.09
CA ASN B 230 -20.49 -16.29 -38.97
C ASN B 230 -20.25 -16.71 -37.51
N SER B 231 -21.22 -16.46 -36.64
CA SER B 231 -21.06 -16.81 -35.23
C SER B 231 -20.97 -18.29 -34.99
N GLY B 232 -21.52 -19.07 -35.92
CA GLY B 232 -21.49 -20.52 -35.78
C GLY B 232 -22.53 -21.07 -34.83
N MET B 233 -23.40 -20.19 -34.35
CA MET B 233 -24.47 -20.60 -33.44
C MET B 233 -25.82 -20.50 -34.13
N ILE B 234 -26.70 -21.46 -33.81
CA ILE B 234 -28.03 -21.53 -34.41
C ILE B 234 -29.01 -20.48 -33.87
N ASN B 235 -29.10 -20.41 -32.54
CA ASN B 235 -30.00 -19.48 -31.87
C ASN B 235 -29.40 -18.09 -31.76
N LYS B 236 -29.17 -17.47 -32.90
CA LYS B 236 -28.54 -16.15 -32.98
C LYS B 236 -29.25 -15.00 -32.28
N GLY B 237 -28.55 -14.37 -31.35
CA GLY B 237 -29.09 -13.24 -30.60
C GLY B 237 -30.06 -13.65 -29.50
N LYS B 238 -30.09 -14.95 -29.19
CA LYS B 238 -31.01 -15.47 -28.19
C LYS B 238 -30.32 -16.16 -27.01
N TYR B 239 -31.09 -16.37 -25.95
CA TYR B 239 -30.63 -17.03 -24.73
C TYR B 239 -29.94 -18.36 -25.01
N LEU B 240 -30.55 -19.19 -25.85
CA LEU B 240 -30.01 -20.51 -26.14
C LEU B 240 -28.67 -20.55 -26.87
N ALA B 241 -28.23 -19.41 -27.43
CA ALA B 241 -26.97 -19.39 -28.14
C ALA B 241 -25.83 -19.96 -27.31
N LEU B 242 -25.77 -19.56 -26.04
CA LEU B 242 -24.74 -20.03 -25.12
C LEU B 242 -24.87 -21.46 -24.62
N THR B 243 -25.92 -22.19 -25.02
CA THR B 243 -26.06 -23.58 -24.61
C THR B 243 -25.43 -24.46 -25.69
N GLU B 244 -25.13 -23.87 -26.83
CA GLU B 244 -24.55 -24.59 -27.96
C GLU B 244 -23.06 -24.90 -27.79
N THR B 245 -22.75 -26.20 -27.71
CA THR B 245 -21.37 -26.64 -27.54
C THR B 245 -20.59 -26.84 -28.83
N ASP B 246 -19.27 -26.71 -28.71
CA ASP B 246 -18.34 -26.88 -29.81
C ASP B 246 -18.69 -26.19 -31.12
N THR B 247 -19.21 -24.96 -31.03
CA THR B 247 -19.55 -24.23 -32.24
C THR B 247 -18.29 -23.56 -32.74
N GLN B 248 -18.28 -23.21 -34.01
CA GLN B 248 -17.12 -22.55 -34.59
C GLN B 248 -17.49 -21.74 -35.82
N THR B 249 -16.60 -20.85 -36.22
CA THR B 249 -16.81 -20.02 -37.39
C THR B 249 -16.71 -20.86 -38.66
N ALA B 250 -16.97 -20.23 -39.79
CA ALA B 250 -16.91 -20.92 -41.07
C ALA B 250 -15.57 -21.64 -41.25
N ASN B 251 -14.49 -20.92 -40.98
CA ASN B 251 -13.15 -21.48 -41.14
C ASN B 251 -12.64 -22.34 -39.98
N GLY B 252 -13.54 -22.72 -39.07
CA GLY B 252 -13.13 -23.56 -37.97
C GLY B 252 -12.60 -22.96 -36.69
N SER B 253 -12.65 -21.64 -36.54
CA SER B 253 -12.17 -21.03 -35.30
C SER B 253 -13.24 -21.17 -34.24
N SER B 254 -12.85 -21.54 -33.03
CA SER B 254 -13.80 -21.72 -31.94
C SER B 254 -14.67 -20.47 -31.75
N SER B 255 -15.92 -20.70 -31.36
CA SER B 255 -16.86 -19.61 -31.14
C SER B 255 -17.79 -19.97 -29.98
N GLY B 256 -18.74 -19.08 -29.69
CA GLY B 256 -19.71 -19.31 -28.63
C GLY B 256 -19.15 -19.79 -27.31
N LEU B 257 -19.90 -20.69 -26.67
CA LEU B 257 -19.53 -21.26 -25.37
C LEU B 257 -18.11 -21.79 -25.40
N ALA B 258 -17.80 -22.57 -26.44
CA ALA B 258 -16.48 -23.16 -26.60
C ALA B 258 -15.40 -22.10 -26.56
N TYR B 259 -15.62 -21.00 -27.26
CA TYR B 259 -14.67 -19.90 -27.30
C TYR B 259 -14.45 -19.27 -25.92
N VAL B 260 -15.53 -18.94 -25.23
CA VAL B 260 -15.44 -18.32 -23.91
C VAL B 260 -14.71 -19.25 -22.94
N LYS B 261 -15.05 -20.54 -22.97
CA LYS B 261 -14.40 -21.52 -22.11
C LYS B 261 -12.90 -21.55 -22.38
N GLU B 262 -12.56 -21.60 -23.67
CA GLU B 262 -11.18 -21.66 -24.11
C GLU B 262 -10.35 -20.42 -23.70
N LEU B 263 -10.96 -19.24 -23.75
CA LEU B 263 -10.27 -18.01 -23.36
C LEU B 263 -9.73 -18.09 -21.94
N GLY B 264 -10.44 -18.80 -21.08
CA GLY B 264 -10.03 -18.95 -19.70
C GLY B 264 -10.82 -18.06 -18.75
N VAL B 265 -11.85 -17.38 -19.26
CA VAL B 265 -12.65 -16.51 -18.41
C VAL B 265 -13.36 -17.34 -17.34
N THR B 266 -13.68 -16.71 -16.21
CA THR B 266 -14.37 -17.44 -15.14
C THR B 266 -15.83 -17.04 -15.01
N HIS B 267 -16.09 -15.74 -15.21
CA HIS B 267 -17.44 -15.20 -15.11
C HIS B 267 -17.87 -14.45 -16.35
N VAL B 268 -19.05 -14.79 -16.85
CA VAL B 268 -19.60 -14.11 -18.00
C VAL B 268 -20.58 -13.06 -17.44
N GLU B 269 -20.32 -11.79 -17.71
CA GLU B 269 -21.22 -10.73 -17.26
C GLU B 269 -22.13 -10.37 -18.43
N LEU B 270 -23.43 -10.48 -18.19
CA LEU B 270 -24.43 -10.19 -19.20
C LEU B 270 -25.05 -8.81 -19.02
N LEU B 271 -25.27 -8.11 -20.11
CA LEU B 271 -25.93 -6.82 -20.01
C LEU B 271 -27.36 -7.20 -19.56
N PRO B 272 -28.13 -6.26 -19.00
CA PRO B 272 -29.48 -6.51 -18.51
C PRO B 272 -30.35 -7.57 -19.20
N VAL B 273 -30.80 -8.54 -18.41
CA VAL B 273 -31.66 -9.61 -18.93
C VAL B 273 -33.06 -9.57 -18.32
N ASN B 274 -33.33 -8.57 -17.51
CA ASN B 274 -34.66 -8.42 -16.91
C ASN B 274 -35.44 -7.67 -18.00
N ASP B 275 -36.77 -7.72 -17.98
CA ASP B 275 -37.52 -7.06 -19.04
C ASP B 275 -37.30 -5.56 -19.13
N PHE B 276 -36.93 -5.10 -20.32
CA PHE B 276 -36.69 -3.69 -20.56
C PHE B 276 -37.41 -3.20 -21.81
N ALA B 277 -37.42 -1.87 -22.00
CA ALA B 277 -38.04 -1.26 -23.17
C ALA B 277 -36.91 -0.89 -24.13
N GLY B 278 -37.23 -0.74 -25.42
CA GLY B 278 -36.21 -0.36 -26.38
C GLY B 278 -36.17 -1.25 -27.62
N VAL B 279 -36.75 -2.44 -27.49
CA VAL B 279 -36.80 -3.38 -28.60
C VAL B 279 -38.21 -3.95 -28.60
N ASP B 280 -38.91 -3.78 -29.72
CA ASP B 280 -40.26 -4.29 -29.85
C ASP B 280 -40.14 -5.81 -30.02
N GLU B 281 -40.65 -6.55 -29.03
CA GLU B 281 -40.58 -8.01 -29.07
C GLU B 281 -41.38 -8.63 -30.22
N GLU B 282 -42.23 -7.83 -30.86
CA GLU B 282 -43.02 -8.33 -31.99
C GLU B 282 -42.20 -8.18 -33.27
N LYS B 283 -41.13 -7.40 -33.19
CA LYS B 283 -40.24 -7.22 -34.34
C LYS B 283 -38.87 -6.80 -33.83
N PRO B 284 -38.19 -7.72 -33.14
CA PRO B 284 -36.86 -7.58 -32.52
C PRO B 284 -35.71 -7.08 -33.39
N LEU B 285 -35.78 -7.32 -34.70
CA LEU B 285 -34.72 -6.88 -35.58
C LEU B 285 -34.83 -5.40 -35.96
N ASP B 286 -36.01 -4.82 -35.77
CA ASP B 286 -36.22 -3.42 -36.13
C ASP B 286 -35.53 -2.37 -35.28
N ALA B 287 -35.02 -2.79 -34.12
CA ALA B 287 -34.31 -1.86 -33.24
C ALA B 287 -33.38 -2.65 -32.33
N TYR B 288 -32.47 -1.94 -31.69
CA TYR B 288 -31.50 -2.55 -30.78
C TYR B 288 -31.41 -1.72 -29.50
N ASN B 289 -31.09 -2.36 -28.39
CA ASN B 289 -30.92 -1.64 -27.14
C ASN B 289 -30.14 -2.45 -26.12
N TRP B 290 -29.24 -1.77 -25.39
CA TRP B 290 -28.44 -2.44 -24.38
C TRP B 290 -29.31 -3.00 -23.28
N GLY B 291 -30.44 -2.34 -23.03
CA GLY B 291 -31.35 -2.82 -22.01
C GLY B 291 -31.40 -2.02 -20.72
N TYR B 292 -30.84 -0.81 -20.70
CA TYR B 292 -30.89 0.01 -19.49
C TYR B 292 -32.18 0.84 -19.38
N ASN B 293 -33.31 0.22 -19.70
CA ASN B 293 -34.62 0.85 -19.61
C ASN B 293 -35.53 -0.14 -18.91
N PRO B 294 -35.34 -0.30 -17.59
CA PRO B 294 -36.10 -1.22 -16.73
C PRO B 294 -37.61 -1.09 -16.73
N LEU B 295 -38.30 -2.20 -17.02
CA LEU B 295 -39.76 -2.25 -17.00
C LEU B 295 -40.17 -3.19 -15.87
N HIS B 296 -39.64 -4.41 -15.89
CA HIS B 296 -39.97 -5.39 -14.85
C HIS B 296 -38.66 -6.02 -14.37
N PHE B 297 -38.36 -5.80 -13.08
CA PHE B 297 -37.13 -6.29 -12.47
C PHE B 297 -37.11 -7.77 -12.11
N PHE B 298 -38.28 -8.39 -12.01
CA PHE B 298 -38.35 -9.80 -11.64
C PHE B 298 -38.61 -10.74 -12.81
N ALA B 299 -38.81 -10.20 -14.01
CA ALA B 299 -39.07 -11.05 -15.17
C ALA B 299 -37.99 -10.82 -16.24
N PRO B 300 -37.71 -11.86 -17.05
CA PRO B 300 -36.70 -11.76 -18.10
C PRO B 300 -37.16 -10.95 -19.30
N GLU B 301 -36.18 -10.48 -20.07
CA GLU B 301 -36.42 -9.71 -21.29
C GLU B 301 -36.97 -10.69 -22.32
N GLY B 302 -37.88 -10.22 -23.16
CA GLY B 302 -38.47 -11.11 -24.16
C GLY B 302 -37.78 -11.27 -25.51
N SER B 303 -37.09 -10.25 -25.99
CA SER B 303 -36.44 -10.34 -27.30
C SER B 303 -35.33 -11.39 -27.38
N TYR B 304 -34.83 -11.85 -26.24
CA TYR B 304 -33.78 -12.88 -26.24
C TYR B 304 -34.38 -14.28 -26.26
N ALA B 305 -35.70 -14.38 -26.17
CA ALA B 305 -36.37 -15.67 -26.16
C ALA B 305 -36.74 -16.12 -27.56
N SER B 306 -36.78 -17.43 -27.77
CA SER B 306 -37.16 -17.96 -29.08
C SER B 306 -38.59 -17.51 -29.38
N ASN B 307 -39.41 -17.47 -28.33
CA ASN B 307 -40.80 -17.07 -28.44
C ASN B 307 -41.15 -16.15 -27.28
N PRO B 308 -41.28 -14.85 -27.53
CA PRO B 308 -41.61 -13.88 -26.48
C PRO B 308 -43.08 -13.89 -26.11
N HIS B 309 -43.87 -14.61 -26.89
CA HIS B 309 -45.32 -14.72 -26.68
C HIS B 309 -45.73 -15.68 -25.55
N ASP B 310 -44.95 -16.74 -25.36
CA ASP B 310 -45.24 -17.71 -24.30
C ASP B 310 -44.43 -17.31 -23.07
N PRO B 311 -45.12 -16.86 -22.00
CA PRO B 311 -44.51 -16.42 -20.74
C PRO B 311 -43.38 -17.28 -20.19
N GLN B 312 -43.59 -18.59 -20.15
CA GLN B 312 -42.58 -19.50 -19.61
C GLN B 312 -41.33 -19.69 -20.46
N THR B 313 -41.47 -19.59 -21.77
CA THR B 313 -40.33 -19.81 -22.67
C THR B 313 -39.07 -19.00 -22.35
N ARG B 314 -39.22 -17.69 -22.13
CA ARG B 314 -38.05 -16.88 -21.83
C ARG B 314 -37.37 -17.34 -20.55
N LYS B 315 -38.16 -17.70 -19.54
CA LYS B 315 -37.62 -18.16 -18.27
C LYS B 315 -36.84 -19.48 -18.43
N THR B 316 -37.44 -20.44 -19.11
CA THR B 316 -36.79 -21.72 -19.33
C THR B 316 -35.46 -21.54 -20.07
N GLU B 317 -35.49 -20.82 -21.19
CA GLU B 317 -34.28 -20.63 -21.98
C GLU B 317 -33.15 -19.88 -21.26
N LEU B 318 -33.48 -18.91 -20.42
CA LEU B 318 -32.44 -18.17 -19.69
C LEU B 318 -31.81 -19.12 -18.68
N LYS B 319 -32.65 -19.93 -18.01
CA LYS B 319 -32.15 -20.89 -17.04
C LYS B 319 -31.25 -21.95 -17.68
N GLN B 320 -31.63 -22.43 -18.85
CA GLN B 320 -30.83 -23.44 -19.53
C GLN B 320 -29.47 -22.86 -19.92
N MET B 321 -29.48 -21.60 -20.34
CA MET B 321 -28.25 -20.92 -20.73
C MET B 321 -27.32 -20.88 -19.53
N ILE B 322 -27.87 -20.44 -18.39
CA ILE B 322 -27.11 -20.34 -17.16
C ILE B 322 -26.64 -21.71 -16.67
N ASN B 323 -27.52 -22.70 -16.76
CA ASN B 323 -27.16 -24.03 -16.31
C ASN B 323 -26.06 -24.63 -17.19
N THR B 324 -26.12 -24.39 -18.48
CA THR B 324 -25.10 -24.92 -19.38
C THR B 324 -23.75 -24.27 -19.09
N LEU B 325 -23.75 -22.97 -18.79
CA LEU B 325 -22.51 -22.27 -18.46
C LEU B 325 -21.92 -22.93 -17.22
N HIS B 326 -22.76 -23.18 -16.22
CA HIS B 326 -22.32 -23.83 -14.99
C HIS B 326 -21.73 -25.21 -15.29
N GLN B 327 -22.42 -25.98 -16.14
CA GLN B 327 -21.97 -27.32 -16.51
C GLN B 327 -20.55 -27.29 -17.07
N HIS B 328 -20.17 -26.15 -17.66
CA HIS B 328 -18.85 -26.01 -18.24
C HIS B 328 -17.89 -25.22 -17.35
N GLY B 329 -18.19 -25.18 -16.05
CA GLY B 329 -17.35 -24.48 -15.09
C GLY B 329 -17.39 -22.96 -15.16
N LEU B 330 -18.32 -22.42 -15.93
CA LEU B 330 -18.42 -20.96 -16.06
C LEU B 330 -19.53 -20.39 -15.18
N ARG B 331 -19.24 -19.24 -14.56
CA ARG B 331 -20.22 -18.56 -13.70
C ARG B 331 -20.84 -17.35 -14.40
N VAL B 332 -21.97 -16.89 -13.87
CA VAL B 332 -22.71 -15.78 -14.48
C VAL B 332 -22.93 -14.57 -13.58
N ILE B 333 -22.66 -13.38 -14.11
CA ILE B 333 -22.88 -12.13 -13.39
C ILE B 333 -23.96 -11.36 -14.14
N LEU B 334 -24.93 -10.84 -13.39
CA LEU B 334 -26.02 -10.08 -13.99
C LEU B 334 -25.90 -8.57 -13.81
N ASP B 335 -26.01 -7.84 -14.91
CA ASP B 335 -25.96 -6.39 -14.89
C ASP B 335 -27.37 -6.01 -14.42
N VAL B 336 -27.48 -5.31 -13.29
CA VAL B 336 -28.78 -4.90 -12.76
C VAL B 336 -28.88 -3.38 -12.72
N VAL B 337 -30.08 -2.87 -12.96
CA VAL B 337 -30.32 -1.43 -13.03
C VAL B 337 -31.31 -0.91 -12.00
N PHE B 338 -30.88 -0.85 -10.73
CA PHE B 338 -31.76 -0.39 -9.65
C PHE B 338 -31.68 1.10 -9.37
N ASN B 339 -31.14 1.86 -10.31
CA ASN B 339 -31.01 3.29 -10.10
C ASN B 339 -32.15 4.10 -10.72
N HIS B 340 -32.91 3.50 -11.62
CA HIS B 340 -34.03 4.20 -12.25
C HIS B 340 -34.94 3.22 -12.99
N VAL B 341 -36.04 3.74 -13.52
CA VAL B 341 -36.97 2.93 -14.29
C VAL B 341 -37.30 3.66 -15.58
N TYR B 342 -37.89 2.94 -16.52
CA TYR B 342 -38.28 3.52 -17.78
C TYR B 342 -39.62 4.24 -17.53
N LYS B 343 -39.71 5.49 -17.96
CA LYS B 343 -40.92 6.31 -17.80
C LYS B 343 -41.50 6.28 -16.39
N ARG B 344 -40.86 7.02 -15.48
CA ARG B 344 -41.30 7.09 -14.09
C ARG B 344 -42.81 7.23 -13.94
N GLU B 345 -43.38 8.19 -14.66
CA GLU B 345 -44.81 8.49 -14.60
C GLU B 345 -45.73 7.28 -14.74
N ASN B 346 -45.36 6.34 -15.60
CA ASN B 346 -46.22 5.18 -15.80
C ASN B 346 -45.70 3.89 -15.20
N SER B 347 -44.66 3.98 -14.38
CA SER B 347 -44.07 2.79 -13.77
C SER B 347 -44.98 2.18 -12.71
N PRO B 348 -44.84 0.87 -12.48
CA PRO B 348 -45.65 0.19 -11.46
C PRO B 348 -45.47 0.89 -10.11
N PHE B 349 -44.26 1.35 -9.84
CA PHE B 349 -43.93 2.05 -8.59
C PHE B 349 -44.83 3.26 -8.37
N GLU B 350 -44.83 4.15 -9.36
CA GLU B 350 -45.60 5.38 -9.30
C GLU B 350 -47.11 5.17 -9.29
N LYS B 351 -47.59 4.17 -10.01
CA LYS B 351 -49.02 3.88 -10.06
C LYS B 351 -49.50 3.18 -8.78
N THR B 352 -48.57 2.59 -8.04
CA THR B 352 -48.92 1.88 -6.81
C THR B 352 -48.82 2.78 -5.59
N VAL B 353 -47.70 3.49 -5.46
CA VAL B 353 -47.47 4.41 -4.34
C VAL B 353 -46.81 5.67 -4.90
N PRO B 354 -47.63 6.58 -5.44
CA PRO B 354 -47.20 7.86 -6.04
C PRO B 354 -46.23 8.65 -5.17
N GLY B 355 -45.12 9.07 -5.76
CA GLY B 355 -44.14 9.87 -5.04
C GLY B 355 -43.27 9.18 -4.00
N TYR B 356 -43.44 7.88 -3.82
CA TYR B 356 -42.66 7.14 -2.83
C TYR B 356 -41.30 6.62 -3.33
N PHE B 357 -41.29 5.92 -4.45
CA PHE B 357 -40.08 5.30 -4.98
C PHE B 357 -39.03 6.15 -5.69
N PHE B 358 -39.25 7.45 -5.79
CA PHE B 358 -38.29 8.29 -6.49
C PHE B 358 -37.88 9.52 -5.68
N ARG B 359 -36.64 9.96 -5.86
CA ARG B 359 -36.13 11.12 -5.14
C ARG B 359 -36.55 12.42 -5.82
N HIS B 360 -36.62 13.49 -5.04
CA HIS B 360 -36.99 14.80 -5.58
C HIS B 360 -35.97 15.82 -5.11
N ASP B 361 -35.76 16.87 -5.91
CA ASP B 361 -34.81 17.92 -5.54
C ASP B 361 -35.45 18.90 -4.56
N GLU B 362 -34.77 19.99 -4.25
CA GLU B 362 -35.27 20.98 -3.31
C GLU B 362 -36.56 21.65 -3.75
N CYS B 363 -36.89 21.57 -5.04
CA CYS B 363 -38.10 22.20 -5.54
C CYS B 363 -39.27 21.24 -5.75
N GLY B 364 -39.09 19.98 -5.37
CA GLY B 364 -40.15 19.01 -5.51
C GLY B 364 -40.11 18.22 -6.81
N LYS B 365 -39.29 18.65 -7.76
CA LYS B 365 -39.18 17.97 -9.05
C LYS B 365 -38.36 16.68 -8.92
N PRO B 366 -38.70 15.65 -9.71
CA PRO B 366 -37.96 14.38 -9.67
C PRO B 366 -36.49 14.60 -10.00
N SER B 367 -35.61 14.19 -9.08
CA SER B 367 -34.18 14.36 -9.28
C SER B 367 -33.74 13.61 -10.54
N ASN B 368 -32.55 13.93 -11.04
CA ASN B 368 -32.04 13.31 -12.24
C ASN B 368 -30.54 13.01 -12.18
N GLY B 369 -30.10 12.46 -11.05
CA GLY B 369 -28.69 12.12 -10.88
C GLY B 369 -28.23 11.11 -11.91
N THR B 370 -29.15 10.24 -12.32
CA THR B 370 -28.84 9.21 -13.31
C THR B 370 -28.73 9.85 -14.69
N GLY B 371 -29.45 10.95 -14.88
CA GLY B 371 -29.44 11.64 -16.16
C GLY B 371 -30.39 11.02 -17.16
N VAL B 372 -31.21 10.08 -16.72
CA VAL B 372 -32.16 9.43 -17.62
C VAL B 372 -33.62 9.74 -17.24
N GLY B 373 -33.81 10.72 -16.36
CA GLY B 373 -35.16 11.10 -15.98
C GLY B 373 -35.61 10.89 -14.55
N ASN B 374 -35.00 9.94 -13.84
CA ASN B 374 -35.39 9.68 -12.46
C ASN B 374 -34.35 8.93 -11.67
N ASP B 375 -34.45 9.04 -10.35
CA ASP B 375 -33.53 8.37 -9.43
C ASP B 375 -34.38 7.57 -8.45
N ILE B 376 -34.19 6.26 -8.41
CA ILE B 376 -34.95 5.44 -7.47
C ILE B 376 -34.50 5.78 -6.05
N ALA B 377 -35.44 6.03 -5.16
CA ALA B 377 -35.12 6.39 -3.78
C ALA B 377 -34.80 5.13 -2.98
N SER B 378 -33.67 4.52 -3.30
CA SER B 378 -33.26 3.29 -2.64
C SER B 378 -33.27 3.34 -1.12
N GLU B 379 -33.12 4.54 -0.56
CA GLU B 379 -33.10 4.68 0.90
C GLU B 379 -34.44 4.41 1.57
N ARG B 380 -35.53 4.53 0.82
CA ARG B 380 -36.83 4.24 1.41
C ARG B 380 -36.88 2.76 1.72
N ARG B 381 -37.39 2.42 2.89
CA ARG B 381 -37.43 1.02 3.31
C ARG B 381 -38.05 -0.01 2.38
N MET B 382 -39.15 0.32 1.70
CA MET B 382 -39.74 -0.66 0.80
C MET B 382 -39.01 -0.75 -0.53
N ALA B 383 -38.19 0.26 -0.83
CA ALA B 383 -37.39 0.28 -2.05
C ALA B 383 -36.14 -0.55 -1.75
N ARG B 384 -35.62 -0.38 -0.55
CA ARG B 384 -34.45 -1.13 -0.10
C ARG B 384 -34.86 -2.59 -0.06
N LYS B 385 -36.09 -2.84 0.37
CA LYS B 385 -36.64 -4.18 0.43
C LYS B 385 -36.76 -4.75 -0.98
N PHE B 386 -37.32 -3.95 -1.88
CA PHE B 386 -37.49 -4.37 -3.27
C PHE B 386 -36.17 -4.80 -3.90
N ILE B 387 -35.15 -3.96 -3.74
CA ILE B 387 -33.83 -4.24 -4.30
C ILE B 387 -33.23 -5.52 -3.71
N ALA B 388 -33.28 -5.66 -2.40
CA ALA B 388 -32.75 -6.85 -1.75
C ALA B 388 -33.55 -8.07 -2.20
N ASP B 389 -34.87 -7.94 -2.23
CA ASP B 389 -35.75 -9.03 -2.67
C ASP B 389 -35.39 -9.44 -4.09
N CYS B 390 -35.18 -8.46 -4.96
CA CYS B 390 -34.86 -8.74 -6.35
C CYS B 390 -33.55 -9.50 -6.51
N VAL B 391 -32.50 -9.02 -5.86
CA VAL B 391 -31.20 -9.68 -5.94
C VAL B 391 -31.30 -11.13 -5.43
N VAL B 392 -31.95 -11.31 -4.29
CA VAL B 392 -32.12 -12.65 -3.72
C VAL B 392 -32.89 -13.56 -4.66
N TYR B 393 -33.94 -13.02 -5.29
CA TYR B 393 -34.72 -13.82 -6.23
C TYR B 393 -33.93 -14.30 -7.43
N TRP B 394 -33.15 -13.42 -8.06
CA TRP B 394 -32.38 -13.87 -9.22
C TRP B 394 -31.37 -14.93 -8.84
N LEU B 395 -30.87 -14.87 -7.60
CA LEU B 395 -29.93 -15.85 -7.11
C LEU B 395 -30.63 -17.20 -6.91
N GLU B 396 -31.74 -17.17 -6.18
CA GLU B 396 -32.50 -18.39 -5.90
C GLU B 396 -33.18 -18.99 -7.12
N GLU B 397 -33.94 -18.18 -7.85
CA GLU B 397 -34.66 -18.66 -9.03
C GLU B 397 -33.78 -18.94 -10.25
N TYR B 398 -32.79 -18.07 -10.50
CA TYR B 398 -31.94 -18.25 -11.68
C TYR B 398 -30.52 -18.74 -11.45
N ASN B 399 -30.19 -19.04 -10.19
CA ASN B 399 -28.88 -19.59 -9.83
C ASN B 399 -27.64 -18.81 -10.33
N VAL B 400 -27.73 -17.48 -10.42
CA VAL B 400 -26.57 -16.71 -10.89
C VAL B 400 -25.47 -16.61 -9.84
N ASP B 401 -24.33 -16.04 -10.23
CA ASP B 401 -23.15 -15.96 -9.37
C ASP B 401 -22.62 -14.58 -8.99
N GLY B 402 -23.38 -13.54 -9.28
CA GLY B 402 -22.93 -12.21 -8.93
C GLY B 402 -23.73 -11.14 -9.66
N PHE B 403 -23.50 -9.89 -9.30
CA PHE B 403 -24.20 -8.78 -9.92
C PHE B 403 -23.30 -7.59 -10.17
N ARG B 404 -23.56 -6.92 -11.28
CA ARG B 404 -22.82 -5.71 -11.63
C ARG B 404 -23.89 -4.63 -11.53
N PHE B 405 -23.74 -3.74 -10.56
CA PHE B 405 -24.72 -2.69 -10.33
C PHE B 405 -24.54 -1.42 -11.15
N ASP B 406 -25.44 -1.24 -12.11
CA ASP B 406 -25.43 -0.06 -12.96
C ASP B 406 -25.63 1.18 -12.07
N LEU B 407 -24.80 2.18 -12.26
CA LEU B 407 -24.85 3.42 -11.49
C LEU B 407 -24.98 3.14 -10.00
N LEU B 408 -24.11 2.26 -9.51
CA LEU B 408 -24.07 1.86 -8.12
C LEU B 408 -24.10 3.09 -7.21
N GLY B 409 -23.39 4.14 -7.64
CA GLY B 409 -23.31 5.38 -6.88
C GLY B 409 -24.62 6.12 -6.64
N ILE B 410 -25.68 5.68 -7.28
CA ILE B 410 -26.99 6.30 -7.12
C ILE B 410 -27.68 5.63 -5.92
N LEU B 411 -27.24 4.42 -5.57
CA LEU B 411 -27.83 3.72 -4.44
C LEU B 411 -27.22 4.23 -3.14
N ASP B 412 -27.97 4.12 -2.03
CA ASP B 412 -27.45 4.53 -0.73
C ASP B 412 -26.68 3.35 -0.13
N ILE B 413 -25.65 3.66 0.65
CA ILE B 413 -24.81 2.64 1.26
C ILE B 413 -25.53 1.60 2.13
N ASP B 414 -26.40 2.06 3.03
CA ASP B 414 -27.12 1.13 3.90
C ASP B 414 -27.85 0.06 3.07
N THR B 415 -28.46 0.48 1.98
CA THR B 415 -29.17 -0.46 1.11
C THR B 415 -28.18 -1.46 0.49
N VAL B 416 -27.05 -0.95 0.00
CA VAL B 416 -26.05 -1.82 -0.61
C VAL B 416 -25.55 -2.85 0.39
N LEU B 417 -25.28 -2.43 1.62
CA LEU B 417 -24.79 -3.33 2.66
C LEU B 417 -25.86 -4.32 3.08
N TYR B 418 -27.10 -3.85 3.16
CA TYR B 418 -28.21 -4.70 3.54
C TYR B 418 -28.43 -5.74 2.46
N MET B 419 -28.28 -5.30 1.20
CA MET B 419 -28.43 -6.19 0.06
C MET B 419 -27.29 -7.22 0.08
N LYS B 420 -26.08 -6.76 0.37
CA LYS B 420 -24.91 -7.64 0.41
C LYS B 420 -25.07 -8.77 1.41
N GLU B 421 -25.54 -8.44 2.61
CA GLU B 421 -25.73 -9.46 3.64
C GLU B 421 -26.68 -10.56 3.19
N LYS B 422 -27.82 -10.18 2.62
CA LYS B 422 -28.79 -11.18 2.16
C LYS B 422 -28.25 -11.94 0.95
N ALA B 423 -27.54 -11.25 0.07
CA ALA B 423 -26.99 -11.88 -1.13
C ALA B 423 -25.91 -12.90 -0.80
N THR B 424 -24.92 -12.49 -0.01
CA THR B 424 -23.84 -13.40 0.35
C THR B 424 -24.39 -14.57 1.16
N LYS B 425 -25.43 -14.31 1.95
CA LYS B 425 -26.04 -15.36 2.75
C LYS B 425 -26.69 -16.35 1.79
N ALA B 426 -27.45 -15.84 0.83
CA ALA B 426 -28.11 -16.69 -0.14
C ALA B 426 -27.11 -17.43 -1.01
N LYS B 427 -25.95 -16.84 -1.26
CA LYS B 427 -24.94 -17.50 -2.07
C LYS B 427 -23.52 -17.03 -1.85
N PRO B 428 -22.78 -17.73 -0.97
CA PRO B 428 -21.39 -17.41 -0.65
C PRO B 428 -20.47 -17.37 -1.87
N GLY B 429 -19.55 -16.41 -1.87
CA GLY B 429 -18.61 -16.28 -2.96
C GLY B 429 -19.03 -15.44 -4.15
N ILE B 430 -20.27 -14.97 -4.17
CA ILE B 430 -20.72 -14.16 -5.30
C ILE B 430 -19.97 -12.85 -5.40
N LEU B 431 -19.83 -12.35 -6.63
CA LEU B 431 -19.15 -11.09 -6.86
C LEU B 431 -20.19 -9.97 -6.89
N LEU B 432 -19.91 -8.89 -6.17
CA LEU B 432 -20.81 -7.75 -6.12
C LEU B 432 -19.98 -6.50 -6.36
N PHE B 433 -20.20 -5.86 -7.51
CA PHE B 433 -19.47 -4.65 -7.85
C PHE B 433 -20.29 -3.75 -8.76
N GLY B 434 -19.78 -2.55 -9.00
CA GLY B 434 -20.49 -1.62 -9.86
C GLY B 434 -19.70 -0.36 -10.11
N GLU B 435 -20.25 0.51 -10.95
CA GLU B 435 -19.60 1.78 -11.25
C GLU B 435 -19.99 2.77 -10.17
N GLY B 436 -19.04 3.08 -9.29
CA GLY B 436 -19.31 4.02 -8.22
C GLY B 436 -19.05 5.46 -8.60
N TRP B 437 -19.54 5.89 -9.75
CA TRP B 437 -19.36 7.27 -10.20
C TRP B 437 -20.05 8.20 -9.20
N ASP B 438 -19.48 9.37 -8.96
CA ASP B 438 -20.09 10.34 -8.07
C ASP B 438 -21.12 11.11 -8.89
N LEU B 439 -22.40 10.92 -8.57
CA LEU B 439 -23.46 11.58 -9.32
C LEU B 439 -24.32 12.53 -8.50
N ALA B 440 -24.85 13.54 -9.17
CA ALA B 440 -25.68 14.55 -8.52
C ALA B 440 -27.10 14.09 -8.21
N THR B 441 -27.22 13.20 -7.22
CA THR B 441 -28.53 12.72 -6.81
C THR B 441 -28.74 13.27 -5.41
N PRO B 442 -29.99 13.54 -5.03
CA PRO B 442 -30.27 14.10 -3.70
C PRO B 442 -29.95 13.25 -2.47
N LEU B 443 -28.67 12.97 -2.28
CA LEU B 443 -28.17 12.22 -1.12
C LEU B 443 -26.87 12.87 -0.72
N PRO B 444 -26.62 13.01 0.59
CA PRO B 444 -25.36 13.63 0.98
C PRO B 444 -24.20 12.80 0.44
N HIS B 445 -23.14 13.49 0.03
CA HIS B 445 -21.95 12.87 -0.55
C HIS B 445 -21.47 11.57 0.08
N GLU B 446 -21.38 11.52 1.41
CA GLU B 446 -20.89 10.31 2.07
C GLU B 446 -21.93 9.21 2.25
N GLN B 447 -23.15 9.42 1.77
CA GLN B 447 -24.19 8.41 1.92
C GLN B 447 -24.46 7.62 0.64
N LYS B 448 -23.80 8.00 -0.45
CA LYS B 448 -23.96 7.33 -1.74
C LYS B 448 -22.99 6.15 -1.80
N ALA B 449 -23.35 5.12 -2.55
CA ALA B 449 -22.49 3.94 -2.70
C ALA B 449 -21.46 4.22 -3.80
N ALA B 450 -20.76 5.34 -3.66
CA ALA B 450 -19.75 5.76 -4.63
C ALA B 450 -18.36 5.24 -4.29
N LEU B 451 -17.50 5.18 -5.30
CA LEU B 451 -16.13 4.71 -5.12
C LEU B 451 -15.49 5.50 -3.98
N ALA B 452 -15.81 6.80 -3.95
CA ALA B 452 -15.26 7.69 -2.93
C ALA B 452 -15.54 7.21 -1.51
N ASN B 453 -16.49 6.29 -1.36
CA ASN B 453 -16.83 5.78 -0.04
C ASN B 453 -16.55 4.27 0.10
N ALA B 454 -15.71 3.75 -0.78
CA ALA B 454 -15.33 2.34 -0.80
C ALA B 454 -14.99 1.75 0.58
N PRO B 455 -14.26 2.51 1.42
CA PRO B 455 -13.91 1.97 2.73
C PRO B 455 -15.12 1.55 3.57
N ARG B 456 -16.27 2.18 3.31
CA ARG B 456 -17.48 1.86 4.04
C ARG B 456 -18.23 0.68 3.44
N MET B 457 -17.73 0.15 2.32
CA MET B 457 -18.40 -0.97 1.68
C MET B 457 -17.50 -2.17 1.42
N PRO B 458 -17.02 -2.81 2.50
CA PRO B 458 -16.16 -3.98 2.27
C PRO B 458 -17.00 -5.05 1.58
N GLY B 459 -16.40 -5.80 0.66
CA GLY B 459 -17.14 -6.84 -0.03
C GLY B 459 -17.80 -6.34 -1.30
N ILE B 460 -17.68 -5.04 -1.57
CA ILE B 460 -18.26 -4.43 -2.77
C ILE B 460 -17.13 -3.94 -3.65
N GLY B 461 -17.15 -4.33 -4.92
CA GLY B 461 -16.11 -3.89 -5.84
C GLY B 461 -16.50 -2.68 -6.66
N PHE B 462 -15.50 -2.02 -7.24
CA PHE B 462 -15.73 -0.83 -8.05
C PHE B 462 -14.91 -0.83 -9.32
N PHE B 463 -15.50 -0.35 -10.40
CA PHE B 463 -14.78 -0.26 -11.66
C PHE B 463 -13.73 0.80 -11.42
N ASN B 464 -12.47 0.45 -11.68
CA ASN B 464 -11.36 1.36 -11.45
C ASN B 464 -11.15 2.29 -12.65
N ASP B 465 -11.83 3.43 -12.63
CA ASP B 465 -11.70 4.40 -13.73
C ASP B 465 -10.30 5.03 -13.78
N MET B 466 -9.67 5.14 -12.61
CA MET B 466 -8.32 5.71 -12.53
C MET B 466 -7.37 4.85 -13.36
N PHE B 467 -7.34 3.57 -13.05
CA PHE B 467 -6.46 2.62 -13.74
C PHE B 467 -6.78 2.60 -15.22
N ARG B 468 -8.06 2.60 -15.55
CA ARG B 468 -8.51 2.59 -16.95
C ARG B 468 -7.90 3.74 -17.76
N ASP B 469 -8.10 4.96 -17.29
CA ASP B 469 -7.59 6.13 -17.98
C ASP B 469 -6.06 6.21 -17.96
N ALA B 470 -5.45 5.72 -16.89
CA ALA B 470 -4.00 5.73 -16.77
C ALA B 470 -3.36 4.90 -17.89
N VAL B 471 -3.97 3.76 -18.18
CA VAL B 471 -3.47 2.88 -19.23
C VAL B 471 -3.90 3.35 -20.63
N LYS B 472 -5.20 3.49 -20.83
CA LYS B 472 -5.77 3.90 -22.11
C LYS B 472 -5.66 5.38 -22.43
N GLY B 473 -5.98 6.22 -21.45
CA GLY B 473 -5.94 7.65 -21.64
C GLY B 473 -7.29 8.16 -21.18
N ASN B 474 -7.33 9.42 -20.74
CA ASN B 474 -8.57 10.03 -20.27
C ASN B 474 -9.70 9.63 -21.23
N THR B 475 -10.81 9.17 -20.67
CA THR B 475 -11.93 8.75 -21.49
C THR B 475 -12.75 9.94 -22.01
N PHE B 476 -12.81 11.01 -21.23
CA PHE B 476 -13.56 12.21 -21.60
C PHE B 476 -13.01 12.90 -22.86
N HIS B 477 -11.69 12.96 -22.98
CA HIS B 477 -11.04 13.59 -24.13
C HIS B 477 -10.56 12.53 -25.11
N LEU B 478 -11.24 12.44 -26.25
CA LEU B 478 -10.95 11.47 -27.29
C LEU B 478 -9.47 11.32 -27.69
N LYS B 479 -8.76 12.44 -27.78
CA LYS B 479 -7.36 12.40 -28.17
C LYS B 479 -6.37 12.16 -27.04
N ALA B 480 -6.83 12.29 -25.80
CA ALA B 480 -5.95 12.08 -24.65
C ALA B 480 -5.40 10.66 -24.70
N THR B 481 -4.10 10.52 -24.46
CA THR B 481 -3.44 9.21 -24.47
C THR B 481 -3.01 8.79 -23.06
N GLY B 482 -2.90 7.49 -22.87
CA GLY B 482 -2.47 6.97 -21.58
C GLY B 482 -1.14 6.27 -21.76
N PHE B 483 -0.66 5.60 -20.72
CA PHE B 483 0.61 4.91 -20.77
C PHE B 483 0.82 3.97 -21.96
N ALA B 484 -0.14 3.08 -22.17
CA ALA B 484 -0.04 2.12 -23.26
C ALA B 484 0.00 2.81 -24.62
N LEU B 485 -0.54 4.03 -24.69
CA LEU B 485 -0.55 4.78 -25.94
C LEU B 485 0.63 5.75 -26.07
N GLY B 486 1.59 5.63 -25.16
CA GLY B 486 2.78 6.47 -25.24
C GLY B 486 2.88 7.68 -24.33
N ASN B 487 1.89 7.90 -23.46
CA ASN B 487 1.91 9.03 -22.56
C ASN B 487 2.67 8.70 -21.27
N GLY B 488 3.85 9.27 -21.12
CA GLY B 488 4.68 9.00 -19.96
C GLY B 488 4.21 9.59 -18.63
N GLU B 489 3.32 10.57 -18.68
CA GLU B 489 2.84 11.19 -17.45
C GLU B 489 1.89 10.33 -16.63
N SER B 490 1.48 9.20 -17.18
CA SER B 490 0.56 8.33 -16.46
C SER B 490 1.23 7.05 -15.99
N ALA B 491 2.56 6.99 -16.12
CA ALA B 491 3.30 5.81 -15.73
C ALA B 491 3.12 5.45 -14.25
N GLN B 492 3.23 6.44 -13.37
CA GLN B 492 3.08 6.16 -11.94
C GLN B 492 1.68 5.64 -11.60
N ALA B 493 0.65 6.26 -12.18
CA ALA B 493 -0.72 5.84 -11.92
C ALA B 493 -0.92 4.38 -12.33
N VAL B 494 -0.27 3.98 -13.42
CA VAL B 494 -0.35 2.61 -13.90
C VAL B 494 0.30 1.65 -12.89
N MET B 495 1.48 1.99 -12.41
CA MET B 495 2.16 1.15 -11.43
C MET B 495 1.26 0.94 -10.22
N HIS B 496 0.56 2.00 -9.82
CA HIS B 496 -0.36 1.95 -8.68
C HIS B 496 -1.42 0.88 -8.98
N GLY B 497 -2.00 0.93 -10.18
CA GLY B 497 -3.02 -0.04 -10.55
C GLY B 497 -2.45 -1.45 -10.60
N ILE B 498 -1.21 -1.58 -11.06
CA ILE B 498 -0.56 -2.89 -11.13
C ILE B 498 -0.41 -3.45 -9.72
N ALA B 499 -0.35 -2.55 -8.75
CA ALA B 499 -0.19 -2.94 -7.35
C ALA B 499 -1.53 -3.17 -6.64
N GLY B 500 -2.63 -3.07 -7.38
CA GLY B 500 -3.93 -3.30 -6.76
C GLY B 500 -4.68 -2.05 -6.35
N SER B 501 -4.12 -0.88 -6.65
CA SER B 501 -4.76 0.40 -6.34
C SER B 501 -5.14 0.58 -4.88
N SER B 502 -4.44 -0.11 -3.99
CA SER B 502 -4.72 0.01 -2.56
C SER B 502 -3.64 0.83 -1.88
N GLY B 503 -3.19 1.87 -2.56
CA GLY B 503 -2.16 2.74 -2.03
C GLY B 503 -0.80 2.51 -2.66
N TRP B 504 -0.16 3.59 -3.09
CA TRP B 504 1.16 3.50 -3.70
C TRP B 504 2.01 4.69 -3.27
N LYS B 505 2.98 4.41 -2.41
CA LYS B 505 3.87 5.46 -1.90
C LYS B 505 3.05 6.65 -1.40
N ALA B 506 3.08 7.74 -2.17
CA ALA B 506 2.36 8.95 -1.81
C ALA B 506 1.03 9.07 -2.54
N LEU B 507 0.59 7.97 -3.16
CA LEU B 507 -0.68 7.98 -3.88
C LEU B 507 -1.76 7.45 -2.96
N ALA B 508 -2.87 8.16 -2.88
CA ALA B 508 -3.98 7.75 -2.03
C ALA B 508 -4.59 6.48 -2.60
N PRO B 509 -4.99 5.55 -1.74
CA PRO B 509 -5.60 4.30 -2.19
C PRO B 509 -6.89 4.59 -2.94
N ILE B 510 -7.23 3.74 -3.91
CA ILE B 510 -8.47 3.92 -4.66
C ILE B 510 -9.49 3.08 -3.91
N VAL B 511 -9.06 1.89 -3.51
CA VAL B 511 -9.90 0.98 -2.73
C VAL B 511 -8.97 0.41 -1.67
N PRO B 512 -9.52 -0.07 -0.54
CA PRO B 512 -8.71 -0.64 0.53
C PRO B 512 -8.02 -1.96 0.19
N GLU B 513 -8.75 -2.86 -0.47
CA GLU B 513 -8.21 -4.17 -0.83
C GLU B 513 -8.37 -4.45 -2.33
N PRO B 514 -7.44 -5.24 -2.89
CA PRO B 514 -7.44 -5.59 -4.32
C PRO B 514 -8.73 -6.26 -4.81
N SER B 515 -9.41 -6.98 -3.93
CA SER B 515 -10.66 -7.63 -4.31
C SER B 515 -11.74 -6.61 -4.68
N GLN B 516 -11.52 -5.35 -4.33
CA GLN B 516 -12.52 -4.31 -4.62
C GLN B 516 -12.22 -3.50 -5.86
N SER B 517 -11.11 -3.80 -6.53
CA SER B 517 -10.75 -3.07 -7.74
C SER B 517 -10.98 -3.90 -9.01
N ILE B 518 -12.00 -3.52 -9.77
CA ILE B 518 -12.31 -4.21 -11.02
C ILE B 518 -11.42 -3.52 -12.05
N ASN B 519 -10.38 -4.20 -12.51
CA ASN B 519 -9.44 -3.62 -13.47
C ASN B 519 -9.84 -3.83 -14.94
N TYR B 520 -9.92 -2.74 -15.68
CA TYR B 520 -10.31 -2.80 -17.08
C TYR B 520 -9.82 -1.60 -17.88
N VAL B 521 -9.91 -1.72 -19.20
CA VAL B 521 -9.56 -0.64 -20.10
C VAL B 521 -10.65 -0.46 -21.15
N GLU B 522 -11.60 -1.40 -21.19
CA GLU B 522 -12.71 -1.33 -22.13
C GLU B 522 -13.99 -1.94 -21.54
N SER B 523 -15.13 -1.38 -21.90
CA SER B 523 -16.43 -1.89 -21.46
C SER B 523 -17.45 -1.53 -22.54
N HIS B 524 -18.71 -1.91 -22.36
CA HIS B 524 -19.72 -1.60 -23.37
C HIS B 524 -19.86 -0.08 -23.54
N ASP B 525 -19.55 0.66 -22.49
CA ASP B 525 -19.62 2.14 -22.49
C ASP B 525 -18.40 2.76 -23.15
N ASN B 526 -18.62 3.93 -23.75
CA ASN B 526 -17.55 4.69 -24.42
C ASN B 526 -16.96 3.99 -25.63
N HIS B 527 -15.98 4.62 -26.26
CA HIS B 527 -15.31 4.05 -27.43
C HIS B 527 -14.59 2.78 -27.01
N THR B 528 -14.51 1.81 -27.92
CA THR B 528 -13.77 0.59 -27.64
C THR B 528 -12.33 1.06 -27.61
N PHE B 529 -11.45 0.26 -27.02
CA PHE B 529 -10.05 0.62 -26.96
C PHE B 529 -9.51 0.86 -28.37
N TRP B 530 -9.87 -0.03 -29.30
CA TRP B 530 -9.39 0.13 -30.66
C TRP B 530 -9.84 1.45 -31.30
N ASP B 531 -11.12 1.79 -31.17
CA ASP B 531 -11.64 3.03 -31.76
C ASP B 531 -11.03 4.26 -31.10
N LYS B 532 -10.87 4.19 -29.77
CA LYS B 532 -10.28 5.28 -29.01
C LYS B 532 -8.86 5.55 -29.52
N MET B 533 -8.07 4.48 -29.62
CA MET B 533 -6.69 4.56 -30.08
C MET B 533 -6.60 5.07 -31.52
N SER B 534 -7.54 4.65 -32.36
CA SER B 534 -7.56 5.06 -33.76
C SER B 534 -7.64 6.58 -33.88
N PHE B 535 -8.28 7.20 -32.90
CA PHE B 535 -8.43 8.66 -32.88
C PHE B 535 -7.24 9.36 -32.23
N ALA B 536 -6.74 8.77 -31.15
CA ALA B 536 -5.62 9.34 -30.41
C ALA B 536 -4.28 9.21 -31.14
N LEU B 537 -4.10 8.12 -31.87
CA LEU B 537 -2.86 7.87 -32.61
C LEU B 537 -3.15 7.66 -34.09
N PRO B 538 -3.66 8.71 -34.77
CA PRO B 538 -4.01 8.67 -36.20
C PRO B 538 -2.90 8.32 -37.18
N GLN B 539 -1.64 8.57 -36.80
CA GLN B 539 -0.51 8.27 -37.69
C GLN B 539 0.14 6.90 -37.49
N GLU B 540 -0.19 6.21 -36.42
CA GLU B 540 0.41 4.90 -36.19
C GLU B 540 -0.28 3.79 -36.96
N ASN B 541 0.51 2.88 -37.52
CA ASN B 541 -0.01 1.77 -38.30
C ASN B 541 -0.75 0.76 -37.43
N ASP B 542 -1.41 -0.19 -38.09
CA ASP B 542 -2.18 -1.20 -37.39
C ASP B 542 -1.33 -2.15 -36.55
N SER B 543 -0.11 -2.42 -37.00
CA SER B 543 0.76 -3.32 -36.26
C SER B 543 1.11 -2.76 -34.89
N ARG B 544 1.47 -1.49 -34.83
CA ARG B 544 1.83 -0.86 -33.56
C ARG B 544 0.60 -0.67 -32.68
N LYS B 545 -0.53 -0.34 -33.31
CA LYS B 545 -1.76 -0.17 -32.57
C LYS B 545 -2.09 -1.50 -31.90
N ARG B 546 -2.02 -2.59 -32.65
CA ARG B 546 -2.32 -3.90 -32.08
C ARG B 546 -1.39 -4.19 -30.90
N SER B 547 -0.10 -3.88 -31.07
CA SER B 547 0.86 -4.14 -29.99
C SER B 547 0.51 -3.36 -28.73
N ARG B 548 0.01 -2.12 -28.89
CA ARG B 548 -0.36 -1.29 -27.76
C ARG B 548 -1.62 -1.78 -27.05
N GLN B 549 -2.60 -2.26 -27.81
CA GLN B 549 -3.83 -2.76 -27.21
C GLN B 549 -3.52 -4.08 -26.50
N ARG B 550 -2.64 -4.88 -27.08
CA ARG B 550 -2.26 -6.14 -26.46
C ARG B 550 -1.54 -5.80 -25.14
N LEU B 551 -0.75 -4.74 -25.15
CA LEU B 551 -0.01 -4.29 -23.98
C LEU B 551 -0.96 -3.90 -22.84
N ALA B 552 -2.01 -3.18 -23.19
CA ALA B 552 -3.00 -2.75 -22.21
C ALA B 552 -3.62 -3.97 -21.55
N VAL B 553 -3.84 -5.01 -22.36
CA VAL B 553 -4.42 -6.26 -21.87
C VAL B 553 -3.46 -6.89 -20.87
N ALA B 554 -2.19 -6.95 -21.24
CA ALA B 554 -1.15 -7.54 -20.39
C ALA B 554 -1.04 -6.80 -19.06
N ILE B 555 -1.11 -5.47 -19.13
CA ILE B 555 -1.01 -4.67 -17.92
C ILE B 555 -2.16 -5.02 -16.96
N ILE B 556 -3.38 -5.03 -17.47
CA ILE B 556 -4.56 -5.36 -16.67
C ILE B 556 -4.54 -6.81 -16.16
N LEU B 557 -4.25 -7.75 -17.05
CA LEU B 557 -4.23 -9.17 -16.68
C LEU B 557 -3.15 -9.61 -15.70
N LEU B 558 -2.06 -8.85 -15.61
CA LEU B 558 -1.00 -9.23 -14.68
C LEU B 558 -0.96 -8.25 -13.49
N ALA B 559 -2.05 -7.51 -13.31
CA ALA B 559 -2.15 -6.57 -12.20
C ALA B 559 -2.91 -7.20 -11.04
N GLN B 560 -2.59 -6.79 -9.81
CA GLN B 560 -3.30 -7.30 -8.64
C GLN B 560 -4.69 -6.71 -8.75
N GLY B 561 -5.70 -7.48 -8.36
CA GLY B 561 -7.07 -7.00 -8.44
C GLY B 561 -7.94 -7.95 -9.25
N VAL B 562 -9.08 -7.46 -9.71
CA VAL B 562 -10.01 -8.30 -10.48
C VAL B 562 -10.06 -7.90 -11.95
N PRO B 563 -9.45 -8.71 -12.83
CA PRO B 563 -9.45 -8.40 -14.26
C PRO B 563 -10.81 -8.53 -14.95
N PHE B 564 -11.11 -7.54 -15.78
CA PHE B 564 -12.37 -7.44 -16.50
C PHE B 564 -12.06 -7.16 -17.97
N ILE B 565 -12.63 -7.98 -18.85
CA ILE B 565 -12.42 -7.87 -20.29
C ILE B 565 -13.74 -7.67 -21.02
N HIS B 566 -13.79 -6.68 -21.90
CA HIS B 566 -15.00 -6.45 -22.67
C HIS B 566 -14.98 -7.44 -23.85
N SER B 567 -16.09 -8.14 -24.06
CA SER B 567 -16.16 -9.11 -25.16
C SER B 567 -15.72 -8.50 -26.49
N GLY B 568 -14.73 -9.11 -27.14
CA GLY B 568 -14.25 -8.59 -28.40
C GLY B 568 -12.96 -7.81 -28.26
N GLN B 569 -12.73 -7.26 -27.07
CA GLN B 569 -11.53 -6.49 -26.79
C GLN B 569 -10.31 -7.31 -27.20
N GLU B 570 -10.37 -8.62 -26.95
CA GLU B 570 -9.27 -9.53 -27.28
C GLU B 570 -8.94 -9.54 -28.77
N PHE B 571 -9.88 -9.12 -29.61
CA PHE B 571 -9.60 -9.05 -31.03
C PHE B 571 -9.88 -7.68 -31.61
N PHE B 572 -9.47 -6.65 -30.85
CA PHE B 572 -9.57 -5.26 -31.24
C PHE B 572 -10.95 -4.82 -31.71
N ARG B 573 -11.97 -5.31 -31.02
CA ARG B 573 -13.35 -4.98 -31.35
C ARG B 573 -13.53 -3.51 -31.69
N THR B 574 -14.20 -3.25 -32.82
CA THR B 574 -14.46 -1.90 -33.25
C THR B 574 -15.96 -1.67 -33.40
N LYS B 575 -16.41 -0.45 -33.10
CA LYS B 575 -17.80 -0.06 -33.22
C LYS B 575 -17.88 1.03 -34.28
N GLN B 576 -16.93 1.00 -35.21
CA GLN B 576 -16.88 1.94 -36.30
C GLN B 576 -16.81 3.39 -35.83
N GLY B 577 -16.21 3.59 -34.66
CA GLY B 577 -16.08 4.94 -34.14
C GLY B 577 -17.23 5.43 -33.29
N VAL B 578 -18.25 4.59 -33.10
CA VAL B 578 -19.40 5.01 -32.31
C VAL B 578 -18.99 5.04 -30.84
N GLU B 579 -19.23 6.18 -30.20
CA GLU B 579 -18.88 6.37 -28.80
C GLU B 579 -19.85 5.76 -27.79
N ASN B 580 -21.15 5.95 -28.04
CA ASN B 580 -22.19 5.45 -27.15
C ASN B 580 -23.19 4.68 -28.00
N SER B 581 -22.94 3.39 -28.20
CA SER B 581 -23.79 2.56 -29.05
C SER B 581 -25.03 1.92 -28.44
N TYR B 582 -25.55 2.50 -27.36
CA TYR B 582 -26.71 1.93 -26.69
C TYR B 582 -27.92 1.55 -27.55
N GLN B 583 -28.14 2.27 -28.65
CA GLN B 583 -29.27 1.97 -29.54
C GLN B 583 -28.81 1.82 -30.98
N SER B 584 -27.51 1.62 -31.19
CA SER B 584 -26.96 1.47 -32.52
C SER B 584 -27.28 0.09 -33.10
N SER B 585 -27.30 0.00 -34.43
CA SER B 585 -27.61 -1.24 -35.14
C SER B 585 -26.63 -2.39 -34.87
N ASP B 586 -27.04 -3.59 -35.29
CA ASP B 586 -26.22 -4.78 -35.15
C ASP B 586 -24.94 -4.68 -35.97
N SER B 587 -24.95 -3.83 -37.00
CA SER B 587 -23.73 -3.70 -37.80
C SER B 587 -22.68 -2.99 -36.94
N ILE B 588 -23.16 -2.16 -36.02
CA ILE B 588 -22.28 -1.44 -35.11
C ILE B 588 -21.93 -2.27 -33.86
N ASN B 589 -22.93 -2.92 -33.28
CA ASN B 589 -22.77 -3.69 -32.05
C ASN B 589 -22.45 -5.18 -32.06
N GLN B 590 -22.69 -5.87 -33.18
CA GLN B 590 -22.44 -7.31 -33.20
C GLN B 590 -21.00 -7.71 -32.90
N LEU B 591 -20.84 -8.89 -32.31
CA LEU B 591 -19.51 -9.41 -32.00
C LEU B 591 -19.05 -9.99 -33.34
N ASP B 592 -18.02 -9.39 -33.93
CA ASP B 592 -17.52 -9.82 -35.23
C ASP B 592 -16.65 -11.07 -35.17
N TRP B 593 -17.25 -12.23 -35.40
CA TRP B 593 -16.50 -13.47 -35.36
C TRP B 593 -15.52 -13.62 -36.52
N ASP B 594 -15.66 -12.79 -37.55
CA ASP B 594 -14.72 -12.82 -38.66
C ASP B 594 -13.45 -12.16 -38.14
N ARG B 595 -13.62 -11.13 -37.31
CA ARG B 595 -12.48 -10.43 -36.73
C ARG B 595 -11.77 -11.37 -35.75
N ARG B 596 -12.53 -12.21 -35.07
CA ARG B 596 -11.96 -13.17 -34.12
C ARG B 596 -11.04 -14.11 -34.90
N GLU B 597 -11.45 -14.46 -36.11
CA GLU B 597 -10.65 -15.34 -36.96
C GLU B 597 -9.39 -14.61 -37.42
N THR B 598 -9.60 -13.45 -38.04
CA THR B 598 -8.51 -12.63 -38.56
C THR B 598 -7.38 -12.39 -37.56
N PHE B 599 -7.74 -12.14 -36.31
CA PHE B 599 -6.73 -11.88 -35.29
C PHE B 599 -6.65 -12.98 -34.25
N LYS B 600 -6.76 -14.22 -34.71
CA LYS B 600 -6.70 -15.38 -33.83
C LYS B 600 -5.41 -15.46 -33.03
N GLU B 601 -4.30 -14.99 -33.62
CA GLU B 601 -3.01 -15.02 -32.94
C GLU B 601 -3.00 -14.07 -31.76
N ASP B 602 -3.57 -12.89 -31.96
CA ASP B 602 -3.64 -11.89 -30.91
C ASP B 602 -4.53 -12.43 -29.80
N VAL B 603 -5.62 -13.08 -30.19
CA VAL B 603 -6.54 -13.67 -29.23
C VAL B 603 -5.80 -14.73 -28.43
N HIS B 604 -4.99 -15.52 -29.12
CA HIS B 604 -4.22 -16.57 -28.46
C HIS B 604 -3.30 -15.93 -27.41
N TYR B 605 -2.78 -14.74 -27.69
CA TYR B 605 -1.90 -14.05 -26.75
C TYR B 605 -2.63 -13.71 -25.45
N ILE B 606 -3.84 -13.19 -25.53
CA ILE B 606 -4.57 -12.86 -24.32
C ILE B 606 -4.91 -14.16 -23.56
N ARG B 607 -5.19 -15.23 -24.30
CA ARG B 607 -5.50 -16.50 -23.69
C ARG B 607 -4.32 -16.98 -22.85
N ARG B 608 -3.11 -16.75 -23.35
CA ARG B 608 -1.90 -17.14 -22.65
C ARG B 608 -1.68 -16.29 -21.41
N LEU B 609 -1.98 -15.00 -21.53
CA LEU B 609 -1.85 -14.09 -20.40
C LEU B 609 -2.78 -14.59 -19.29
N ILE B 610 -4.00 -14.93 -19.69
CA ILE B 610 -5.00 -15.42 -18.74
C ILE B 610 -4.53 -16.75 -18.12
N SER B 611 -3.95 -17.62 -18.94
CA SER B 611 -3.44 -18.91 -18.48
C SER B 611 -2.30 -18.69 -17.48
N LEU B 612 -1.48 -17.69 -17.74
CA LEU B 612 -0.35 -17.38 -16.87
C LEU B 612 -0.87 -16.93 -15.50
N ARG B 613 -1.84 -16.03 -15.53
CA ARG B 613 -2.42 -15.53 -14.29
C ARG B 613 -3.00 -16.67 -13.47
N LYS B 614 -3.72 -17.58 -14.12
CA LYS B 614 -4.32 -18.71 -13.42
C LYS B 614 -3.27 -19.61 -12.78
N ALA B 615 -2.19 -19.89 -13.52
CA ALA B 615 -1.14 -20.78 -13.04
C ALA B 615 -0.19 -20.17 -12.01
N HIS B 616 -0.30 -18.87 -11.77
CA HIS B 616 0.60 -18.24 -10.82
C HIS B 616 -0.05 -17.32 -9.79
N PRO B 617 -0.32 -17.86 -8.58
CA PRO B 617 -0.95 -17.14 -7.48
C PRO B 617 -0.27 -15.80 -7.15
N ALA B 618 0.95 -15.61 -7.64
CA ALA B 618 1.68 -14.36 -7.38
C ALA B 618 0.95 -13.16 -7.98
N PHE B 619 0.18 -13.41 -9.04
CA PHE B 619 -0.58 -12.35 -9.71
C PHE B 619 -1.92 -12.16 -9.03
N ARG B 620 -2.22 -13.04 -8.09
CA ARG B 620 -3.51 -12.99 -7.40
C ARG B 620 -3.40 -12.90 -5.88
N LEU B 621 -2.56 -11.99 -5.41
CA LEU B 621 -2.38 -11.76 -3.98
C LEU B 621 -3.76 -11.33 -3.46
N ARG B 622 -4.13 -11.81 -2.28
CA ARG B 622 -5.45 -11.53 -1.72
C ARG B 622 -5.61 -10.35 -0.77
N SER B 623 -4.54 -9.60 -0.50
CA SER B 623 -4.64 -8.46 0.40
C SER B 623 -3.59 -7.41 0.09
N ALA B 624 -3.87 -6.17 0.48
CA ALA B 624 -2.93 -5.08 0.26
C ALA B 624 -1.64 -5.37 1.04
N ALA B 625 -1.77 -6.04 2.18
CA ALA B 625 -0.62 -6.38 3.01
C ALA B 625 0.25 -7.43 2.31
N ASP B 626 -0.37 -8.40 1.67
CA ASP B 626 0.39 -9.42 0.96
C ASP B 626 1.13 -8.75 -0.19
N ILE B 627 0.44 -7.81 -0.85
CA ILE B 627 1.02 -7.09 -1.99
C ILE B 627 2.22 -6.28 -1.52
N GLN B 628 2.06 -5.59 -0.39
CA GLN B 628 3.16 -4.80 0.17
C GLN B 628 4.37 -5.69 0.44
N ARG B 629 4.10 -6.95 0.74
CA ARG B 629 5.15 -7.92 1.05
C ARG B 629 5.82 -8.61 -0.15
N HIS B 630 5.07 -8.84 -1.23
CA HIS B 630 5.64 -9.55 -2.37
C HIS B 630 5.76 -8.83 -3.69
N LEU B 631 5.36 -7.57 -3.75
CA LEU B 631 5.46 -6.82 -4.99
C LEU B 631 6.28 -5.56 -4.79
N GLU B 632 7.15 -5.27 -5.75
CA GLU B 632 7.95 -4.06 -5.66
C GLU B 632 8.25 -3.55 -7.06
N CYS B 633 8.26 -2.22 -7.19
CA CYS B 633 8.54 -1.58 -8.47
C CYS B 633 10.06 -1.52 -8.66
N LEU B 634 10.52 -1.96 -9.83
CA LEU B 634 11.94 -1.95 -10.13
C LEU B 634 12.32 -0.74 -10.97
N THR B 635 11.48 -0.41 -11.95
CA THR B 635 11.75 0.73 -12.81
C THR B 635 10.45 1.43 -13.15
N LEU B 636 10.48 2.75 -13.20
CA LEU B 636 9.30 3.51 -13.55
C LEU B 636 9.71 4.72 -14.34
N LYS B 637 9.58 4.62 -15.66
CA LYS B 637 9.95 5.69 -16.57
C LYS B 637 8.80 5.97 -17.54
N GLU B 638 8.94 7.04 -18.31
CA GLU B 638 7.92 7.46 -19.27
C GLU B 638 7.24 6.32 -20.04
N HIS B 639 8.04 5.47 -20.67
CA HIS B 639 7.49 4.38 -21.47
C HIS B 639 7.98 3.00 -21.03
N LEU B 640 8.41 2.89 -19.78
CA LEU B 640 8.93 1.62 -19.29
C LEU B 640 8.60 1.42 -17.82
N ILE B 641 7.91 0.31 -17.52
CA ILE B 641 7.56 -0.02 -16.15
C ILE B 641 7.97 -1.46 -15.90
N ALA B 642 8.83 -1.65 -14.92
CA ALA B 642 9.29 -2.99 -14.56
C ALA B 642 9.00 -3.19 -13.08
N TYR B 643 8.32 -4.28 -12.76
CA TYR B 643 8.03 -4.60 -11.37
C TYR B 643 8.31 -6.08 -11.20
N ARG B 644 8.25 -6.55 -9.95
CA ARG B 644 8.53 -7.95 -9.70
C ARG B 644 7.81 -8.48 -8.47
N LEU B 645 7.56 -9.78 -8.48
CA LEU B 645 6.89 -10.47 -7.37
C LEU B 645 7.95 -11.40 -6.80
N TYR B 646 8.23 -11.25 -5.51
CA TYR B 646 9.29 -12.04 -4.88
C TYR B 646 8.89 -12.77 -3.60
N ASP B 647 9.79 -13.63 -3.12
CA ASP B 647 9.56 -14.43 -1.93
C ASP B 647 8.24 -15.17 -2.09
N LEU B 648 8.10 -15.83 -3.24
CA LEU B 648 6.90 -16.57 -3.57
C LEU B 648 7.02 -18.06 -3.24
N ASP B 649 8.03 -18.41 -2.47
CA ASP B 649 8.29 -19.80 -2.10
C ASP B 649 7.04 -20.62 -1.74
N GLU B 650 6.29 -20.16 -0.75
CA GLU B 650 5.09 -20.87 -0.33
C GLU B 650 3.84 -20.30 -0.98
N VAL B 651 4.01 -19.64 -2.13
CA VAL B 651 2.89 -19.02 -2.81
C VAL B 651 2.79 -19.34 -4.30
N ASP B 652 3.94 -19.42 -4.96
CA ASP B 652 3.96 -19.66 -6.39
C ASP B 652 4.95 -20.75 -6.80
N GLU B 653 4.72 -21.32 -7.99
CA GLU B 653 5.59 -22.35 -8.55
C GLU B 653 6.94 -21.70 -8.85
N TRP B 654 6.92 -20.40 -9.12
CA TRP B 654 8.13 -19.66 -9.41
C TRP B 654 8.57 -18.82 -8.21
N LYS B 655 9.87 -18.83 -7.95
CA LYS B 655 10.48 -18.12 -6.84
C LYS B 655 10.45 -16.61 -7.02
N ASP B 656 10.69 -16.16 -8.24
CA ASP B 656 10.73 -14.74 -8.55
C ASP B 656 10.10 -14.54 -9.94
N ILE B 657 9.46 -13.39 -10.14
CA ILE B 657 8.83 -13.09 -11.43
C ILE B 657 9.01 -11.62 -11.75
N ILE B 658 9.57 -11.33 -12.92
CA ILE B 658 9.78 -9.95 -13.33
C ILE B 658 8.97 -9.65 -14.58
N VAL B 659 8.20 -8.57 -14.53
CA VAL B 659 7.38 -8.16 -15.65
C VAL B 659 7.76 -6.75 -16.05
N ILE B 660 8.00 -6.54 -17.34
CA ILE B 660 8.37 -5.23 -17.81
C ILE B 660 7.50 -4.83 -19.00
N HIS B 661 6.82 -3.70 -18.87
CA HIS B 661 5.95 -3.21 -19.91
C HIS B 661 6.62 -2.06 -20.65
N HIS B 662 6.71 -2.19 -21.96
CA HIS B 662 7.35 -1.18 -22.79
C HIS B 662 6.31 -0.58 -23.73
N ALA B 663 6.17 0.74 -23.69
CA ALA B 663 5.18 1.44 -24.52
C ALA B 663 5.78 2.35 -25.59
N SER B 664 7.02 2.08 -25.99
CA SER B 664 7.66 2.86 -27.03
C SER B 664 8.24 1.86 -28.03
N PRO B 665 8.22 2.21 -29.33
CA PRO B 665 8.74 1.33 -30.38
C PRO B 665 10.25 1.14 -30.39
N ASP B 666 10.98 2.00 -29.69
CA ASP B 666 12.43 1.88 -29.66
C ASP B 666 12.87 0.60 -28.95
N SER B 667 14.15 0.29 -29.06
CA SER B 667 14.71 -0.89 -28.44
C SER B 667 15.70 -0.45 -27.36
N VAL B 668 15.70 -1.15 -26.23
CA VAL B 668 16.61 -0.80 -25.14
C VAL B 668 17.02 -2.01 -24.32
N GLU B 669 18.07 -1.84 -23.52
CA GLU B 669 18.55 -2.91 -22.65
C GLU B 669 18.14 -2.58 -21.22
N TRP B 670 17.65 -3.58 -20.50
CA TRP B 670 17.21 -3.40 -19.12
C TRP B 670 18.05 -4.28 -18.19
N ARG B 671 18.56 -3.69 -17.12
CA ARG B 671 19.39 -4.43 -16.16
C ARG B 671 18.59 -5.10 -15.07
N LEU B 672 18.80 -6.41 -14.90
CA LEU B 672 18.10 -7.15 -13.86
C LEU B 672 18.69 -6.73 -12.51
N PRO B 673 17.94 -6.90 -11.41
CA PRO B 673 18.37 -6.53 -10.07
C PRO B 673 19.40 -7.46 -9.42
N ASN B 674 19.85 -8.46 -10.16
CA ASN B 674 20.85 -9.40 -9.65
C ASN B 674 21.54 -10.06 -10.85
N ASP B 675 22.44 -11.00 -10.57
CA ASP B 675 23.16 -11.67 -11.64
C ASP B 675 22.73 -13.13 -11.80
N ILE B 676 21.61 -13.48 -11.20
CA ILE B 676 21.09 -14.84 -11.27
C ILE B 676 20.47 -15.09 -12.65
N PRO B 677 20.61 -16.32 -13.18
CA PRO B 677 20.04 -16.64 -14.49
C PRO B 677 18.51 -16.78 -14.40
N TYR B 678 17.80 -16.09 -15.31
CA TYR B 678 16.35 -16.14 -15.35
C TYR B 678 15.87 -16.75 -16.66
N ARG B 679 14.61 -17.19 -16.69
CA ARG B 679 14.00 -17.76 -17.87
C ARG B 679 13.22 -16.67 -18.60
N LEU B 680 13.47 -16.51 -19.90
CA LEU B 680 12.77 -15.51 -20.70
C LEU B 680 11.51 -16.20 -21.23
N LEU B 681 10.42 -16.00 -20.53
CA LEU B 681 9.16 -16.63 -20.91
C LEU B 681 8.35 -15.86 -21.95
N CYS B 682 8.53 -14.54 -22.01
CA CYS B 682 7.77 -13.73 -22.95
C CYS B 682 8.47 -12.42 -23.30
N ASP B 683 8.27 -11.95 -24.52
CA ASP B 683 8.85 -10.69 -24.97
C ASP B 683 7.83 -10.01 -25.91
N PRO B 684 8.16 -8.82 -26.44
CA PRO B 684 7.21 -8.15 -27.34
C PRO B 684 6.64 -9.00 -28.47
N SER B 685 7.35 -10.04 -28.88
CA SER B 685 6.86 -10.89 -29.96
C SER B 685 5.91 -11.97 -29.45
N GLY B 686 5.74 -12.04 -28.14
CA GLY B 686 4.85 -13.05 -27.58
C GLY B 686 5.57 -14.02 -26.67
N PHE B 687 4.83 -15.00 -26.16
CA PHE B 687 5.39 -16.00 -25.27
C PHE B 687 6.36 -16.91 -26.01
N GLN B 688 7.35 -17.43 -25.29
CA GLN B 688 8.34 -18.31 -25.86
C GLN B 688 7.98 -19.77 -25.58
N GLU B 689 7.89 -20.56 -26.64
CA GLU B 689 7.54 -21.98 -26.52
C GLU B 689 8.36 -22.70 -25.45
N ASP B 690 9.67 -22.48 -25.47
CA ASP B 690 10.56 -23.09 -24.50
C ASP B 690 11.55 -22.04 -24.01
N PRO B 691 11.21 -21.35 -22.91
CA PRO B 691 12.04 -20.31 -22.31
C PRO B 691 13.52 -20.64 -22.17
N THR B 692 14.35 -19.74 -22.67
CA THR B 692 15.80 -19.89 -22.59
C THR B 692 16.23 -19.04 -21.39
N GLU B 693 17.50 -19.10 -21.01
CA GLU B 693 17.96 -18.32 -19.88
C GLU B 693 18.74 -17.09 -20.28
N ILE B 694 18.57 -16.02 -19.51
CA ILE B 694 19.27 -14.76 -19.75
C ILE B 694 19.87 -14.29 -18.43
N LYS B 695 20.94 -13.51 -18.51
CA LYS B 695 21.59 -13.03 -17.29
C LYS B 695 21.89 -11.55 -17.32
N LYS B 696 21.90 -10.95 -16.14
CA LYS B 696 22.21 -9.55 -15.94
C LYS B 696 21.37 -8.54 -16.72
N THR B 697 21.34 -8.66 -18.05
CA THR B 697 20.57 -7.75 -18.86
C THR B 697 19.63 -8.48 -19.81
N VAL B 698 18.63 -7.77 -20.31
CA VAL B 698 17.67 -8.35 -21.24
C VAL B 698 17.27 -7.25 -22.22
N ALA B 699 17.10 -7.63 -23.48
CA ALA B 699 16.73 -6.64 -24.50
C ALA B 699 15.21 -6.45 -24.54
N VAL B 700 14.77 -5.20 -24.51
CA VAL B 700 13.35 -4.88 -24.56
C VAL B 700 13.15 -4.15 -25.89
N ASN B 701 12.79 -4.92 -26.91
CA ASN B 701 12.62 -4.39 -28.25
C ASN B 701 11.19 -3.98 -28.64
N GLY B 702 10.95 -2.68 -28.68
CA GLY B 702 9.64 -2.19 -29.07
C GLY B 702 8.52 -2.33 -28.07
N ILE B 703 7.30 -2.10 -28.52
CA ILE B 703 6.11 -2.17 -27.70
C ILE B 703 5.73 -3.61 -27.36
N GLY B 704 5.54 -3.86 -26.06
CA GLY B 704 5.18 -5.19 -25.64
C GLY B 704 5.55 -5.47 -24.20
N THR B 705 5.51 -6.74 -23.82
CA THR B 705 5.81 -7.13 -22.46
C THR B 705 6.86 -8.23 -22.40
N VAL B 706 7.81 -8.09 -21.48
CA VAL B 706 8.83 -9.10 -21.29
C VAL B 706 8.55 -9.68 -19.91
N ILE B 707 8.57 -11.01 -19.80
CA ILE B 707 8.32 -11.68 -18.55
C ILE B 707 9.48 -12.64 -18.28
N LEU B 708 10.11 -12.47 -17.11
CA LEU B 708 11.24 -13.30 -16.70
C LEU B 708 10.84 -14.01 -15.41
N TYR B 709 11.36 -15.21 -15.21
CA TYR B 709 11.05 -15.94 -13.98
C TYR B 709 12.17 -16.83 -13.50
N LEU B 710 12.14 -17.12 -12.20
CA LEU B 710 13.13 -17.97 -11.56
C LEU B 710 12.34 -19.11 -10.91
N ALA B 711 12.58 -20.33 -11.36
CA ALA B 711 11.88 -21.49 -10.82
C ALA B 711 12.18 -21.66 -9.34
N SER B 712 11.27 -22.31 -8.62
CA SER B 712 11.46 -22.54 -7.18
C SER B 712 12.36 -23.74 -6.92
#